data_1UVK
#
_entry.id   1UVK
#
_cell.length_a   106.290
_cell.length_b   93.800
_cell.length_c   140.770
_cell.angle_alpha   90.00
_cell.angle_beta   101.35
_cell.angle_gamma   90.00
#
_symmetry.space_group_name_H-M   'P 1 21 1'
#
loop_
_entity.id
_entity.type
_entity.pdbx_description
1 polymer 'RNA-directed RNA polymerase'
2 polymer 'RNA (pppGpG)'
3 non-polymer 'MANGANESE (II) ION'
4 non-polymer 'MAGNESIUM ION'
5 non-polymer 'PYROPHOSPHATE 2-'
6 water water
#
loop_
_entity_poly.entity_id
_entity_poly.type
_entity_poly.pdbx_seq_one_letter_code
_entity_poly.pdbx_strand_id
1 'polypeptide(L)'
;PRRAPAFPLSDIKAQMLFANNIKAQQASKRSFKEGAIETYEGLLSVDPRFLSFKNELSRYLTDHFPANVDEYGRVYGNGV
RTNFFGMRHMNGFPMIPATWPLASNLKKRADADLADGPVSERDNLLFRAAVRLMFSDLEPVPLKIRKGSSTCIPYFSNDM
GTKIEIAERALEKAEEAGNLMLQGKFDDAYQLHQMGGAYYVVYRAQSTDAITLDPKTGKFVSKDRMVADFEYAVTGGEQG
SLFAASKDASRLKEQYGIDVPDGFFCERRRTAMGGPFALNAPIMAVAQPVRNKIYSKYAYTFHHTTRLNKEEKVKEWSLC
VATDVSDHDTFWPGWLRDLICDELLNMGYAPWWVKLFETSLKLPVYVGAPAPEQGHTLLGDPSNPDLEVGLSSGQGATDL
MGTLLMSITYLVMQLDHTAPHLNSRIKDMPSACRFLDSYWQGHEEIRQISKSDDAMLGWTKGRALVGGHRLFEMLKEGKV
NPSPYMKISYEHGGAFLGDILLYDSRREPGSAIFVGNINSMLNNQFSPEYGVQSGVRDRSKRKRPFPGLAWASMKDTYGA
CPIYSDVLEAIERCWWNAFGESYRAYREDMLKRDTLELSRYVASMARQAGLAELTPIDLEVLADPNKLQYKWTEADVSAN
IHEVLMHGVSVEKTERFLRSVMPR
;
A,C,E
2 'polyribonucleotide' (GTP)G B,D,F
#
loop_
_chem_comp.id
_chem_comp.type
_chem_comp.name
_chem_comp.formula
G RNA linking GUANOSINE-5'-MONOPHOSPHATE 'C10 H14 N5 O8 P'
GTP non-polymer GUANOSINE-5'-TRIPHOSPHATE 'C10 H16 N5 O14 P3'
MG non-polymer 'MAGNESIUM ION' 'Mg 2'
MN non-polymer 'MANGANESE (II) ION' 'Mn 2'
POP non-polymer 'PYROPHOSPHATE 2-' 'H2 O7 P2 -2'
#
# COMPACT_ATOMS: atom_id res chain seq x y z
N PRO A 1 3.01 31.34 6.48
CA PRO A 1 4.43 31.47 5.99
C PRO A 1 4.76 30.89 4.59
N ARG A 2 4.34 31.65 3.57
CA ARG A 2 4.45 31.40 2.14
C ARG A 2 3.39 30.43 1.68
N ARG A 3 2.26 30.95 1.24
CA ARG A 3 1.28 30.04 0.73
C ARG A 3 1.75 29.91 -0.70
N ALA A 4 1.53 28.73 -1.26
CA ALA A 4 1.91 28.48 -2.62
C ALA A 4 0.97 29.29 -3.50
N PRO A 5 1.47 29.85 -4.58
CA PRO A 5 0.57 30.63 -5.47
C PRO A 5 -0.34 29.58 -6.18
N ALA A 6 -1.58 29.94 -6.45
CA ALA A 6 -2.51 29.03 -7.09
C ALA A 6 -3.24 29.73 -8.25
N PHE A 7 -3.39 29.04 -9.39
CA PHE A 7 -4.07 29.61 -10.53
C PHE A 7 -5.18 28.72 -11.09
N PRO A 8 -6.36 29.32 -11.34
CA PRO A 8 -7.50 28.56 -11.88
C PRO A 8 -7.22 28.22 -13.35
N LEU A 9 -7.85 27.16 -13.85
CA LEU A 9 -7.66 26.76 -15.26
C LEU A 9 -7.70 27.94 -16.23
N SER A 10 -8.64 28.87 -16.01
CA SER A 10 -8.78 30.02 -16.88
C SER A 10 -7.57 30.95 -16.95
N ASP A 11 -6.69 30.86 -15.96
CA ASP A 11 -5.52 31.70 -15.97
C ASP A 11 -4.55 31.28 -17.05
N ILE A 12 -3.84 32.24 -17.61
CA ILE A 12 -2.90 31.92 -18.69
C ILE A 12 -1.79 30.94 -18.30
N LYS A 13 -1.38 30.96 -17.04
CA LYS A 13 -0.33 30.05 -16.58
C LYS A 13 -0.84 28.61 -16.64
N ALA A 14 -2.13 28.41 -16.36
CA ALA A 14 -2.71 27.07 -16.47
C ALA A 14 -2.96 26.69 -17.95
N GLN A 15 -3.57 27.61 -18.70
CA GLN A 15 -3.83 27.41 -20.13
C GLN A 15 -2.59 26.95 -20.89
N MET A 16 -1.42 27.48 -20.51
CA MET A 16 -0.23 27.11 -21.26
C MET A 16 0.23 25.71 -20.98
N LEU A 17 -0.40 25.05 -20.00
CA LEU A 17 0.02 23.66 -19.71
C LEU A 17 -0.69 22.75 -20.69
N PHE A 18 -1.61 23.29 -21.49
CA PHE A 18 -2.32 22.44 -22.42
C PHE A 18 -2.27 22.88 -23.87
N ALA A 19 -1.67 22.00 -24.68
CA ALA A 19 -1.56 22.26 -26.11
C ALA A 19 -2.96 22.41 -26.77
N ASN A 20 -2.97 23.02 -27.94
CA ASN A 20 -4.16 23.27 -28.73
C ASN A 20 -4.56 22.01 -29.53
N ASN A 21 -4.90 20.94 -28.82
CA ASN A 21 -5.39 19.71 -29.42
C ASN A 21 -6.48 19.22 -28.46
N ILE A 22 -7.43 18.43 -28.98
CA ILE A 22 -8.57 17.96 -28.21
C ILE A 22 -8.26 17.21 -26.93
N LYS A 23 -7.30 16.32 -27.01
CA LYS A 23 -6.90 15.53 -25.85
C LYS A 23 -6.42 16.39 -24.71
N ALA A 24 -5.50 17.30 -25.03
CA ALA A 24 -4.93 18.17 -24.01
C ALA A 24 -6.04 19.02 -23.44
N GLN A 25 -6.86 19.61 -24.32
CA GLN A 25 -7.94 20.46 -23.81
C GLN A 25 -8.90 19.68 -22.91
N GLN A 26 -9.20 18.45 -23.28
CA GLN A 26 -10.11 17.65 -22.47
C GLN A 26 -9.51 17.27 -21.14
N ALA A 27 -8.21 16.98 -21.15
CA ALA A 27 -7.56 16.58 -19.91
C ALA A 27 -7.60 17.74 -18.94
N SER A 28 -7.53 18.95 -19.47
CA SER A 28 -7.54 20.11 -18.60
C SER A 28 -8.93 20.29 -17.95
N LYS A 29 -9.99 19.90 -18.65
CA LYS A 29 -11.34 20.11 -18.13
C LYS A 29 -11.99 18.89 -17.51
N ARG A 30 -11.39 17.72 -17.67
CA ARG A 30 -11.99 16.49 -17.15
C ARG A 30 -12.60 16.77 -15.77
N SER A 31 -13.89 16.52 -15.67
CA SER A 31 -14.59 16.70 -14.40
C SER A 31 -14.58 15.35 -13.65
N PHE A 32 -14.98 15.39 -12.38
CA PHE A 32 -15.02 14.22 -11.52
C PHE A 32 -15.86 13.11 -12.21
N LYS A 33 -15.40 11.87 -12.17
CA LYS A 33 -16.13 10.75 -12.81
C LYS A 33 -16.10 9.49 -11.93
N GLU A 34 -17.20 8.76 -11.90
CA GLU A 34 -17.23 7.52 -11.15
C GLU A 34 -18.15 6.52 -11.86
N GLY A 35 -18.00 5.23 -11.52
CA GLY A 35 -18.81 4.21 -12.15
C GLY A 35 -18.24 2.84 -11.87
N ALA A 36 -19.10 1.84 -11.98
CA ALA A 36 -18.63 0.51 -11.67
C ALA A 36 -17.61 0.08 -12.68
N ILE A 37 -16.57 -0.60 -12.24
CA ILE A 37 -15.63 -1.08 -13.22
C ILE A 37 -16.13 -2.41 -13.77
N GLU A 38 -15.63 -2.76 -14.93
CA GLU A 38 -15.99 -4.00 -15.56
C GLU A 38 -14.89 -4.94 -15.06
N THR A 39 -15.12 -5.54 -13.89
CA THR A 39 -14.19 -6.44 -13.23
C THR A 39 -13.61 -7.50 -14.14
N TYR A 40 -14.48 -8.14 -14.90
CA TYR A 40 -14.11 -9.14 -15.93
C TYR A 40 -15.11 -8.87 -17.06
N GLU A 41 -14.80 -9.32 -18.29
CA GLU A 41 -15.71 -9.09 -19.42
C GLU A 41 -17.11 -9.50 -19.02
N GLY A 42 -18.05 -8.60 -19.16
CA GLY A 42 -19.42 -8.92 -18.79
C GLY A 42 -19.76 -8.89 -17.30
N LEU A 43 -18.83 -8.56 -16.40
CA LEU A 43 -19.19 -8.53 -14.97
C LEU A 43 -18.90 -7.18 -14.35
N LEU A 44 -19.93 -6.51 -13.88
CA LEU A 44 -19.75 -5.22 -13.26
C LEU A 44 -19.43 -5.43 -11.77
N SER A 45 -18.52 -4.63 -11.22
CA SER A 45 -18.12 -4.73 -9.79
C SER A 45 -19.28 -4.56 -8.80
N VAL A 46 -20.40 -3.98 -9.24
CA VAL A 46 -21.52 -3.83 -8.32
C VAL A 46 -22.63 -4.82 -8.65
N ASP A 47 -22.32 -5.78 -9.52
CA ASP A 47 -23.30 -6.80 -9.83
C ASP A 47 -23.78 -7.48 -8.52
N PRO A 48 -25.09 -7.53 -8.28
CA PRO A 48 -25.61 -8.18 -7.05
C PRO A 48 -25.05 -9.58 -6.76
N ARG A 49 -24.88 -10.44 -7.77
CA ARG A 49 -24.33 -11.76 -7.46
C ARG A 49 -22.92 -11.58 -6.93
N PHE A 50 -22.14 -10.76 -7.65
CA PHE A 50 -20.76 -10.49 -7.24
C PHE A 50 -20.64 -9.91 -5.80
N LEU A 51 -21.51 -8.98 -5.42
CA LEU A 51 -21.44 -8.43 -4.05
C LEU A 51 -21.89 -9.50 -3.03
N SER A 52 -22.84 -10.34 -3.41
CA SER A 52 -23.32 -11.39 -2.51
C SER A 52 -22.17 -12.35 -2.25
N PHE A 53 -21.48 -12.70 -3.32
CA PHE A 53 -20.31 -13.55 -3.29
C PHE A 53 -19.26 -12.94 -2.35
N LYS A 54 -18.93 -11.67 -2.54
CA LYS A 54 -17.94 -10.99 -1.70
C LYS A 54 -18.41 -10.94 -0.26
N ASN A 55 -19.71 -10.76 -0.07
CA ASN A 55 -20.17 -10.71 1.29
C ASN A 55 -19.94 -12.03 2.01
N GLU A 56 -20.35 -13.13 1.41
CA GLU A 56 -20.18 -14.44 2.01
C GLU A 56 -18.71 -14.89 2.10
N LEU A 57 -17.94 -14.67 1.05
CA LEU A 57 -16.54 -15.11 1.09
C LEU A 57 -15.71 -14.35 2.14
N SER A 58 -15.83 -13.04 2.20
CA SER A 58 -15.04 -12.29 3.17
C SER A 58 -15.44 -12.70 4.60
N ARG A 59 -16.73 -12.87 4.86
CA ARG A 59 -17.17 -13.24 6.20
C ARG A 59 -16.65 -14.65 6.59
N TYR A 60 -16.73 -15.59 5.65
CA TYR A 60 -16.30 -16.95 5.88
C TYR A 60 -14.78 -17.07 6.13
N LEU A 61 -13.96 -16.51 5.25
CA LEU A 61 -12.51 -16.60 5.45
C LEU A 61 -12.07 -15.90 6.74
N THR A 62 -12.66 -14.75 7.05
CA THR A 62 -12.27 -14.04 8.26
C THR A 62 -12.57 -14.94 9.47
N ASP A 63 -13.76 -15.51 9.43
CA ASP A 63 -14.25 -16.37 10.47
C ASP A 63 -13.40 -17.66 10.64
N HIS A 64 -13.00 -18.29 9.53
CA HIS A 64 -12.23 -19.50 9.63
C HIS A 64 -10.71 -19.35 9.67
N PHE A 65 -10.22 -18.20 9.24
CA PHE A 65 -8.77 -18.00 9.22
C PHE A 65 -8.37 -16.64 9.76
N PRO A 66 -8.56 -16.44 11.06
CA PRO A 66 -8.23 -15.16 11.72
C PRO A 66 -6.72 -15.01 11.58
N ALA A 67 -6.23 -13.79 11.76
CA ALA A 67 -4.80 -13.54 11.60
C ALA A 67 -3.88 -14.30 12.56
N ASN A 68 -2.69 -14.61 12.10
CA ASN A 68 -1.69 -15.30 12.88
C ASN A 68 -0.45 -14.40 12.85
N VAL A 69 -0.48 -13.35 13.68
CA VAL A 69 0.64 -12.42 13.76
C VAL A 69 0.98 -12.23 15.23
N ASP A 70 2.24 -12.43 15.62
CA ASP A 70 2.55 -12.24 17.04
C ASP A 70 2.76 -10.77 17.50
N GLU A 71 3.08 -10.60 18.78
CA GLU A 71 3.28 -9.28 19.38
C GLU A 71 4.41 -8.52 18.67
N TYR A 72 5.24 -9.24 17.91
CA TYR A 72 6.33 -8.59 17.20
C TYR A 72 6.03 -8.51 15.72
N GLY A 73 4.75 -8.61 15.36
CA GLY A 73 4.40 -8.57 13.97
C GLY A 73 4.93 -9.70 13.09
N ARG A 74 5.40 -10.81 13.65
CA ARG A 74 5.81 -11.84 12.69
C ARG A 74 4.58 -12.68 12.47
N VAL A 75 4.41 -13.12 11.24
CA VAL A 75 3.26 -13.95 11.00
C VAL A 75 3.75 -15.39 10.98
N TYR A 76 2.89 -16.25 11.53
CA TYR A 76 3.14 -17.68 11.60
C TYR A 76 1.82 -18.36 11.21
N GLY A 77 1.72 -19.64 11.53
CA GLY A 77 0.51 -20.38 11.25
C GLY A 77 -0.08 -20.33 9.85
N ASN A 78 -1.33 -19.85 9.79
CA ASN A 78 -2.07 -19.77 8.54
C ASN A 78 -1.55 -18.77 7.53
N GLY A 79 -0.60 -17.92 7.94
CA GLY A 79 -0.06 -16.94 7.01
C GLY A 79 -1.03 -15.79 6.70
N VAL A 80 -1.99 -15.59 7.57
CA VAL A 80 -2.98 -14.53 7.40
C VAL A 80 -2.60 -13.35 8.34
N ARG A 81 -2.55 -12.12 7.78
CA ARG A 81 -2.19 -10.90 8.52
C ARG A 81 -3.34 -10.16 9.08
N THR A 82 -4.48 -10.35 8.41
CA THR A 82 -5.65 -9.63 8.86
C THR A 82 -6.93 -10.24 8.34
N ASN A 83 -8.05 -9.60 8.65
CA ASN A 83 -9.33 -10.11 8.18
C ASN A 83 -9.43 -9.98 6.65
N PHE A 84 -10.48 -10.57 6.07
CA PHE A 84 -10.65 -10.50 4.61
C PHE A 84 -11.68 -9.48 4.13
N PHE A 85 -12.07 -8.55 4.99
CA PHE A 85 -13.09 -7.54 4.64
C PHE A 85 -12.65 -6.47 3.64
N GLY A 86 -11.36 -6.41 3.35
CA GLY A 86 -10.87 -5.44 2.40
C GLY A 86 -11.53 -5.49 1.03
N MET A 87 -12.08 -6.63 0.65
CA MET A 87 -12.72 -6.77 -0.66
C MET A 87 -14.11 -6.15 -0.67
N ARG A 88 -14.55 -5.58 0.45
CA ARG A 88 -15.88 -4.98 0.49
C ARG A 88 -16.04 -3.53 0.01
N HIS A 89 -15.56 -3.23 -1.18
CA HIS A 89 -15.68 -1.86 -1.72
C HIS A 89 -16.41 -1.89 -3.07
N MET A 90 -17.19 -0.85 -3.36
CA MET A 90 -17.87 -0.72 -4.64
C MET A 90 -16.78 -0.22 -5.64
N ASN A 91 -15.98 -1.11 -6.23
CA ASN A 91 -14.89 -0.69 -7.12
C ASN A 91 -15.28 0.20 -8.25
N GLY A 92 -14.62 1.35 -8.37
CA GLY A 92 -14.99 2.26 -9.42
C GLY A 92 -15.66 3.48 -8.79
N PHE A 93 -16.13 3.37 -7.54
CA PHE A 93 -16.74 4.56 -6.89
C PHE A 93 -15.82 4.99 -5.76
N PRO A 94 -15.19 6.17 -5.89
CA PRO A 94 -14.25 6.70 -4.89
C PRO A 94 -14.82 7.39 -3.67
N MET A 95 -13.94 7.47 -2.65
CA MET A 95 -14.23 8.21 -1.42
C MET A 95 -14.22 9.68 -1.87
N ILE A 96 -15.03 10.51 -1.24
CA ILE A 96 -15.15 11.93 -1.57
C ILE A 96 -14.80 12.76 -0.32
N PRO A 97 -13.91 13.74 -0.47
CA PRO A 97 -13.21 14.11 -1.71
C PRO A 97 -11.88 13.39 -1.61
N ALA A 98 -11.12 13.39 -2.69
CA ALA A 98 -9.77 12.86 -2.65
C ALA A 98 -8.98 14.05 -2.06
N THR A 99 -7.73 13.81 -1.73
CA THR A 99 -6.93 14.85 -1.14
C THR A 99 -6.36 15.83 -2.14
N TRP A 100 -6.09 17.04 -1.68
CA TRP A 100 -5.43 18.04 -2.50
C TRP A 100 -3.98 17.78 -2.13
N PRO A 101 -3.10 17.72 -3.11
CA PRO A 101 -1.69 17.46 -2.82
C PRO A 101 -1.00 18.65 -2.13
N LEU A 102 -0.28 18.37 -1.05
CA LEU A 102 0.41 19.39 -0.27
C LEU A 102 1.46 20.12 -1.08
N ALA A 103 1.40 21.45 -1.16
CA ALA A 103 2.42 22.16 -1.97
C ALA A 103 3.78 22.20 -1.31
N SER A 104 3.79 22.16 0.02
CA SER A 104 5.04 22.18 0.78
C SER A 104 4.92 21.23 1.96
N ASN A 105 5.96 20.42 2.18
CA ASN A 105 5.97 19.46 3.27
C ASN A 105 6.96 19.85 4.36
N LEU A 106 7.46 21.09 4.33
CA LEU A 106 8.44 21.49 5.33
C LEU A 106 7.90 21.47 6.74
N LYS A 107 6.68 21.98 6.91
CA LYS A 107 6.04 22.03 8.22
C LYS A 107 5.62 20.64 8.64
N LYS A 108 5.10 19.88 7.69
CA LYS A 108 4.67 18.52 8.01
C LYS A 108 5.88 17.72 8.56
N ARG A 109 7.07 17.89 7.97
CA ARG A 109 8.28 17.19 8.47
C ARG A 109 8.72 17.75 9.83
N ALA A 110 8.73 19.07 9.95
CA ALA A 110 9.14 19.69 11.19
C ALA A 110 8.20 19.30 12.32
N ASP A 111 6.90 19.31 12.08
CA ASP A 111 5.96 18.96 13.13
C ASP A 111 6.07 17.49 13.51
N ALA A 112 6.58 16.67 12.61
CA ALA A 112 6.70 15.26 12.94
C ALA A 112 8.10 15.03 13.51
N ASP A 113 8.82 16.12 13.77
CA ASP A 113 10.16 16.03 14.32
C ASP A 113 11.16 15.31 13.43
N LEU A 114 11.16 15.61 12.14
CA LEU A 114 12.11 14.95 11.25
C LEU A 114 13.09 16.04 10.90
N ALA A 115 14.32 15.65 10.66
CA ALA A 115 15.38 16.61 10.37
C ALA A 115 15.27 17.33 9.03
N ASP A 116 15.88 18.50 8.96
CA ASP A 116 15.85 19.30 7.75
C ASP A 116 17.22 19.30 7.00
N GLY A 117 17.98 18.23 7.23
CA GLY A 117 19.27 18.06 6.58
C GLY A 117 19.94 16.91 7.32
N PRO A 118 21.04 16.34 6.83
CA PRO A 118 21.78 15.22 7.48
C PRO A 118 22.08 15.71 8.89
N VAL A 119 21.87 14.88 9.92
CA VAL A 119 22.11 15.41 11.25
C VAL A 119 23.57 15.33 11.69
N SER A 120 24.38 14.52 11.04
CA SER A 120 25.78 14.41 11.42
C SER A 120 26.62 14.32 10.15
N GLU A 121 27.92 14.56 10.24
CA GLU A 121 28.78 14.50 9.07
C GLU A 121 28.83 13.07 8.52
N ARG A 122 28.72 12.10 9.42
CA ARG A 122 28.73 10.70 9.01
C ARG A 122 27.54 10.50 8.03
N ASP A 123 26.35 10.87 8.48
CA ASP A 123 25.15 10.75 7.65
C ASP A 123 25.30 11.49 6.34
N ASN A 124 25.81 12.70 6.40
CA ASN A 124 25.99 13.47 5.18
C ASN A 124 26.91 12.69 4.26
N LEU A 125 27.92 12.06 4.83
CA LEU A 125 28.86 11.29 4.00
C LEU A 125 28.19 10.08 3.39
N LEU A 126 27.33 9.42 4.16
CA LEU A 126 26.67 8.21 3.63
C LEU A 126 25.71 8.52 2.49
N PHE A 127 24.90 9.59 2.62
CA PHE A 127 23.98 9.96 1.56
C PHE A 127 24.79 10.29 0.34
N ARG A 128 25.86 11.05 0.51
CA ARG A 128 26.67 11.38 -0.66
C ARG A 128 27.38 10.15 -1.21
N ALA A 129 27.75 9.21 -0.34
CA ALA A 129 28.40 8.01 -0.82
C ALA A 129 27.36 7.22 -1.68
N ALA A 130 26.08 7.28 -1.30
CA ALA A 130 25.04 6.58 -2.05
C ALA A 130 24.93 7.17 -3.45
N VAL A 131 24.97 8.49 -3.54
CA VAL A 131 24.91 9.12 -4.84
C VAL A 131 26.10 8.64 -5.65
N ARG A 132 27.23 8.50 -5.01
CA ARG A 132 28.42 8.08 -5.70
C ARG A 132 28.43 6.65 -6.19
N LEU A 133 27.96 5.71 -5.37
CA LEU A 133 27.93 4.32 -5.80
C LEU A 133 26.83 4.09 -6.87
N MET A 134 25.72 4.82 -6.75
CA MET A 134 24.63 4.67 -7.68
C MET A 134 24.80 5.33 -9.03
N PHE A 135 25.45 6.48 -9.09
CA PHE A 135 25.55 7.16 -10.38
C PHE A 135 26.90 7.11 -11.04
N SER A 136 27.79 6.24 -10.57
CA SER A 136 29.14 6.21 -11.13
C SER A 136 29.47 5.48 -12.42
N ASP A 137 29.24 4.18 -12.56
CA ASP A 137 29.71 3.66 -13.86
C ASP A 137 28.61 3.08 -14.68
N LEU A 138 27.84 4.01 -15.21
CA LEU A 138 26.68 3.69 -15.98
C LEU A 138 26.97 3.30 -17.44
N GLU A 139 26.20 2.32 -17.91
CA GLU A 139 26.26 1.78 -19.27
C GLU A 139 24.96 2.18 -19.94
N PRO A 140 25.03 2.82 -21.10
CA PRO A 140 23.83 3.25 -21.84
C PRO A 140 22.95 2.07 -22.21
N VAL A 141 21.64 2.30 -22.21
CA VAL A 141 20.67 1.29 -22.62
C VAL A 141 19.59 2.03 -23.40
N PRO A 142 18.74 1.29 -24.08
CA PRO A 142 17.81 2.21 -24.74
C PRO A 142 16.69 2.67 -23.79
N LEU A 143 16.09 3.81 -24.12
CA LEU A 143 15.00 4.40 -23.37
C LEU A 143 13.70 3.65 -23.69
N LYS A 144 13.18 2.89 -22.75
CA LYS A 144 11.93 2.13 -22.97
C LYS A 144 10.71 2.95 -22.58
N ILE A 145 9.66 2.86 -23.39
CA ILE A 145 8.44 3.62 -23.15
C ILE A 145 7.23 2.69 -23.09
N ARG A 146 6.35 2.89 -22.11
CA ARG A 146 5.18 2.04 -21.96
C ARG A 146 4.16 2.35 -23.05
N LYS A 147 3.74 1.30 -23.73
CA LYS A 147 2.77 1.47 -24.79
C LYS A 147 1.45 2.00 -24.21
N GLY A 148 0.85 2.98 -24.89
CA GLY A 148 -0.42 3.52 -24.40
C GLY A 148 -0.38 4.54 -23.27
N SER A 149 0.80 4.78 -22.71
CA SER A 149 0.95 5.75 -21.64
C SER A 149 0.86 7.16 -22.24
N SER A 150 0.42 8.14 -21.45
CA SER A 150 0.30 9.54 -21.93
C SER A 150 1.57 10.36 -21.75
N THR A 151 1.87 11.28 -22.67
CA THR A 151 3.02 12.13 -22.54
C THR A 151 2.60 13.30 -21.61
N CYS A 152 1.38 13.24 -21.15
CA CYS A 152 0.84 14.28 -20.30
C CYS A 152 1.12 15.70 -20.78
N ILE A 153 1.45 16.55 -19.85
CA ILE A 153 1.66 17.93 -20.07
C ILE A 153 1.46 18.85 -21.28
N PRO A 154 2.42 19.01 -22.24
CA PRO A 154 1.48 19.93 -22.90
C PRO A 154 0.54 19.18 -23.87
N TYR A 155 1.04 18.09 -24.46
CA TYR A 155 0.30 17.37 -25.50
C TYR A 155 -0.67 16.26 -25.18
N PHE A 156 -0.41 15.51 -24.13
CA PHE A 156 -1.31 14.45 -23.76
C PHE A 156 -1.51 13.50 -24.92
N SER A 157 -0.41 13.09 -25.53
CA SER A 157 -0.48 12.14 -26.61
C SER A 157 -0.25 10.71 -26.09
N ASN A 158 -0.85 9.70 -26.77
CA ASN A 158 -0.71 8.27 -26.40
C ASN A 158 -0.12 7.50 -27.56
N ASP A 159 0.07 8.18 -28.66
CA ASP A 159 0.60 7.57 -29.87
C ASP A 159 2.11 7.27 -29.76
N MET A 160 2.47 6.00 -29.87
CA MET A 160 3.87 5.60 -29.75
C MET A 160 4.83 6.37 -30.64
N GLY A 161 4.43 6.57 -31.90
CA GLY A 161 5.31 7.27 -32.81
C GLY A 161 5.56 8.69 -32.34
N THR A 162 4.52 9.29 -31.77
CA THR A 162 4.61 10.66 -31.28
C THR A 162 5.46 10.70 -29.99
N LYS A 163 5.36 9.65 -29.17
CA LYS A 163 6.12 9.59 -27.93
C LYS A 163 7.59 9.46 -28.25
N ILE A 164 7.91 8.53 -29.15
CA ILE A 164 9.27 8.28 -29.57
C ILE A 164 9.85 9.61 -30.06
N GLU A 165 9.10 10.33 -30.89
CA GLU A 165 9.58 11.59 -31.42
C GLU A 165 9.88 12.56 -30.30
N ILE A 166 8.92 12.72 -29.39
CA ILE A 166 9.06 13.64 -28.27
C ILE A 166 10.30 13.33 -27.46
N ALA A 167 10.48 12.04 -27.18
CA ALA A 167 11.63 11.57 -26.42
C ALA A 167 12.96 11.82 -27.12
N GLU A 168 13.02 11.57 -28.41
CA GLU A 168 14.26 11.79 -29.14
C GLU A 168 14.54 13.29 -29.23
N ARG A 169 13.49 14.07 -29.47
CA ARG A 169 13.67 15.49 -29.54
C ARG A 169 14.17 15.98 -28.16
N ALA A 170 13.60 15.42 -27.10
CA ALA A 170 14.00 15.82 -25.76
C ALA A 170 15.49 15.46 -25.50
N LEU A 171 15.93 14.26 -25.88
CA LEU A 171 17.33 13.92 -25.67
C LEU A 171 18.26 14.85 -26.46
N GLU A 172 17.75 15.46 -27.53
CA GLU A 172 18.59 16.35 -28.30
C GLU A 172 18.62 17.75 -27.75
N LYS A 173 17.51 18.21 -27.18
CA LYS A 173 17.45 19.55 -26.68
C LYS A 173 17.57 19.71 -25.16
N ALA A 174 17.77 18.60 -24.44
CA ALA A 174 17.84 18.68 -22.99
C ALA A 174 18.95 19.62 -22.52
N GLU A 175 20.08 19.56 -23.19
CA GLU A 175 21.18 20.37 -22.79
C GLU A 175 20.87 21.85 -22.91
N GLU A 176 20.20 22.22 -23.99
CA GLU A 176 19.90 23.62 -24.18
C GLU A 176 18.80 24.09 -23.22
N ALA A 177 17.90 23.17 -22.87
CA ALA A 177 16.81 23.51 -21.94
C ALA A 177 17.41 23.64 -20.55
N GLY A 178 18.24 22.67 -20.17
CA GLY A 178 18.91 22.72 -18.87
C GLY A 178 19.62 24.08 -18.69
N ASN A 179 20.44 24.45 -19.68
CA ASN A 179 21.16 25.73 -19.63
C ASN A 179 20.21 26.90 -19.50
N LEU A 180 19.09 26.86 -20.21
CA LEU A 180 18.14 27.96 -20.07
C LEU A 180 17.64 28.08 -18.62
N MET A 181 17.45 26.93 -18.00
CA MET A 181 16.97 26.89 -16.61
C MET A 181 18.05 27.42 -15.69
N LEU A 182 19.30 27.05 -15.96
CA LEU A 182 20.42 27.57 -15.15
C LEU A 182 20.41 29.11 -15.19
N GLN A 183 19.90 29.70 -16.29
CA GLN A 183 19.86 31.16 -16.38
C GLN A 183 18.57 31.70 -15.80
N GLY A 184 17.79 30.84 -15.17
CA GLY A 184 16.52 31.26 -14.59
C GLY A 184 15.40 31.41 -15.62
N LYS A 185 15.65 31.00 -16.86
CA LYS A 185 14.62 31.11 -17.89
C LYS A 185 13.72 29.87 -18.05
N PHE A 186 12.95 29.59 -17.01
CA PHE A 186 12.09 28.42 -17.04
C PHE A 186 11.02 28.47 -18.11
N ASP A 187 10.39 29.64 -18.27
CA ASP A 187 9.38 29.79 -19.27
C ASP A 187 9.94 29.50 -20.66
N ASP A 188 11.14 29.96 -20.93
CA ASP A 188 11.72 29.72 -22.25
C ASP A 188 11.91 28.24 -22.44
N ALA A 189 12.41 27.57 -21.40
CA ALA A 189 12.64 26.15 -21.46
C ALA A 189 11.33 25.37 -21.73
N TYR A 190 10.24 25.79 -21.08
CA TYR A 190 8.96 25.13 -21.25
C TYR A 190 8.43 25.35 -22.68
N GLN A 191 8.35 26.62 -23.04
CA GLN A 191 7.90 27.02 -24.35
C GLN A 191 8.67 26.43 -25.53
N LEU A 192 10.00 26.43 -25.49
CA LEU A 192 10.76 25.87 -26.60
C LEU A 192 10.92 24.37 -26.60
N HIS A 193 10.97 23.76 -25.41
CA HIS A 193 11.23 22.33 -25.38
C HIS A 193 10.26 21.51 -24.58
N GLN A 194 9.25 22.17 -24.03
CA GLN A 194 8.23 21.53 -23.20
C GLN A 194 8.83 20.93 -21.94
N MET A 195 9.99 21.42 -21.48
CA MET A 195 10.60 20.89 -20.25
C MET A 195 10.24 21.84 -19.14
N GLY A 196 9.24 21.46 -18.36
CA GLY A 196 8.76 22.35 -17.31
C GLY A 196 7.25 22.25 -17.22
N GLY A 197 6.58 23.32 -16.78
CA GLY A 197 5.14 23.24 -16.69
C GLY A 197 4.68 22.71 -15.35
N ALA A 198 4.13 21.49 -15.33
CA ALA A 198 3.59 20.89 -14.11
C ALA A 198 3.39 19.40 -14.25
N TYR A 199 3.11 18.75 -13.12
CA TYR A 199 2.77 17.36 -13.08
C TYR A 199 1.25 17.45 -13.23
N TYR A 200 0.68 16.43 -13.84
CA TYR A 200 -0.76 16.41 -14.06
C TYR A 200 -1.28 15.43 -13.02
N VAL A 201 -2.09 15.91 -12.08
CA VAL A 201 -2.57 15.05 -11.01
C VAL A 201 -3.81 14.26 -11.26
N VAL A 202 -3.68 12.95 -11.19
CA VAL A 202 -4.82 12.10 -11.37
C VAL A 202 -5.00 11.18 -10.19
N TYR A 203 -6.25 11.01 -9.82
CA TYR A 203 -6.57 10.15 -8.71
C TYR A 203 -6.75 8.68 -9.10
N ARG A 204 -6.06 7.77 -8.42
CA ARG A 204 -6.14 6.32 -8.68
C ARG A 204 -6.82 5.57 -7.54
N ALA A 205 -7.13 4.30 -7.79
CA ALA A 205 -7.80 3.49 -6.79
C ALA A 205 -6.88 2.54 -6.09
N GLN A 206 -7.06 2.43 -4.78
CA GLN A 206 -6.39 1.40 -3.99
C GLN A 206 -7.70 0.67 -3.68
N SER A 207 -7.94 -0.36 -4.48
CA SER A 207 -9.17 -1.12 -4.46
C SER A 207 -9.54 -1.75 -3.15
N THR A 208 -8.56 -2.06 -2.33
CA THR A 208 -8.96 -2.62 -1.05
C THR A 208 -8.32 -1.76 0.02
N ASP A 209 -8.96 -1.69 1.17
CA ASP A 209 -8.45 -0.90 2.29
C ASP A 209 -9.11 -1.48 3.53
N ALA A 210 -8.48 -1.32 4.69
CA ALA A 210 -9.01 -1.90 5.93
C ALA A 210 -10.44 -1.60 6.31
N ILE A 211 -11.14 -2.66 6.66
CA ILE A 211 -12.51 -2.57 7.12
C ILE A 211 -12.57 -3.50 8.35
N THR A 212 -13.39 -3.18 9.34
CA THR A 212 -13.50 -4.05 10.49
C THR A 212 -14.96 -4.28 10.85
N LEU A 213 -15.20 -5.38 11.57
CA LEU A 213 -16.55 -5.70 11.96
C LEU A 213 -16.64 -5.49 13.45
N ASP A 214 -17.42 -4.47 13.87
CA ASP A 214 -17.59 -4.20 15.29
C ASP A 214 -18.43 -5.30 15.95
N PRO A 215 -17.77 -6.20 16.70
CA PRO A 215 -18.47 -7.29 17.36
C PRO A 215 -19.65 -6.79 18.20
N LYS A 216 -19.53 -5.58 18.75
CA LYS A 216 -20.60 -4.97 19.56
C LYS A 216 -21.87 -4.69 18.71
N THR A 217 -21.69 -3.91 17.65
CA THR A 217 -22.80 -3.51 16.77
C THR A 217 -23.14 -4.45 15.62
N GLY A 218 -22.19 -5.25 15.18
CA GLY A 218 -22.47 -6.13 14.05
C GLY A 218 -22.37 -5.34 12.74
N LYS A 219 -21.90 -4.09 12.86
CA LYS A 219 -21.74 -3.19 11.72
C LYS A 219 -20.27 -3.12 11.31
N PHE A 220 -20.04 -2.88 10.02
CA PHE A 220 -18.67 -2.78 9.55
C PHE A 220 -18.22 -1.32 9.66
N VAL A 221 -16.91 -1.12 9.77
CA VAL A 221 -16.38 0.23 9.85
C VAL A 221 -15.18 0.34 8.93
N SER A 222 -15.19 1.31 8.02
CA SER A 222 -14.05 1.51 7.09
C SER A 222 -13.01 2.39 7.74
N LYS A 223 -11.76 2.20 7.40
CA LYS A 223 -10.71 3.01 7.98
C LYS A 223 -10.80 4.42 7.43
N ASP A 224 -10.74 5.40 8.32
CA ASP A 224 -10.79 6.78 7.93
C ASP A 224 -9.51 7.09 7.18
N ARG A 225 -9.66 7.81 6.08
CA ARG A 225 -8.49 8.22 5.32
C ARG A 225 -8.54 9.73 5.34
N MET A 226 -7.48 10.33 5.88
CA MET A 226 -7.41 11.77 6.03
C MET A 226 -7.01 12.42 4.73
N VAL A 227 -7.70 13.51 4.40
CA VAL A 227 -7.44 14.29 3.21
C VAL A 227 -7.40 15.77 3.54
N ALA A 228 -6.63 16.49 2.76
CA ALA A 228 -6.45 17.90 2.93
C ALA A 228 -7.27 18.69 1.94
N ASP A 229 -7.91 19.77 2.41
CA ASP A 229 -8.65 20.62 1.48
C ASP A 229 -7.62 21.56 0.85
N PHE A 230 -8.07 22.40 -0.08
CA PHE A 230 -7.20 23.30 -0.81
C PHE A 230 -6.40 24.23 0.10
N GLU A 231 -7.06 24.82 1.07
CA GLU A 231 -6.39 25.72 1.97
C GLU A 231 -5.23 25.03 2.64
N TYR A 232 -5.55 23.87 3.22
CA TYR A 232 -4.53 23.09 3.89
C TYR A 232 -3.35 22.79 2.94
N ALA A 233 -3.67 22.37 1.71
CA ALA A 233 -2.61 22.03 0.75
C ALA A 233 -1.75 23.18 0.29
N VAL A 234 -2.33 24.35 0.05
CA VAL A 234 -1.47 25.44 -0.39
C VAL A 234 -0.74 26.14 0.77
N THR A 235 -1.14 25.89 2.02
CA THR A 235 -0.44 26.56 3.12
C THR A 235 0.41 25.57 3.92
N GLY A 236 0.75 24.44 3.33
CA GLY A 236 1.55 23.48 4.05
C GLY A 236 0.91 22.95 5.34
N GLY A 237 -0.39 23.09 5.48
CA GLY A 237 -1.06 22.63 6.70
C GLY A 237 -1.26 23.77 7.71
N GLU A 238 -0.77 24.96 7.42
CA GLU A 238 -0.95 26.07 8.36
C GLU A 238 -2.41 26.43 8.56
N GLN A 239 -3.19 26.34 7.50
CA GLN A 239 -4.60 26.67 7.61
C GLN A 239 -5.36 25.61 6.90
N GLY A 240 -6.68 25.78 6.82
CA GLY A 240 -7.53 24.79 6.19
C GLY A 240 -7.62 23.55 7.07
N SER A 241 -8.13 22.47 6.51
CA SER A 241 -8.22 21.30 7.35
C SER A 241 -7.89 19.99 6.74
N LEU A 242 -7.62 19.09 7.66
CA LEU A 242 -7.28 17.74 7.40
C LEU A 242 -8.47 16.97 7.98
N PHE A 243 -9.17 16.19 7.16
CA PHE A 243 -10.33 15.45 7.66
C PHE A 243 -10.54 14.13 6.94
N ALA A 244 -11.39 13.31 7.54
CA ALA A 244 -11.69 12.00 7.02
C ALA A 244 -12.55 12.06 5.77
N ALA A 245 -12.05 11.49 4.67
CA ALA A 245 -12.80 11.48 3.41
C ALA A 245 -14.02 10.62 3.70
N SER A 246 -15.10 10.77 2.94
CA SER A 246 -16.24 9.92 3.23
C SER A 246 -16.27 8.68 2.32
N LYS A 247 -16.28 7.48 2.94
CA LYS A 247 -16.29 6.23 2.20
C LYS A 247 -17.69 5.65 2.13
N ASP A 248 -18.64 6.37 2.69
CA ASP A 248 -20.03 5.92 2.74
C ASP A 248 -20.62 5.74 1.35
N ALA A 249 -21.08 4.52 1.07
CA ALA A 249 -21.65 4.19 -0.25
C ALA A 249 -23.19 4.33 -0.42
N SER A 250 -23.89 4.71 0.64
CA SER A 250 -25.37 4.86 0.57
C SER A 250 -25.80 5.69 -0.62
N ARG A 251 -25.05 6.77 -0.86
CA ARG A 251 -25.31 7.68 -1.97
C ARG A 251 -25.48 6.97 -3.30
N LEU A 252 -24.79 5.85 -3.52
CA LEU A 252 -24.90 5.17 -4.80
C LEU A 252 -26.33 4.74 -5.15
N LYS A 253 -27.12 4.47 -4.12
CA LYS A 253 -28.51 4.02 -4.31
C LYS A 253 -29.29 5.22 -4.81
N GLU A 254 -29.26 6.23 -3.96
CA GLU A 254 -29.94 7.45 -4.28
C GLU A 254 -29.49 8.01 -5.63
N GLN A 255 -28.18 8.13 -5.88
CA GLN A 255 -27.70 8.73 -7.13
C GLN A 255 -27.85 7.91 -8.38
N TYR A 256 -27.46 6.63 -8.31
CA TYR A 256 -27.48 5.77 -9.49
C TYR A 256 -28.41 4.58 -9.40
N GLY A 257 -29.22 4.52 -8.36
CA GLY A 257 -30.10 3.38 -8.19
C GLY A 257 -29.34 2.07 -8.01
N ILE A 258 -28.08 2.11 -7.60
CA ILE A 258 -27.35 0.87 -7.40
C ILE A 258 -27.65 0.38 -6.00
N ASP A 259 -27.94 -0.91 -5.85
CA ASP A 259 -28.19 -1.45 -4.52
C ASP A 259 -26.88 -1.60 -3.71
N VAL A 260 -26.86 -1.05 -2.50
CA VAL A 260 -25.65 -1.13 -1.70
C VAL A 260 -25.81 -2.10 -0.54
N PRO A 261 -25.18 -3.30 -0.61
CA PRO A 261 -25.36 -4.21 0.54
C PRO A 261 -24.70 -3.64 1.76
N ASP A 262 -25.10 -4.14 2.91
CA ASP A 262 -24.55 -3.67 4.17
C ASP A 262 -23.05 -3.92 4.26
N GLY A 263 -22.30 -2.94 4.73
CA GLY A 263 -20.86 -3.16 4.87
C GLY A 263 -19.99 -3.09 3.62
N PHE A 264 -20.47 -2.35 2.63
CA PHE A 264 -19.72 -2.12 1.39
C PHE A 264 -19.48 -0.61 1.31
N PHE A 265 -18.24 -0.23 1.01
CA PHE A 265 -17.85 1.19 1.00
C PHE A 265 -17.21 1.64 -0.31
N CYS A 266 -17.01 2.96 -0.44
CA CYS A 266 -16.36 3.50 -1.63
C CYS A 266 -14.88 3.27 -1.47
N GLU A 267 -14.16 3.24 -2.59
CA GLU A 267 -12.73 3.01 -2.57
C GLU A 267 -11.88 4.19 -2.13
N ARG A 268 -10.76 3.83 -1.56
CA ARG A 268 -9.75 4.75 -1.16
C ARG A 268 -9.11 5.28 -2.44
N ARG A 269 -8.87 6.58 -2.51
CA ARG A 269 -8.20 7.15 -3.67
C ARG A 269 -6.87 7.80 -3.37
N ARG A 270 -5.86 7.42 -4.12
CA ARG A 270 -4.50 7.94 -3.99
C ARG A 270 -4.16 8.89 -5.14
N THR A 271 -3.27 9.84 -4.90
CA THR A 271 -2.92 10.74 -5.97
C THR A 271 -1.79 10.19 -6.82
N ALA A 272 -1.86 10.48 -8.10
CA ALA A 272 -0.87 10.02 -9.05
C ALA A 272 -0.44 11.25 -9.87
N MET A 273 0.85 11.40 -10.12
CA MET A 273 1.31 12.54 -10.91
C MET A 273 1.87 12.13 -12.26
N GLY A 274 1.26 12.58 -13.34
CA GLY A 274 1.81 12.29 -14.68
C GLY A 274 2.85 13.37 -14.95
N GLY A 275 4.10 12.99 -15.24
CA GLY A 275 5.12 14.01 -15.48
C GLY A 275 5.09 14.53 -16.89
N PRO A 276 5.61 15.72 -17.13
CA PRO A 276 5.65 16.28 -18.50
C PRO A 276 6.73 15.47 -19.20
N PHE A 277 6.32 14.66 -20.16
CA PHE A 277 7.23 13.74 -20.80
C PHE A 277 8.56 14.25 -21.36
N ALA A 278 8.58 15.43 -21.96
CA ALA A 278 9.84 15.93 -22.50
C ALA A 278 10.88 16.12 -21.38
N LEU A 279 10.41 16.44 -20.16
CA LEU A 279 11.30 16.62 -19.01
C LEU A 279 11.66 15.24 -18.43
N ASN A 280 10.71 14.30 -18.41
CA ASN A 280 11.06 13.01 -17.83
C ASN A 280 11.94 12.12 -18.67
N ALA A 281 11.90 12.29 -20.00
CA ALA A 281 12.67 11.41 -20.86
C ALA A 281 14.18 11.55 -20.54
N PRO A 282 14.72 12.79 -20.52
CA PRO A 282 16.16 12.88 -20.22
C PRO A 282 16.49 12.31 -18.83
N ILE A 283 15.49 12.28 -17.94
CA ILE A 283 15.76 11.70 -16.64
C ILE A 283 15.70 10.15 -16.70
N MET A 284 14.75 9.61 -17.43
CA MET A 284 14.66 8.15 -17.54
C MET A 284 15.90 7.57 -18.25
N ALA A 285 16.50 8.35 -19.13
CA ALA A 285 17.69 7.89 -19.86
C ALA A 285 18.85 7.58 -18.91
N VAL A 286 18.93 8.30 -17.80
CA VAL A 286 19.96 8.07 -16.81
C VAL A 286 19.45 7.05 -15.76
N ALA A 287 18.19 7.22 -15.36
CA ALA A 287 17.63 6.32 -14.35
C ALA A 287 17.71 4.83 -14.64
N GLN A 288 17.38 4.40 -15.85
CA GLN A 288 17.44 2.94 -16.12
C GLN A 288 18.86 2.39 -15.94
N PRO A 289 19.86 3.11 -16.48
CA PRO A 289 21.27 2.67 -16.33
C PRO A 289 21.59 2.56 -14.78
N VAL A 290 21.05 3.49 -13.98
CA VAL A 290 21.33 3.40 -12.53
C VAL A 290 20.72 2.14 -11.97
N ARG A 291 19.50 1.84 -12.41
CA ARG A 291 18.84 0.62 -11.94
C ARG A 291 19.66 -0.61 -12.32
N ASN A 292 20.17 -0.62 -13.56
CA ASN A 292 20.98 -1.74 -14.00
C ASN A 292 22.18 -1.88 -13.12
N LYS A 293 22.77 -0.75 -12.70
CA LYS A 293 23.93 -0.81 -11.82
C LYS A 293 23.55 -1.36 -10.45
N ILE A 294 22.66 -0.70 -9.74
CA ILE A 294 22.33 -1.22 -8.42
C ILE A 294 21.75 -2.64 -8.42
N TYR A 295 20.99 -3.02 -9.46
CA TYR A 295 20.44 -4.40 -9.47
C TYR A 295 21.52 -5.46 -9.71
N SER A 296 22.57 -5.09 -10.45
CA SER A 296 23.70 -6.02 -10.72
C SER A 296 24.77 -5.93 -9.61
N LYS A 297 25.52 -4.83 -9.55
CA LYS A 297 26.54 -4.74 -8.51
C LYS A 297 26.05 -4.85 -7.09
N TYR A 298 24.91 -4.25 -6.79
CA TYR A 298 24.42 -4.32 -5.42
C TYR A 298 23.17 -5.16 -5.33
N ALA A 299 23.15 -6.18 -6.17
CA ALA A 299 22.05 -7.13 -6.23
C ALA A 299 21.63 -7.66 -4.87
N TYR A 300 22.60 -7.82 -3.97
CA TYR A 300 22.26 -8.35 -2.66
C TYR A 300 21.16 -7.59 -1.98
N THR A 301 21.29 -6.26 -1.90
CA THR A 301 20.25 -5.59 -1.16
C THR A 301 19.15 -5.02 -2.06
N PHE A 302 19.44 -4.86 -3.35
CA PHE A 302 18.47 -4.28 -4.28
C PHE A 302 17.73 -5.14 -5.33
N HIS A 303 18.28 -6.30 -5.72
CA HIS A 303 17.60 -7.13 -6.74
C HIS A 303 16.77 -8.26 -6.14
N HIS A 304 15.45 -8.11 -6.24
CA HIS A 304 14.52 -9.08 -5.66
C HIS A 304 13.54 -9.63 -6.69
N THR A 305 13.47 -10.95 -6.75
CA THR A 305 12.58 -11.59 -7.71
C THR A 305 11.64 -12.62 -7.09
N THR A 306 12.17 -13.79 -6.80
CA THR A 306 11.33 -14.87 -6.27
C THR A 306 11.21 -14.88 -4.78
N ARG A 307 10.37 -15.79 -4.30
CA ARG A 307 10.22 -15.93 -2.87
C ARG A 307 11.53 -16.56 -2.38
N LEU A 308 12.10 -17.46 -3.17
CA LEU A 308 13.34 -18.13 -2.79
C LEU A 308 14.54 -17.23 -2.86
N ASN A 309 14.54 -16.33 -3.82
CA ASN A 309 15.61 -15.36 -4.01
C ASN A 309 15.82 -14.59 -2.68
N LYS A 310 14.70 -14.10 -2.11
CA LYS A 310 14.69 -13.37 -0.85
C LYS A 310 14.94 -14.29 0.33
N GLU A 311 14.37 -15.49 0.28
CA GLU A 311 14.53 -16.47 1.35
C GLU A 311 16.00 -16.80 1.57
N GLU A 312 16.74 -16.99 0.49
CA GLU A 312 18.14 -17.34 0.64
C GLU A 312 18.89 -16.36 1.52
N LYS A 313 18.76 -15.07 1.24
CA LYS A 313 19.43 -14.02 1.99
C LYS A 313 19.08 -13.92 3.47
N VAL A 314 17.79 -13.89 3.73
CA VAL A 314 17.26 -13.76 5.07
C VAL A 314 17.45 -14.97 5.98
N LYS A 315 17.55 -16.15 5.37
CA LYS A 315 17.73 -17.36 6.17
C LYS A 315 19.06 -17.34 6.90
N GLU A 316 20.05 -16.66 6.34
CA GLU A 316 21.36 -16.58 6.95
C GLU A 316 21.47 -15.57 8.09
N TRP A 317 20.40 -14.85 8.40
CA TRP A 317 20.44 -13.84 9.44
C TRP A 317 20.04 -14.44 10.75
N SER A 318 20.39 -13.76 11.85
CA SER A 318 20.05 -14.21 13.19
C SER A 318 18.83 -13.42 13.69
N LEU A 319 18.62 -12.26 13.06
CA LEU A 319 17.47 -11.42 13.38
C LEU A 319 17.12 -10.69 12.10
N CYS A 320 15.82 -10.63 11.86
CA CYS A 320 15.25 -9.99 10.69
C CYS A 320 14.20 -9.01 11.20
N VAL A 321 14.31 -7.75 10.82
CA VAL A 321 13.33 -6.78 11.28
C VAL A 321 12.64 -6.18 10.05
N ALA A 322 11.32 -6.39 10.00
CA ALA A 322 10.47 -5.87 8.91
C ALA A 322 10.02 -4.44 9.26
N THR A 323 10.56 -3.47 8.55
CA THR A 323 10.22 -2.09 8.85
C THR A 323 9.01 -1.56 8.08
N ASP A 324 8.55 -0.42 8.54
CA ASP A 324 7.43 0.29 7.95
C ASP A 324 7.69 1.80 7.96
N VAL A 325 7.42 2.45 6.83
CA VAL A 325 7.60 3.87 6.73
C VAL A 325 6.24 4.51 6.55
N SER A 326 5.94 5.48 7.39
CA SER A 326 4.67 6.14 7.27
C SER A 326 4.62 7.16 6.09
N ASP A 327 3.64 7.05 5.19
CA ASP A 327 3.46 8.04 4.07
C ASP A 327 4.80 8.60 3.50
N HIS A 328 5.55 7.70 2.91
CA HIS A 328 6.86 7.97 2.38
C HIS A 328 6.99 9.13 1.40
N ASP A 329 6.18 9.07 0.36
CA ASP A 329 6.28 10.08 -0.68
C ASP A 329 6.02 11.51 -0.24
N THR A 330 5.04 11.74 0.63
CA THR A 330 4.82 13.10 1.00
C THR A 330 5.85 13.56 2.07
N PHE A 331 6.47 12.63 2.79
CA PHE A 331 7.50 13.03 3.75
C PHE A 331 8.89 13.17 3.10
N TRP A 332 9.07 12.57 1.92
CA TRP A 332 10.38 12.61 1.27
C TRP A 332 10.92 14.04 1.29
N PRO A 333 12.16 14.21 1.74
CA PRO A 333 12.79 15.53 1.85
C PRO A 333 13.50 16.22 0.73
N GLY A 334 13.03 17.42 0.44
CA GLY A 334 13.64 18.24 -0.58
C GLY A 334 15.12 18.49 -0.30
N TRP A 335 15.52 18.42 0.97
CA TRP A 335 16.95 18.67 1.23
C TRP A 335 17.77 17.54 0.62
N LEU A 336 17.17 16.36 0.47
CA LEU A 336 17.90 15.26 -0.14
C LEU A 336 18.02 15.49 -1.64
N ARG A 337 16.97 16.06 -2.23
CA ARG A 337 17.02 16.39 -3.65
C ARG A 337 18.23 17.33 -3.84
N ASP A 338 18.35 18.37 -3.00
CA ASP A 338 19.48 19.27 -3.15
C ASP A 338 20.84 18.65 -2.82
N LEU A 339 20.89 17.73 -1.88
CA LEU A 339 22.15 17.07 -1.57
C LEU A 339 22.54 16.20 -2.78
N ILE A 340 21.58 15.43 -3.30
CA ILE A 340 21.90 14.60 -4.46
C ILE A 340 22.43 15.42 -5.65
N CYS A 341 21.78 16.52 -5.97
CA CYS A 341 22.20 17.37 -7.06
C CYS A 341 23.62 17.89 -6.82
N ASP A 342 23.83 18.36 -5.59
CA ASP A 342 25.14 18.86 -5.23
C ASP A 342 26.22 17.80 -5.43
N GLU A 343 25.98 16.58 -4.98
CA GLU A 343 26.97 15.54 -5.14
C GLU A 343 27.16 15.15 -6.59
N LEU A 344 26.09 15.18 -7.39
CA LEU A 344 26.23 14.84 -8.81
C LEU A 344 27.12 15.91 -9.46
N LEU A 345 26.92 17.17 -9.09
CA LEU A 345 27.75 18.21 -9.65
C LEU A 345 29.23 17.89 -9.28
N ASN A 346 29.49 17.57 -8.00
CA ASN A 346 30.81 17.25 -7.52
C ASN A 346 31.38 16.09 -8.31
N MET A 347 30.59 15.05 -8.58
CA MET A 347 31.13 13.93 -9.34
C MET A 347 31.43 14.30 -10.80
N GLY A 348 31.03 15.50 -11.24
CA GLY A 348 31.26 15.87 -12.62
C GLY A 348 30.11 15.71 -13.64
N TYR A 349 28.87 15.47 -13.18
CA TYR A 349 27.71 15.38 -14.11
C TYR A 349 27.47 16.75 -14.75
N ALA A 350 26.97 16.76 -15.99
CA ALA A 350 26.67 18.00 -16.70
C ALA A 350 25.74 18.85 -15.84
N PRO A 351 26.06 20.14 -15.67
CA PRO A 351 25.19 21.01 -14.85
C PRO A 351 23.79 21.14 -15.38
N TRP A 352 23.65 21.30 -16.69
CA TRP A 352 22.34 21.41 -17.29
C TRP A 352 21.47 20.17 -16.98
N TRP A 353 22.08 18.98 -16.94
CA TRP A 353 21.27 17.80 -16.63
C TRP A 353 20.88 17.77 -15.14
N VAL A 354 21.78 18.23 -14.27
CA VAL A 354 21.44 18.22 -12.85
C VAL A 354 20.31 19.22 -12.64
N LYS A 355 20.35 20.29 -13.41
CA LYS A 355 19.35 21.31 -13.28
C LYS A 355 17.96 20.74 -13.73
N LEU A 356 17.95 19.91 -14.77
CA LEU A 356 16.71 19.33 -15.27
C LEU A 356 16.16 18.46 -14.15
N PHE A 357 17.04 17.65 -13.58
CA PHE A 357 16.68 16.72 -12.53
C PHE A 357 16.16 17.47 -11.30
N GLU A 358 16.91 18.49 -10.87
CA GLU A 358 16.51 19.27 -9.71
C GLU A 358 15.11 19.85 -9.95
N THR A 359 14.94 20.46 -11.12
CA THR A 359 13.65 21.06 -11.45
C THR A 359 12.49 20.06 -11.48
N SER A 360 12.73 18.82 -11.95
CA SER A 360 11.65 17.84 -11.96
C SER A 360 11.19 17.56 -10.53
N LEU A 361 12.02 17.83 -9.52
CA LEU A 361 11.61 17.59 -8.13
C LEU A 361 11.10 18.85 -7.39
N LYS A 362 10.85 19.91 -8.16
CA LYS A 362 10.31 21.16 -7.58
C LYS A 362 9.11 21.71 -8.35
N LEU A 363 8.66 20.94 -9.33
CA LEU A 363 7.58 21.33 -10.20
C LEU A 363 6.16 21.51 -9.66
N PRO A 364 5.44 22.47 -10.23
CA PRO A 364 4.06 22.70 -9.81
C PRO A 364 3.19 21.48 -10.19
N VAL A 365 1.99 21.43 -9.62
CA VAL A 365 1.10 20.34 -9.91
C VAL A 365 -0.23 20.91 -10.30
N TYR A 366 -0.82 20.31 -11.35
CA TYR A 366 -2.13 20.72 -11.79
C TYR A 366 -3.11 19.69 -11.27
N VAL A 367 -4.02 20.18 -10.43
CA VAL A 367 -5.02 19.35 -9.82
C VAL A 367 -6.27 19.34 -10.67
N GLY A 368 -6.64 18.13 -11.08
CA GLY A 368 -7.80 17.93 -11.93
C GLY A 368 -9.15 17.90 -11.24
N ALA A 369 -9.50 16.78 -10.62
CA ALA A 369 -10.83 16.73 -10.02
C ALA A 369 -10.91 15.76 -8.84
N PRO A 370 -10.66 16.27 -7.64
CA PRO A 370 -10.69 15.46 -6.43
C PRO A 370 -12.08 15.12 -5.91
N ALA A 371 -13.06 15.86 -6.40
CA ALA A 371 -14.44 15.66 -5.99
C ALA A 371 -15.29 16.44 -6.96
N PRO A 372 -16.61 16.23 -6.92
CA PRO A 372 -17.52 16.95 -7.82
C PRO A 372 -17.37 18.44 -7.52
N GLU A 373 -17.31 19.28 -8.55
CA GLU A 373 -17.19 20.73 -8.32
C GLU A 373 -15.90 21.22 -7.69
N GLN A 374 -14.82 20.48 -7.88
CA GLN A 374 -13.57 20.88 -7.30
C GLN A 374 -12.41 20.58 -8.23
N GLY A 375 -11.38 21.42 -8.20
CA GLY A 375 -10.22 21.12 -9.02
C GLY A 375 -9.91 22.14 -10.07
N HIS A 376 -9.24 21.69 -11.12
CA HIS A 376 -8.89 22.58 -12.22
C HIS A 376 -8.14 23.79 -11.67
N THR A 377 -7.10 23.48 -10.90
CA THR A 377 -6.28 24.49 -10.28
C THR A 377 -4.82 24.11 -10.36
N LEU A 378 -3.97 25.04 -10.76
CA LEU A 378 -2.53 24.80 -10.84
C LEU A 378 -1.99 25.31 -9.48
N LEU A 379 -1.11 24.52 -8.84
CA LEU A 379 -0.51 24.92 -7.56
C LEU A 379 0.96 25.12 -7.86
N GLY A 380 1.45 26.31 -7.58
CA GLY A 380 2.84 26.62 -7.84
C GLY A 380 3.04 27.38 -9.14
N ASP A 381 4.11 28.15 -9.24
CA ASP A 381 4.33 28.94 -10.43
C ASP A 381 5.33 28.30 -11.38
N PRO A 382 4.90 27.90 -12.59
CA PRO A 382 5.89 27.28 -13.49
C PRO A 382 7.05 28.19 -13.87
N SER A 383 6.88 29.50 -13.75
CA SER A 383 7.98 30.40 -14.11
C SER A 383 9.13 30.24 -13.10
N ASN A 384 8.80 29.74 -11.93
CA ASN A 384 9.82 29.55 -10.92
C ASN A 384 9.51 28.40 -10.02
N PRO A 385 9.79 27.19 -10.50
CA PRO A 385 9.53 25.93 -9.77
C PRO A 385 10.14 25.95 -8.36
N ASP A 386 9.29 25.82 -7.33
CA ASP A 386 9.73 25.85 -5.95
C ASP A 386 8.78 25.13 -4.99
N LEU A 387 8.12 24.08 -5.49
CA LEU A 387 7.21 23.31 -4.64
C LEU A 387 8.06 22.31 -3.81
N GLU A 388 7.49 21.83 -2.70
CA GLU A 388 8.17 20.84 -1.88
C GLU A 388 7.12 19.76 -1.64
N VAL A 389 6.63 19.12 -2.70
CA VAL A 389 5.57 18.11 -2.52
C VAL A 389 6.10 16.83 -1.91
N GLY A 390 7.42 16.74 -1.78
CA GLY A 390 7.94 15.49 -1.32
C GLY A 390 8.35 14.75 -2.61
N LEU A 391 7.95 13.52 -2.79
CA LEU A 391 8.39 12.80 -4.00
C LEU A 391 7.22 12.71 -4.95
N SER A 392 7.41 13.20 -6.15
CA SER A 392 6.35 13.20 -7.16
C SER A 392 6.33 11.84 -7.85
N SER A 393 5.18 11.17 -7.88
CA SER A 393 5.12 9.83 -8.44
C SER A 393 5.51 9.63 -9.92
N GLY A 394 5.28 10.60 -10.78
CA GLY A 394 5.64 10.34 -12.15
C GLY A 394 6.98 10.89 -12.55
N GLN A 395 7.79 11.33 -11.58
CA GLN A 395 9.10 11.85 -11.94
C GLN A 395 9.88 10.66 -12.53
N GLY A 396 10.82 10.90 -13.42
CA GLY A 396 11.46 9.69 -13.98
C GLY A 396 12.29 8.74 -13.10
N ALA A 397 12.51 9.10 -11.84
CA ALA A 397 13.33 8.26 -11.00
C ALA A 397 12.82 8.10 -9.59
N THR A 398 11.51 8.21 -9.40
CA THR A 398 11.02 8.16 -8.03
C THR A 398 11.43 6.93 -7.22
N ASP A 399 11.58 5.79 -7.86
CA ASP A 399 11.98 4.58 -7.13
C ASP A 399 13.42 4.74 -6.63
N LEU A 400 14.29 5.27 -7.48
CA LEU A 400 15.68 5.49 -7.08
C LEU A 400 15.72 6.50 -5.91
N MET A 401 14.86 7.53 -5.97
CA MET A 401 14.86 8.53 -4.90
C MET A 401 14.47 7.94 -3.56
N GLY A 402 13.49 7.04 -3.58
CA GLY A 402 13.05 6.45 -2.33
C GLY A 402 14.03 5.45 -1.79
N THR A 403 14.66 4.76 -2.71
CA THR A 403 15.65 3.77 -2.35
C THR A 403 16.89 4.46 -1.79
N LEU A 404 17.34 5.53 -2.43
CA LEU A 404 18.51 6.25 -1.92
C LEU A 404 18.18 6.81 -0.52
N LEU A 405 17.00 7.39 -0.36
CA LEU A 405 16.67 7.92 0.94
C LEU A 405 16.60 6.86 2.02
N MET A 406 15.75 5.86 1.79
CA MET A 406 15.53 4.80 2.79
C MET A 406 16.69 3.85 3.02
N SER A 407 17.39 3.44 1.97
CA SER A 407 18.49 2.52 2.21
C SER A 407 19.47 3.16 3.21
N ILE A 408 19.81 4.46 3.05
CA ILE A 408 20.72 5.09 3.99
C ILE A 408 20.03 5.28 5.34
N THR A 409 18.76 5.67 5.32
CA THR A 409 18.04 5.85 6.58
C THR A 409 18.08 4.55 7.39
N TYR A 410 17.81 3.42 6.76
CA TYR A 410 17.85 2.15 7.49
C TYR A 410 19.27 1.85 7.98
N LEU A 411 20.30 2.13 7.15
CA LEU A 411 21.68 1.89 7.58
C LEU A 411 21.97 2.74 8.83
N VAL A 412 21.64 4.04 8.75
CA VAL A 412 21.83 4.95 9.89
C VAL A 412 21.13 4.42 11.15
N MET A 413 19.92 3.93 11.01
CA MET A 413 19.20 3.40 12.16
C MET A 413 19.98 2.19 12.74
N GLN A 414 20.68 1.46 11.88
CA GLN A 414 21.43 0.29 12.35
C GLN A 414 22.73 0.72 13.07
N LEU A 415 23.40 1.72 12.50
CA LEU A 415 24.62 2.27 13.08
C LEU A 415 24.26 2.88 14.42
N ASP A 416 23.28 3.77 14.42
CA ASP A 416 22.87 4.46 15.64
C ASP A 416 22.48 3.54 16.75
N HIS A 417 21.65 2.53 16.49
CA HIS A 417 21.22 1.70 17.63
C HIS A 417 21.89 0.36 17.85
N THR A 418 22.73 -0.11 16.94
CA THR A 418 23.31 -1.42 17.16
C THR A 418 24.79 -1.55 16.78
N ALA A 419 25.30 -0.69 15.91
CA ALA A 419 26.68 -0.87 15.53
C ALA A 419 27.59 0.37 15.59
N PRO A 420 27.67 1.01 16.77
CA PRO A 420 28.51 2.21 16.93
C PRO A 420 29.97 1.88 16.64
N HIS A 421 30.31 0.60 16.78
CA HIS A 421 31.67 0.15 16.51
C HIS A 421 32.01 0.20 15.05
N LEU A 422 31.05 0.56 14.21
CA LEU A 422 31.36 0.63 12.79
C LEU A 422 31.60 2.08 12.36
N ASN A 423 31.25 3.04 13.22
CA ASN A 423 31.43 4.45 12.85
C ASN A 423 32.85 4.82 12.46
N SER A 424 33.83 4.24 13.15
CA SER A 424 35.22 4.57 12.88
C SER A 424 35.63 4.20 11.48
N ARG A 425 34.78 3.45 10.78
CA ARG A 425 35.06 3.06 9.38
C ARG A 425 34.58 4.12 8.39
N ILE A 426 33.85 5.13 8.87
CA ILE A 426 33.29 6.18 8.02
C ILE A 426 33.86 7.54 8.43
N LYS A 427 35.00 7.87 7.86
CA LYS A 427 35.74 9.09 8.19
C LYS A 427 35.71 10.15 7.10
N ASP A 428 35.59 9.73 5.86
CA ASP A 428 35.59 10.69 4.77
C ASP A 428 34.89 10.07 3.56
N MET A 429 34.89 10.74 2.41
CA MET A 429 34.21 10.15 1.27
C MET A 429 34.78 8.80 0.85
N PRO A 430 36.12 8.70 0.70
CA PRO A 430 36.64 7.39 0.29
C PRO A 430 36.25 6.24 1.22
N SER A 431 36.36 6.45 2.52
CA SER A 431 36.02 5.37 3.42
C SER A 431 34.51 5.15 3.51
N ALA A 432 33.74 6.23 3.32
CA ALA A 432 32.28 6.10 3.37
C ALA A 432 31.89 5.26 2.15
N CYS A 433 32.46 5.58 1.00
CA CYS A 433 32.17 4.84 -0.21
C CYS A 433 32.50 3.36 -0.04
N ARG A 434 33.68 3.06 0.49
CA ARG A 434 34.11 1.67 0.69
C ARG A 434 33.20 0.93 1.62
N PHE A 435 32.81 1.62 2.70
CA PHE A 435 31.95 0.98 3.65
C PHE A 435 30.53 0.67 3.09
N LEU A 436 29.98 1.61 2.31
CA LEU A 436 28.62 1.47 1.78
C LEU A 436 28.66 0.38 0.73
N ASP A 437 29.73 0.40 -0.06
CA ASP A 437 29.91 -0.61 -1.09
C ASP A 437 29.86 -2.00 -0.45
N SER A 438 30.65 -2.21 0.58
CA SER A 438 30.66 -3.48 1.27
C SER A 438 29.31 -3.81 1.94
N TYR A 439 28.69 -2.80 2.52
CA TYR A 439 27.41 -3.00 3.20
C TYR A 439 26.34 -3.42 2.22
N TRP A 440 26.27 -2.73 1.07
CA TRP A 440 25.28 -2.99 0.06
C TRP A 440 25.46 -4.34 -0.59
N GLN A 441 26.67 -4.91 -0.51
CA GLN A 441 26.87 -6.22 -1.11
C GLN A 441 26.61 -7.35 -0.14
N GLY A 442 26.13 -7.03 1.04
CA GLY A 442 25.83 -8.06 2.03
C GLY A 442 27.04 -8.58 2.79
N HIS A 443 28.17 -7.86 2.70
CA HIS A 443 29.38 -8.28 3.40
C HIS A 443 29.58 -7.79 4.82
N GLU A 444 28.62 -7.07 5.40
CA GLU A 444 28.83 -6.61 6.77
C GLU A 444 27.98 -7.43 7.71
N GLU A 445 28.19 -7.24 9.00
CA GLU A 445 27.46 -7.97 10.02
C GLU A 445 26.03 -7.42 10.16
N ILE A 446 25.80 -6.24 9.58
CA ILE A 446 24.45 -5.67 9.57
C ILE A 446 24.12 -5.67 8.07
N ARG A 447 22.87 -5.97 7.72
CA ARG A 447 22.48 -5.99 6.31
C ARG A 447 21.03 -5.58 6.09
N GLN A 448 20.67 -5.39 4.82
CA GLN A 448 19.30 -5.05 4.50
C GLN A 448 18.93 -5.48 3.09
N ILE A 449 17.64 -5.73 2.92
CA ILE A 449 17.13 -5.99 1.56
C ILE A 449 16.03 -4.94 1.50
N SER A 450 16.01 -4.19 0.42
CA SER A 450 14.99 -3.15 0.34
C SER A 450 14.70 -2.63 -1.06
N LYS A 451 13.57 -1.92 -1.14
CA LYS A 451 13.15 -1.23 -2.37
C LYS A 451 12.30 -0.09 -1.84
N SER A 452 12.81 1.14 -2.00
CA SER A 452 12.12 2.32 -1.47
C SER A 452 11.73 2.10 -0.01
N ASP A 453 10.46 2.36 0.33
CA ASP A 453 10.04 2.16 1.71
C ASP A 453 9.74 0.75 2.17
N ASP A 454 10.03 -0.27 1.35
CA ASP A 454 9.81 -1.64 1.83
C ASP A 454 11.19 -2.23 2.11
N ALA A 455 11.34 -2.83 3.28
CA ALA A 455 12.65 -3.40 3.61
C ALA A 455 12.67 -4.36 4.76
N MET A 456 13.74 -5.15 4.78
CA MET A 456 13.99 -6.05 5.88
C MET A 456 15.43 -5.85 6.27
N LEU A 457 15.60 -5.60 7.58
CA LEU A 457 16.90 -5.32 8.17
C LEU A 457 17.44 -6.58 8.90
N GLY A 458 18.70 -6.89 8.61
CA GLY A 458 19.34 -8.05 9.20
C GLY A 458 20.63 -7.87 9.99
N TRP A 459 20.79 -8.82 10.92
CA TRP A 459 21.96 -8.90 11.81
C TRP A 459 22.46 -10.34 11.80
N THR A 460 23.73 -10.54 11.48
CA THR A 460 24.29 -11.88 11.56
C THR A 460 24.78 -11.96 13.01
N LYS A 461 25.58 -12.97 13.32
CA LYS A 461 26.11 -13.12 14.68
C LYS A 461 27.17 -12.03 14.83
N GLY A 462 27.25 -11.45 16.03
CA GLY A 462 28.26 -10.41 16.24
C GLY A 462 27.96 -9.36 17.29
N ARG A 463 28.81 -8.34 17.29
CA ARG A 463 28.62 -7.27 18.25
C ARG A 463 27.30 -6.50 18.10
N ALA A 464 26.89 -6.28 16.85
CA ALA A 464 25.65 -5.54 16.55
C ALA A 464 24.36 -6.24 16.98
N LEU A 465 24.38 -7.58 16.93
CA LEU A 465 23.20 -8.37 17.25
C LEU A 465 22.44 -8.02 18.52
N VAL A 466 23.17 -7.83 19.59
CA VAL A 466 22.47 -7.53 20.83
C VAL A 466 21.73 -6.21 20.67
N GLY A 467 22.33 -5.27 19.94
CA GLY A 467 21.69 -3.98 19.67
C GLY A 467 20.45 -4.17 18.80
N GLY A 468 20.59 -5.01 17.77
CA GLY A 468 19.47 -5.34 16.91
C GLY A 468 18.26 -5.72 17.74
N HIS A 469 18.44 -6.59 18.74
CA HIS A 469 17.29 -6.98 19.55
C HIS A 469 16.76 -5.84 20.36
N ARG A 470 17.63 -4.93 20.78
CA ARG A 470 17.15 -3.79 21.55
C ARG A 470 16.37 -2.86 20.59
N LEU A 471 16.84 -2.75 19.33
CA LEU A 471 16.16 -1.90 18.37
C LEU A 471 14.72 -2.42 18.11
N PHE A 472 14.63 -3.72 17.86
CA PHE A 472 13.37 -4.38 17.61
C PHE A 472 12.42 -4.08 18.77
N GLU A 473 12.93 -4.25 19.98
CA GLU A 473 12.15 -4.02 21.17
C GLU A 473 11.68 -2.55 21.23
N MET A 474 12.55 -1.62 20.81
CA MET A 474 12.20 -0.20 20.78
C MET A 474 11.01 0.00 19.81
N LEU A 475 11.13 -0.63 18.65
CA LEU A 475 10.10 -0.59 17.62
C LEU A 475 8.84 -1.20 18.17
N LYS A 476 8.94 -2.34 18.87
CA LYS A 476 7.72 -2.92 19.42
C LYS A 476 7.08 -1.98 20.43
N GLU A 477 7.85 -1.34 21.29
CA GLU A 477 7.23 -0.44 22.26
C GLU A 477 6.67 0.76 21.56
N GLY A 478 7.31 1.13 20.46
CA GLY A 478 6.86 2.24 19.66
C GLY A 478 6.56 3.56 20.34
N LYS A 479 7.45 4.03 21.19
CA LYS A 479 7.20 5.32 21.81
C LYS A 479 8.23 6.29 21.28
N VAL A 480 9.31 5.78 20.70
CA VAL A 480 10.33 6.67 20.19
C VAL A 480 10.61 6.38 18.73
N ASN A 481 10.63 7.41 17.90
CA ASN A 481 10.95 7.14 16.51
C ASN A 481 12.45 6.84 16.48
N PRO A 482 12.86 5.73 15.85
CA PRO A 482 14.28 5.34 15.77
C PRO A 482 15.12 6.07 14.73
N SER A 483 14.48 6.90 13.93
CA SER A 483 15.22 7.60 12.90
C SER A 483 14.93 9.07 12.99
N PRO A 484 15.91 9.91 12.63
CA PRO A 484 15.67 11.36 12.67
C PRO A 484 15.06 11.80 11.31
N TYR A 485 15.19 10.95 10.30
CA TYR A 485 14.75 11.29 8.94
C TYR A 485 13.33 11.04 8.45
N MET A 486 12.75 9.91 8.87
CA MET A 486 11.37 9.53 8.51
C MET A 486 10.75 8.83 9.72
N LYS A 487 9.43 8.63 9.72
CA LYS A 487 8.77 7.90 10.80
C LYS A 487 8.82 6.40 10.48
N ILE A 488 9.66 5.67 11.22
CA ILE A 488 9.82 4.23 11.03
C ILE A 488 9.15 3.48 12.19
N SER A 489 8.54 2.33 11.92
CA SER A 489 7.97 1.47 12.96
C SER A 489 8.13 0.05 12.41
N TYR A 490 7.58 -0.97 13.07
CA TYR A 490 7.72 -2.32 12.50
C TYR A 490 6.44 -2.64 11.75
N GLU A 491 6.54 -3.40 10.66
CA GLU A 491 5.35 -3.78 9.89
C GLU A 491 4.56 -4.85 10.68
N HIS A 492 3.26 -4.63 10.90
CA HIS A 492 2.44 -5.61 11.62
C HIS A 492 2.02 -6.73 10.64
N GLY A 493 2.82 -7.80 10.63
CA GLY A 493 2.61 -8.88 9.70
C GLY A 493 3.71 -8.61 8.67
N GLY A 494 4.95 -8.78 9.08
CA GLY A 494 6.07 -8.51 8.21
C GLY A 494 6.08 -9.22 6.88
N ALA A 495 6.36 -8.45 5.83
CA ALA A 495 6.42 -8.93 4.47
C ALA A 495 7.42 -8.10 3.69
N PHE A 496 7.84 -8.59 2.53
CA PHE A 496 8.78 -7.86 1.72
C PHE A 496 8.46 -8.04 0.25
N LEU A 497 8.06 -6.97 -0.41
CA LEU A 497 7.75 -7.01 -1.81
C LEU A 497 6.62 -8.00 -2.10
N GLY A 498 5.57 -7.96 -1.28
CA GLY A 498 4.42 -8.84 -1.50
C GLY A 498 4.42 -10.20 -0.83
N ASP A 499 5.62 -10.70 -0.50
CA ASP A 499 5.76 -12.00 0.17
C ASP A 499 5.88 -11.89 1.69
N ILE A 500 5.00 -12.64 2.37
CA ILE A 500 4.96 -12.68 3.80
C ILE A 500 6.08 -13.57 4.32
N LEU A 501 6.82 -13.09 5.31
CA LEU A 501 7.87 -13.91 5.88
C LEU A 501 7.17 -14.76 6.95
N LEU A 502 6.99 -16.05 6.64
CA LEU A 502 6.33 -17.02 7.56
C LEU A 502 7.34 -17.68 8.52
N TYR A 503 7.10 -17.47 9.80
CA TYR A 503 7.97 -17.99 10.83
C TYR A 503 7.31 -19.22 11.46
N ASP A 504 8.10 -20.13 12.05
CA ASP A 504 7.52 -21.26 12.75
C ASP A 504 7.59 -20.95 14.25
N SER A 505 7.53 -21.98 15.09
CA SER A 505 7.56 -21.74 16.54
C SER A 505 8.89 -21.16 17.06
N ARG A 506 9.99 -21.39 16.33
CA ARG A 506 11.30 -20.87 16.72
C ARG A 506 11.25 -19.35 16.71
N ARG A 507 10.54 -18.82 15.71
CA ARG A 507 10.42 -17.39 15.46
C ARG A 507 11.80 -16.87 15.14
N GLU A 508 12.47 -17.51 14.18
CA GLU A 508 13.82 -17.12 13.78
C GLU A 508 13.96 -17.20 12.28
N PRO A 509 14.70 -16.26 11.71
CA PRO A 509 14.97 -16.15 10.27
C PRO A 509 15.36 -17.46 9.62
N GLY A 510 16.24 -18.21 10.28
CA GLY A 510 16.72 -19.48 9.75
C GLY A 510 15.66 -20.52 9.42
N SER A 511 14.65 -20.66 10.29
CA SER A 511 13.58 -21.61 10.07
C SER A 511 12.31 -20.95 9.53
N ALA A 512 12.44 -19.79 8.91
CA ALA A 512 11.27 -19.12 8.39
C ALA A 512 11.30 -19.15 6.87
N ILE A 513 10.15 -18.98 6.25
CA ILE A 513 10.09 -19.00 4.79
C ILE A 513 9.21 -17.90 4.25
N PHE A 514 9.42 -17.60 2.97
CA PHE A 514 8.62 -16.59 2.30
C PHE A 514 7.46 -17.23 1.53
N VAL A 515 6.24 -16.82 1.85
CA VAL A 515 5.10 -17.35 1.12
C VAL A 515 4.36 -16.20 0.48
N GLY A 516 3.50 -16.47 -0.50
CA GLY A 516 2.76 -15.40 -1.12
C GLY A 516 1.76 -14.85 -0.12
N ASN A 517 1.20 -13.69 -0.39
CA ASN A 517 0.19 -13.16 0.54
C ASN A 517 -1.15 -13.63 -0.06
N ILE A 518 -1.83 -14.56 0.63
CA ILE A 518 -3.09 -15.07 0.10
C ILE A 518 -4.12 -13.95 -0.06
N ASN A 519 -4.10 -12.97 0.83
CA ASN A 519 -5.03 -11.86 0.72
C ASN A 519 -4.83 -11.11 -0.58
N SER A 520 -3.61 -11.05 -1.08
CA SER A 520 -3.38 -10.35 -2.33
C SER A 520 -3.95 -11.10 -3.54
N MET A 521 -4.06 -12.43 -3.42
CA MET A 521 -4.60 -13.25 -4.53
C MET A 521 -6.02 -12.80 -4.68
N LEU A 522 -6.69 -12.73 -3.52
CA LEU A 522 -8.06 -12.28 -3.45
C LEU A 522 -8.20 -10.80 -3.94
N ASN A 523 -7.30 -9.90 -3.52
CA ASN A 523 -7.40 -8.53 -4.01
C ASN A 523 -7.30 -8.46 -5.54
N ASN A 524 -6.34 -9.20 -6.09
CA ASN A 524 -6.16 -9.18 -7.52
C ASN A 524 -7.30 -9.85 -8.30
N GLN A 525 -7.96 -10.86 -7.76
CA GLN A 525 -9.00 -11.52 -8.56
C GLN A 525 -10.35 -10.90 -8.40
N PHE A 526 -10.61 -10.37 -7.23
CA PHE A 526 -11.92 -9.83 -7.02
C PHE A 526 -12.02 -8.34 -6.89
N SER A 527 -10.86 -7.67 -6.73
CA SER A 527 -10.82 -6.21 -6.63
C SER A 527 -9.73 -5.56 -7.49
N PRO A 528 -9.73 -5.86 -8.78
CA PRO A 528 -8.68 -5.20 -9.55
C PRO A 528 -8.83 -3.65 -9.52
N GLU A 529 -7.78 -2.95 -9.88
CA GLU A 529 -7.81 -1.49 -9.87
C GLU A 529 -8.46 -0.88 -11.06
N TYR A 530 -8.51 -1.63 -12.14
CA TYR A 530 -9.10 -1.13 -13.35
C TYR A 530 -10.02 -2.13 -13.96
N GLY A 531 -10.95 -1.65 -14.81
CA GLY A 531 -11.83 -2.56 -15.51
C GLY A 531 -11.04 -3.22 -16.64
N VAL A 532 -11.69 -4.10 -17.41
CA VAL A 532 -11.01 -4.80 -18.48
C VAL A 532 -10.85 -3.99 -19.73
N GLN A 533 -11.36 -2.76 -19.71
CA GLN A 533 -11.31 -1.83 -20.85
C GLN A 533 -11.56 -2.55 -22.16
N SER A 534 -12.72 -3.20 -22.35
CA SER A 534 -12.87 -3.95 -23.61
C SER A 534 -13.08 -3.12 -24.86
N GLY A 535 -13.32 -1.83 -24.69
CA GLY A 535 -13.48 -0.96 -25.84
C GLY A 535 -12.12 -0.57 -26.42
N VAL A 536 -11.03 -0.95 -25.76
CA VAL A 536 -9.70 -0.63 -26.25
C VAL A 536 -9.20 -1.83 -27.04
N ARG A 537 -9.13 -1.66 -28.37
CA ARG A 537 -8.72 -2.72 -29.30
C ARG A 537 -7.37 -3.32 -29.03
N ASP A 538 -6.36 -2.46 -28.97
CA ASP A 538 -5.00 -2.90 -28.72
C ASP A 538 -4.88 -3.31 -27.27
N ARG A 539 -4.92 -4.61 -27.03
CA ARG A 539 -4.86 -5.11 -25.66
C ARG A 539 -3.63 -4.66 -24.95
N SER A 540 -2.55 -4.54 -25.72
CA SER A 540 -1.27 -4.15 -25.12
C SER A 540 -1.39 -2.75 -24.50
N LYS A 541 -2.35 -1.95 -24.94
CA LYS A 541 -2.47 -0.62 -24.36
C LYS A 541 -3.39 -0.57 -23.13
N ARG A 542 -4.07 -1.68 -22.80
CA ARG A 542 -4.97 -1.75 -21.65
C ARG A 542 -4.26 -1.80 -20.31
N LYS A 543 -4.91 -1.39 -19.23
CA LYS A 543 -4.23 -1.47 -17.94
C LYS A 543 -4.13 -2.93 -17.58
N ARG A 544 -5.08 -3.74 -18.05
CA ARG A 544 -5.04 -5.20 -17.79
C ARG A 544 -5.15 -5.91 -19.15
N PRO A 545 -4.03 -6.03 -19.88
CA PRO A 545 -4.00 -6.66 -21.21
C PRO A 545 -4.62 -8.05 -21.38
N PHE A 546 -4.26 -9.00 -20.51
CA PHE A 546 -4.75 -10.38 -20.59
C PHE A 546 -5.11 -10.95 -19.20
N PRO A 547 -6.20 -10.45 -18.62
CA PRO A 547 -6.64 -10.90 -17.27
C PRO A 547 -6.59 -12.41 -17.03
N GLY A 548 -6.95 -13.17 -18.06
CA GLY A 548 -7.01 -14.63 -17.94
C GLY A 548 -5.75 -15.37 -17.58
N LEU A 549 -4.59 -14.83 -17.93
CA LEU A 549 -3.31 -15.48 -17.66
C LEU A 549 -2.97 -15.63 -16.19
N ALA A 550 -3.42 -14.73 -15.32
CA ALA A 550 -3.08 -14.85 -13.91
C ALA A 550 -3.50 -16.20 -13.31
N TRP A 551 -4.43 -16.88 -13.99
CA TRP A 551 -4.91 -18.16 -13.53
C TRP A 551 -3.79 -19.21 -13.62
N ALA A 552 -2.96 -19.06 -14.67
CA ALA A 552 -1.84 -19.97 -14.91
C ALA A 552 -0.65 -19.73 -13.97
N SER A 553 -0.59 -18.58 -13.30
CA SER A 553 0.53 -18.32 -12.40
C SER A 553 0.06 -18.36 -10.96
N MET A 554 -1.21 -18.61 -10.76
CA MET A 554 -1.73 -18.64 -9.41
C MET A 554 -1.02 -19.64 -8.46
N LYS A 555 -0.89 -20.89 -8.89
CA LYS A 555 -0.24 -21.94 -8.08
C LYS A 555 1.19 -21.50 -7.76
N ASP A 556 1.88 -21.03 -8.79
CA ASP A 556 3.23 -20.55 -8.62
C ASP A 556 3.41 -19.44 -7.57
N THR A 557 2.56 -18.44 -7.67
CA THR A 557 2.58 -17.30 -6.79
C THR A 557 2.03 -17.57 -5.41
N TYR A 558 0.89 -18.26 -5.32
CA TYR A 558 0.27 -18.48 -4.00
C TYR A 558 0.25 -19.92 -3.43
N GLY A 559 0.72 -20.87 -4.22
CA GLY A 559 0.72 -22.27 -3.78
C GLY A 559 1.26 -22.51 -2.38
N ALA A 560 2.32 -21.80 -2.00
CA ALA A 560 2.92 -22.01 -0.68
C ALA A 560 2.15 -21.44 0.46
N CYS A 561 1.07 -20.72 0.20
CA CYS A 561 0.34 -20.16 1.34
C CYS A 561 -0.33 -21.28 2.13
N PRO A 562 -0.04 -21.35 3.42
CA PRO A 562 -0.64 -22.39 4.27
C PRO A 562 -2.12 -22.71 3.94
N ILE A 563 -2.97 -21.69 3.76
CA ILE A 563 -4.38 -21.92 3.47
C ILE A 563 -4.80 -21.85 1.99
N TYR A 564 -3.84 -21.97 1.08
CA TYR A 564 -4.14 -21.87 -0.33
C TYR A 564 -5.38 -22.66 -0.76
N SER A 565 -5.32 -23.99 -0.62
CA SER A 565 -6.43 -24.86 -1.03
C SER A 565 -7.74 -24.52 -0.41
N ASP A 566 -7.70 -24.14 0.85
CA ASP A 566 -8.95 -23.80 1.51
C ASP A 566 -9.61 -22.57 0.90
N VAL A 567 -8.78 -21.63 0.44
CA VAL A 567 -9.30 -20.40 -0.12
C VAL A 567 -9.91 -20.71 -1.48
N LEU A 568 -9.18 -21.47 -2.31
CA LEU A 568 -9.73 -21.85 -3.61
C LEU A 568 -11.08 -22.54 -3.41
N GLU A 569 -11.15 -23.47 -2.45
CA GLU A 569 -12.40 -24.16 -2.19
C GLU A 569 -13.48 -23.25 -1.64
N ALA A 570 -13.15 -22.31 -0.74
CA ALA A 570 -14.23 -21.43 -0.26
C ALA A 570 -14.75 -20.55 -1.44
N ILE A 571 -13.83 -20.15 -2.32
CA ILE A 571 -14.16 -19.35 -3.48
C ILE A 571 -15.17 -20.14 -4.34
N GLU A 572 -14.79 -21.37 -4.68
CA GLU A 572 -15.63 -22.23 -5.52
C GLU A 572 -17.03 -22.38 -4.96
N ARG A 573 -17.09 -22.66 -3.67
CA ARG A 573 -18.34 -22.84 -3.00
C ARG A 573 -19.14 -21.54 -2.99
N CYS A 574 -18.50 -20.42 -2.70
CA CYS A 574 -19.25 -19.16 -2.65
C CYS A 574 -19.65 -18.68 -4.04
N TRP A 575 -18.86 -19.03 -5.05
CA TRP A 575 -19.16 -18.62 -6.42
C TRP A 575 -20.37 -19.43 -6.84
N TRP A 576 -20.42 -20.70 -6.45
CA TRP A 576 -21.58 -21.52 -6.76
C TRP A 576 -22.83 -20.90 -6.16
N ASN A 577 -22.78 -20.53 -4.89
CA ASN A 577 -23.96 -19.95 -4.29
C ASN A 577 -24.40 -18.67 -4.94
N ALA A 578 -23.43 -17.89 -5.42
CA ALA A 578 -23.76 -16.61 -5.99
C ALA A 578 -24.10 -16.61 -7.48
N PHE A 579 -23.40 -17.44 -8.24
CA PHE A 579 -23.59 -17.48 -9.67
C PHE A 579 -24.11 -18.81 -10.26
N GLY A 580 -24.29 -19.84 -9.43
CA GLY A 580 -24.72 -21.13 -9.96
C GLY A 580 -23.76 -21.70 -11.02
N GLU A 581 -22.44 -21.46 -10.87
CA GLU A 581 -21.45 -21.93 -11.84
C GLU A 581 -20.21 -22.27 -11.08
N SER A 582 -19.25 -22.91 -11.75
CA SER A 582 -17.96 -23.26 -11.16
C SER A 582 -16.98 -22.14 -11.49
N TYR A 583 -16.38 -21.54 -10.46
CA TYR A 583 -15.44 -20.45 -10.64
C TYR A 583 -14.21 -20.97 -11.40
N ARG A 584 -13.74 -22.14 -11.01
CA ARG A 584 -12.59 -22.76 -11.66
C ARG A 584 -12.78 -22.90 -13.16
N ALA A 585 -13.98 -23.36 -13.52
CA ALA A 585 -14.28 -23.54 -14.94
C ALA A 585 -14.33 -22.17 -15.65
N TYR A 586 -14.92 -21.19 -14.97
CA TYR A 586 -15.00 -19.84 -15.51
C TYR A 586 -13.58 -19.32 -15.82
N ARG A 587 -12.66 -19.52 -14.88
CA ARG A 587 -11.28 -19.07 -15.07
C ARG A 587 -10.55 -19.86 -16.15
N GLU A 588 -10.79 -21.18 -16.21
CA GLU A 588 -10.11 -21.98 -17.23
C GLU A 588 -10.50 -21.44 -18.61
N ASP A 589 -11.76 -21.08 -18.78
CA ASP A 589 -12.15 -20.54 -20.08
C ASP A 589 -11.49 -19.20 -20.36
N MET A 590 -11.51 -18.31 -19.37
CA MET A 590 -10.89 -17.02 -19.55
C MET A 590 -9.39 -17.23 -19.89
N LEU A 591 -8.77 -18.21 -19.18
CA LEU A 591 -7.37 -18.55 -19.42
C LEU A 591 -7.17 -19.03 -20.86
N LYS A 592 -8.06 -19.91 -21.36
CA LYS A 592 -7.92 -20.36 -22.75
C LYS A 592 -8.09 -19.21 -23.75
N ARG A 593 -9.14 -18.42 -23.56
CA ARG A 593 -9.37 -17.29 -24.46
C ARG A 593 -8.19 -16.31 -24.54
N ASP A 594 -7.67 -15.91 -23.38
CA ASP A 594 -6.58 -14.94 -23.39
C ASP A 594 -5.31 -15.56 -23.91
N THR A 595 -5.13 -16.87 -23.72
CA THR A 595 -3.92 -17.49 -24.28
C THR A 595 -3.91 -17.38 -25.82
N LEU A 596 -5.07 -17.48 -26.44
CA LEU A 596 -5.16 -17.38 -27.89
C LEU A 596 -5.00 -15.96 -28.33
N GLU A 597 -5.60 -15.04 -27.58
CA GLU A 597 -5.51 -13.65 -27.96
C GLU A 597 -4.04 -13.18 -27.87
N LEU A 598 -3.30 -13.74 -26.91
CA LEU A 598 -1.89 -13.38 -26.72
C LEU A 598 -0.99 -13.67 -27.92
N SER A 599 -1.23 -14.80 -28.57
CA SER A 599 -0.42 -15.17 -29.71
C SER A 599 -0.48 -14.13 -30.82
N ARG A 600 -1.53 -13.32 -30.85
CA ARG A 600 -1.68 -12.27 -31.86
C ARG A 600 -0.73 -11.09 -31.61
N TYR A 601 -0.15 -11.05 -30.43
CA TYR A 601 0.74 -9.94 -30.06
C TYR A 601 2.19 -10.37 -29.99
N VAL A 602 2.40 -11.64 -29.65
CA VAL A 602 3.74 -12.15 -29.56
C VAL A 602 4.11 -12.75 -30.91
N ALA A 603 5.21 -12.24 -31.46
CA ALA A 603 5.75 -12.69 -32.73
C ALA A 603 6.07 -14.19 -32.59
N SER A 604 7.05 -14.48 -31.73
CA SER A 604 7.51 -15.85 -31.46
C SER A 604 6.42 -16.84 -31.08
N MET A 605 5.19 -16.39 -31.00
CA MET A 605 4.12 -17.30 -30.67
C MET A 605 3.34 -17.64 -31.92
N ALA A 606 3.22 -18.95 -32.14
CA ALA A 606 2.49 -19.47 -33.27
C ALA A 606 1.06 -19.01 -33.01
N ARG A 607 0.22 -18.95 -34.04
CA ARG A 607 -1.18 -18.53 -33.90
C ARG A 607 -2.00 -19.48 -32.99
N GLN A 608 -1.30 -20.07 -32.00
CA GLN A 608 -1.86 -21.00 -31.00
C GLN A 608 -0.78 -21.78 -30.19
N ALA A 609 0.49 -21.38 -30.30
CA ALA A 609 1.52 -22.07 -29.54
C ALA A 609 1.15 -21.75 -28.09
N GLY A 610 1.36 -22.71 -27.19
CA GLY A 610 0.99 -22.52 -25.78
C GLY A 610 1.76 -21.52 -24.92
N LEU A 611 1.46 -21.53 -23.63
CA LEU A 611 2.12 -20.64 -22.68
C LEU A 611 3.45 -21.26 -22.28
N ALA A 612 3.72 -22.39 -22.90
CA ALA A 612 4.92 -23.17 -22.64
C ALA A 612 6.17 -22.39 -22.18
N GLU A 613 6.58 -21.43 -22.99
CA GLU A 613 7.79 -20.69 -22.65
C GLU A 613 7.76 -19.62 -21.56
N LEU A 614 6.59 -19.08 -21.26
CA LEU A 614 6.44 -18.00 -20.27
C LEU A 614 6.55 -18.33 -18.78
N THR A 615 7.26 -17.47 -18.06
CA THR A 615 7.44 -17.65 -16.64
C THR A 615 6.28 -17.09 -15.87
N PRO A 616 6.17 -17.46 -14.58
CA PRO A 616 5.09 -16.95 -13.75
C PRO A 616 5.08 -15.42 -13.80
N ILE A 617 6.28 -14.84 -13.75
CA ILE A 617 6.43 -13.41 -13.77
C ILE A 617 5.82 -12.85 -15.04
N ASP A 618 6.13 -13.47 -16.18
CA ASP A 618 5.61 -13.04 -17.48
C ASP A 618 4.08 -12.93 -17.46
N LEU A 619 3.47 -13.93 -16.89
CA LEU A 619 2.03 -13.99 -16.83
C LEU A 619 1.44 -12.94 -15.89
N GLU A 620 1.96 -12.87 -14.67
CA GLU A 620 1.45 -11.88 -13.72
C GLU A 620 1.52 -10.48 -14.36
N VAL A 621 2.61 -10.21 -15.09
CA VAL A 621 2.81 -8.92 -15.75
C VAL A 621 1.89 -8.70 -16.95
N LEU A 622 1.54 -9.77 -17.65
CA LEU A 622 0.65 -9.62 -18.82
C LEU A 622 -0.80 -9.37 -18.33
N ALA A 623 -1.09 -9.86 -17.13
CA ALA A 623 -2.42 -9.68 -16.56
C ALA A 623 -2.53 -8.36 -15.80
N ASP A 624 -1.37 -7.81 -15.44
CA ASP A 624 -1.31 -6.60 -14.65
C ASP A 624 0.08 -5.91 -14.78
N PRO A 625 0.35 -5.25 -15.91
CA PRO A 625 1.64 -4.55 -16.17
C PRO A 625 2.05 -3.52 -15.06
N ASN A 626 1.09 -3.19 -14.22
CA ASN A 626 1.31 -2.30 -13.11
C ASN A 626 2.41 -2.85 -12.22
N LYS A 627 2.48 -4.17 -12.06
CA LYS A 627 3.53 -4.76 -11.24
C LYS A 627 4.94 -4.44 -11.78
N LEU A 628 5.03 -4.06 -13.05
CA LEU A 628 6.32 -3.73 -13.66
C LEU A 628 6.81 -2.33 -13.20
N GLN A 629 5.92 -1.60 -12.52
CA GLN A 629 6.25 -0.28 -12.04
C GLN A 629 6.34 -0.22 -10.49
N TYR A 630 6.59 -1.35 -9.84
CA TYR A 630 6.72 -1.34 -8.38
C TYR A 630 7.24 -2.64 -7.83
N LYS A 631 7.24 -3.69 -8.64
CA LYS A 631 7.63 -5.01 -8.15
C LYS A 631 8.78 -5.64 -8.90
N TRP A 632 8.72 -5.57 -10.22
CA TRP A 632 9.75 -6.14 -11.05
C TRP A 632 10.32 -5.10 -12.00
N THR A 633 11.35 -5.49 -12.73
CA THR A 633 12.00 -4.60 -13.65
C THR A 633 12.14 -5.33 -14.98
N GLU A 634 12.22 -4.56 -16.06
CA GLU A 634 12.35 -5.13 -17.38
C GLU A 634 13.16 -6.41 -17.41
N ALA A 635 14.24 -6.40 -16.66
CA ALA A 635 15.14 -7.53 -16.63
C ALA A 635 14.49 -8.86 -16.20
N ASP A 636 13.50 -8.79 -15.31
CA ASP A 636 12.86 -10.01 -14.79
C ASP A 636 11.81 -10.64 -15.71
N VAL A 637 11.51 -9.95 -16.81
CA VAL A 637 10.53 -10.39 -17.78
C VAL A 637 11.17 -10.83 -19.10
N SER A 638 10.72 -11.96 -19.63
CA SER A 638 11.24 -12.46 -20.91
C SER A 638 11.22 -11.33 -21.95
N ALA A 639 12.06 -11.41 -22.96
CA ALA A 639 12.15 -10.33 -23.92
C ALA A 639 11.04 -10.24 -24.94
N ASN A 640 10.57 -11.38 -25.40
CA ASN A 640 9.49 -11.37 -26.39
C ASN A 640 8.24 -10.79 -25.73
N ILE A 641 8.14 -10.92 -24.41
CA ILE A 641 7.01 -10.39 -23.67
C ILE A 641 7.17 -8.90 -23.41
N HIS A 642 8.35 -8.49 -22.95
CA HIS A 642 8.62 -7.09 -22.68
C HIS A 642 8.28 -6.22 -23.92
N GLU A 643 8.50 -6.74 -25.12
CA GLU A 643 8.18 -5.98 -26.34
C GLU A 643 6.68 -5.80 -26.58
N VAL A 644 5.86 -6.57 -25.88
CA VAL A 644 4.41 -6.45 -26.02
C VAL A 644 3.96 -5.21 -25.29
N LEU A 645 4.65 -4.95 -24.18
CA LEU A 645 4.33 -3.87 -23.30
C LEU A 645 5.13 -2.58 -23.49
N MET A 646 6.30 -2.67 -24.10
CA MET A 646 7.17 -1.50 -24.27
C MET A 646 7.77 -1.33 -25.65
N HIS A 647 8.18 -0.11 -25.92
CA HIS A 647 8.85 0.21 -27.15
C HIS A 647 10.02 1.12 -26.79
N GLY A 648 11.07 1.11 -27.59
CA GLY A 648 12.17 1.96 -27.21
C GLY A 648 12.73 2.93 -28.22
N VAL A 649 13.52 3.86 -27.72
CA VAL A 649 14.23 4.83 -28.53
C VAL A 649 15.57 4.11 -28.86
N SER A 650 16.21 4.44 -29.98
CA SER A 650 17.48 3.76 -30.34
C SER A 650 18.61 3.88 -29.30
N VAL A 651 19.43 2.82 -29.19
CA VAL A 651 20.55 2.84 -28.24
C VAL A 651 21.57 3.88 -28.63
N GLU A 652 21.62 4.22 -29.91
CA GLU A 652 22.58 5.19 -30.41
C GLU A 652 22.17 6.56 -30.00
N LYS A 653 20.87 6.81 -29.94
CA LYS A 653 20.41 8.13 -29.55
C LYS A 653 20.62 8.33 -28.07
N THR A 654 20.36 7.29 -27.27
CA THR A 654 20.54 7.46 -25.84
C THR A 654 22.01 7.39 -25.45
N GLU A 655 22.79 6.65 -26.23
CA GLU A 655 24.20 6.49 -25.96
C GLU A 655 24.90 7.84 -26.12
N ARG A 656 24.54 8.53 -27.18
CA ARG A 656 25.12 9.82 -27.45
C ARG A 656 24.66 10.84 -26.39
N PHE A 657 23.46 10.65 -25.87
CA PHE A 657 22.92 11.55 -24.84
C PHE A 657 23.61 11.25 -23.47
N LEU A 658 23.73 9.99 -23.12
CA LEU A 658 24.35 9.65 -21.85
C LEU A 658 25.77 10.23 -21.75
N ARG A 659 26.54 10.05 -22.83
CA ARG A 659 27.89 10.53 -22.93
C ARG A 659 27.97 12.03 -22.59
N SER A 660 27.04 12.82 -23.11
CA SER A 660 27.07 14.26 -22.86
C SER A 660 26.69 14.62 -21.40
N VAL A 661 26.08 13.66 -20.70
CA VAL A 661 25.63 13.85 -19.32
C VAL A 661 26.67 13.43 -18.30
N MET A 662 27.17 12.23 -18.46
CA MET A 662 28.14 11.75 -17.52
C MET A 662 29.51 12.39 -17.56
N PRO A 663 30.26 12.25 -16.47
CA PRO A 663 31.63 12.80 -16.32
C PRO A 663 32.60 12.00 -17.16
N ARG A 664 32.38 10.68 -17.07
CA ARG A 664 33.12 9.59 -17.76
C ARG A 664 32.27 8.31 -17.61
N PRO B 1 -63.13 -21.07 -20.86
CA PRO B 1 -63.56 -22.48 -21.22
C PRO B 1 -62.48 -23.60 -21.18
N ARG B 2 -62.20 -24.00 -19.94
CA ARG B 2 -61.22 -25.02 -19.52
C ARG B 2 -59.83 -24.44 -19.50
N ARG B 3 -59.41 -23.92 -18.37
CA ARG B 3 -58.06 -23.44 -18.32
C ARG B 3 -57.32 -24.73 -18.00
N ALA B 4 -56.11 -24.83 -18.50
CA ALA B 4 -55.29 -25.99 -18.25
C ALA B 4 -54.90 -25.92 -16.79
N PRO B 5 -54.84 -27.07 -16.11
CA PRO B 5 -54.43 -27.03 -14.70
C PRO B 5 -52.90 -26.73 -14.70
N ALA B 6 -52.43 -26.01 -13.70
CA ALA B 6 -51.01 -25.67 -13.63
C ALA B 6 -50.46 -25.94 -12.23
N PHE B 7 -49.27 -26.50 -12.14
CA PHE B 7 -48.65 -26.80 -10.86
C PHE B 7 -47.23 -26.25 -10.71
N PRO B 8 -46.95 -25.58 -9.57
CA PRO B 8 -45.61 -25.02 -9.33
C PRO B 8 -44.63 -26.17 -9.05
N LEU B 9 -43.34 -25.94 -9.30
CA LEU B 9 -42.32 -26.97 -9.04
C LEU B 9 -42.51 -27.69 -7.69
N SER B 10 -42.84 -26.91 -6.65
CA SER B 10 -43.02 -27.47 -5.32
C SER B 10 -44.14 -28.51 -5.20
N ASP B 11 -45.06 -28.50 -6.15
CA ASP B 11 -46.14 -29.46 -6.09
C ASP B 11 -45.66 -30.85 -6.37
N ILE B 12 -46.27 -31.85 -5.76
CA ILE B 12 -45.84 -33.23 -5.96
C ILE B 12 -45.91 -33.72 -7.41
N LYS B 13 -46.86 -33.20 -8.18
CA LYS B 13 -47.00 -33.61 -9.57
C LYS B 13 -45.78 -33.15 -10.36
N ALA B 14 -45.24 -31.98 -10.01
CA ALA B 14 -44.02 -31.49 -10.68
C ALA B 14 -42.77 -32.25 -10.15
N GLN B 15 -42.66 -32.36 -8.82
CA GLN B 15 -41.55 -33.09 -8.19
C GLN B 15 -41.36 -34.48 -8.78
N MET B 16 -42.45 -35.14 -9.14
CA MET B 16 -42.30 -36.50 -9.64
C MET B 16 -41.73 -36.54 -11.04
N LEU B 17 -41.60 -35.38 -11.68
CA LEU B 17 -41.04 -35.38 -13.03
C LEU B 17 -39.53 -35.41 -12.91
N PHE B 18 -39.00 -35.30 -11.70
CA PHE B 18 -37.55 -35.29 -11.55
C PHE B 18 -37.00 -36.33 -10.59
N ALA B 19 -36.21 -37.23 -11.16
CA ALA B 19 -35.56 -38.28 -10.36
C ALA B 19 -34.65 -37.67 -9.27
N ASN B 20 -34.36 -38.49 -8.27
CA ASN B 20 -33.52 -38.14 -7.14
C ASN B 20 -32.03 -38.26 -7.51
N ASN B 21 -31.58 -37.44 -8.46
CA ASN B 21 -30.18 -37.35 -8.86
C ASN B 21 -29.95 -35.87 -9.13
N ILE B 22 -28.68 -35.44 -9.03
CA ILE B 22 -28.31 -34.03 -9.15
C ILE B 22 -28.72 -33.36 -10.46
N LYS B 23 -28.52 -34.06 -11.55
CA LYS B 23 -28.86 -33.53 -12.86
C LYS B 23 -30.33 -33.21 -12.99
N ALA B 24 -31.15 -34.19 -12.62
CA ALA B 24 -32.59 -34.02 -12.71
C ALA B 24 -33.01 -32.89 -11.80
N GLN B 25 -32.51 -32.89 -10.57
CA GLN B 25 -32.90 -31.83 -9.65
C GLN B 25 -32.49 -30.46 -10.16
N GLN B 26 -31.30 -30.36 -10.76
CA GLN B 26 -30.85 -29.08 -11.28
C GLN B 26 -31.66 -28.63 -12.46
N ALA B 27 -32.05 -29.58 -13.32
CA ALA B 27 -32.81 -29.22 -14.50
C ALA B 27 -34.15 -28.65 -14.05
N SER B 28 -34.67 -29.16 -12.95
CA SER B 28 -35.95 -28.67 -12.50
C SER B 28 -35.84 -27.22 -11.98
N LYS B 29 -34.69 -26.86 -11.42
CA LYS B 29 -34.53 -25.53 -10.85
C LYS B 29 -33.80 -24.51 -11.72
N ARG B 30 -33.20 -24.97 -12.81
CA ARG B 30 -32.42 -24.08 -13.66
C ARG B 30 -33.15 -22.75 -13.80
N SER B 31 -32.49 -21.69 -13.40
CA SER B 31 -33.04 -20.34 -13.51
C SER B 31 -32.59 -19.74 -14.86
N PHE B 32 -33.20 -18.62 -15.22
CA PHE B 32 -32.91 -17.92 -16.46
C PHE B 32 -31.40 -17.65 -16.55
N LYS B 33 -30.79 -17.85 -17.72
CA LYS B 33 -29.35 -17.64 -17.90
C LYS B 33 -29.05 -16.97 -19.25
N GLU B 34 -28.08 -16.05 -19.27
CA GLU B 34 -27.69 -15.45 -20.52
C GLU B 34 -26.19 -15.14 -20.49
N GLY B 35 -25.61 -14.92 -21.67
CA GLY B 35 -24.19 -14.63 -21.75
C GLY B 35 -23.70 -14.75 -23.17
N ALA B 36 -22.58 -14.10 -23.44
CA ALA B 36 -22.09 -14.13 -24.79
C ALA B 36 -21.66 -15.53 -25.15
N ILE B 37 -21.93 -15.95 -26.37
CA ILE B 37 -21.45 -17.27 -26.72
C ILE B 37 -20.00 -17.13 -27.21
N GLU B 38 -19.30 -18.25 -27.19
CA GLU B 38 -17.94 -18.28 -27.64
C GLU B 38 -18.12 -18.69 -29.10
N THR B 39 -18.30 -17.69 -29.98
CA THR B 39 -18.52 -17.89 -31.41
C THR B 39 -17.53 -18.83 -32.06
N TYR B 40 -16.26 -18.61 -31.75
CA TYR B 40 -15.15 -19.48 -32.19
C TYR B 40 -14.20 -19.51 -31.00
N GLU B 41 -13.31 -20.51 -30.92
CA GLU B 41 -12.39 -20.59 -29.76
C GLU B 41 -11.72 -19.24 -29.59
N GLY B 42 -11.81 -18.70 -28.39
CA GLY B 42 -11.21 -17.41 -28.13
C GLY B 42 -11.97 -16.18 -28.63
N LEU B 43 -13.15 -16.31 -29.25
CA LEU B 43 -13.85 -15.10 -29.70
C LEU B 43 -15.26 -15.04 -29.13
N LEU B 44 -15.52 -14.01 -28.34
CA LEU B 44 -16.82 -13.84 -27.77
C LEU B 44 -17.72 -13.09 -28.77
N SER B 45 -19.00 -13.47 -28.87
CA SER B 45 -19.96 -12.83 -29.80
C SER B 45 -20.15 -11.32 -29.56
N VAL B 46 -19.76 -10.83 -28.38
CA VAL B 46 -19.90 -9.39 -28.14
C VAL B 46 -18.56 -8.70 -28.18
N ASP B 47 -17.54 -9.41 -28.64
CA ASP B 47 -16.24 -8.79 -28.78
C ASP B 47 -16.35 -7.52 -29.66
N PRO B 48 -15.87 -6.37 -29.16
CA PRO B 48 -15.94 -5.13 -29.96
C PRO B 48 -15.44 -5.23 -31.40
N ARG B 49 -14.34 -5.95 -31.65
CA ARG B 49 -13.89 -6.04 -33.05
C ARG B 49 -14.96 -6.77 -33.84
N PHE B 50 -15.43 -7.88 -33.29
CA PHE B 50 -16.46 -8.68 -33.95
C PHE B 50 -17.77 -7.87 -34.24
N LEU B 51 -18.22 -7.05 -33.29
CA LEU B 51 -19.43 -6.26 -33.55
C LEU B 51 -19.14 -5.16 -34.60
N SER B 52 -17.92 -4.62 -34.59
CA SER B 52 -17.55 -3.57 -35.54
C SER B 52 -17.58 -4.20 -36.94
N PHE B 53 -17.01 -5.38 -37.03
CA PHE B 53 -16.99 -6.16 -38.25
C PHE B 53 -18.43 -6.38 -38.76
N LYS B 54 -19.32 -6.87 -37.88
CA LYS B 54 -20.71 -7.11 -38.25
C LYS B 54 -21.39 -5.83 -38.64
N ASN B 55 -21.04 -4.73 -37.96
CA ASN B 55 -21.68 -3.50 -38.33
C ASN B 55 -21.34 -3.09 -39.75
N GLU B 56 -20.06 -3.08 -40.08
CA GLU B 56 -19.63 -2.70 -41.41
C GLU B 56 -20.05 -3.71 -42.51
N LEU B 57 -19.90 -5.00 -42.25
CA LEU B 57 -20.26 -5.98 -43.26
C LEU B 57 -21.75 -5.98 -43.60
N SER B 58 -22.61 -5.96 -42.59
CA SER B 58 -24.05 -5.97 -42.87
C SER B 58 -24.46 -4.70 -43.63
N ARG B 59 -23.92 -3.55 -43.25
CA ARG B 59 -24.27 -2.31 -43.93
C ARG B 59 -23.80 -2.32 -45.40
N TYR B 60 -22.58 -2.80 -45.63
CA TYR B 60 -21.99 -2.85 -46.96
C TYR B 60 -22.75 -3.81 -47.89
N LEU B 61 -22.97 -5.06 -47.49
CA LEU B 61 -23.67 -6.00 -48.34
C LEU B 61 -25.11 -5.55 -48.63
N THR B 62 -25.79 -5.00 -47.64
CA THR B 62 -27.16 -4.55 -47.86
C THR B 62 -27.16 -3.46 -48.94
N ASP B 63 -26.22 -2.54 -48.75
CA ASP B 63 -26.04 -1.43 -49.63
C ASP B 63 -25.67 -1.84 -51.09
N HIS B 64 -24.77 -2.80 -51.23
CA HIS B 64 -24.37 -3.22 -52.56
C HIS B 64 -25.17 -4.34 -53.21
N PHE B 65 -25.90 -5.10 -52.40
CA PHE B 65 -26.67 -6.21 -52.95
C PHE B 65 -28.07 -6.28 -52.38
N PRO B 66 -28.90 -5.29 -52.74
CA PRO B 66 -30.29 -5.22 -52.26
C PRO B 66 -30.98 -6.45 -52.81
N ALA B 67 -32.12 -6.80 -52.24
CA ALA B 67 -32.84 -8.00 -52.68
C ALA B 67 -33.31 -7.99 -54.13
N ASN B 68 -33.36 -9.17 -54.73
CA ASN B 68 -33.82 -9.35 -56.08
C ASN B 68 -34.96 -10.37 -56.01
N VAL B 69 -36.13 -9.89 -55.60
CA VAL B 69 -37.31 -10.75 -55.50
C VAL B 69 -38.47 -10.05 -56.20
N ASP B 70 -39.12 -10.73 -57.13
CA ASP B 70 -40.24 -10.04 -57.81
C ASP B 70 -41.58 -10.03 -57.02
N GLU B 71 -42.61 -9.44 -57.64
CA GLU B 71 -43.92 -9.32 -57.03
C GLU B 71 -44.52 -10.70 -56.70
N TYR B 72 -43.96 -11.74 -57.29
CA TYR B 72 -44.46 -13.08 -57.02
C TYR B 72 -43.48 -13.84 -56.13
N GLY B 73 -42.63 -13.11 -55.42
CA GLY B 73 -41.68 -13.77 -54.57
C GLY B 73 -40.64 -14.63 -55.26
N ARG B 74 -40.44 -14.54 -56.57
CA ARG B 74 -39.37 -15.37 -57.09
C ARG B 74 -38.12 -14.53 -57.01
N VAL B 75 -37.02 -15.18 -56.69
CA VAL B 75 -35.81 -14.40 -56.65
C VAL B 75 -35.06 -14.66 -57.94
N TYR B 76 -34.43 -13.59 -58.40
CA TYR B 76 -33.64 -13.59 -59.62
C TYR B 76 -32.36 -12.81 -59.30
N GLY B 77 -31.65 -12.41 -60.36
CA GLY B 77 -30.45 -11.61 -60.18
C GLY B 77 -29.38 -12.10 -59.21
N ASN B 78 -29.10 -11.25 -58.22
CA ASN B 78 -28.08 -11.52 -57.22
C ASN B 78 -28.38 -12.66 -56.27
N GLY B 79 -29.62 -13.17 -56.29
CA GLY B 79 -29.94 -14.27 -55.40
C GLY B 79 -30.09 -13.86 -53.93
N VAL B 80 -30.31 -12.57 -53.70
CA VAL B 80 -30.48 -12.04 -52.36
C VAL B 80 -32.00 -11.81 -52.11
N ARG B 81 -32.51 -12.31 -50.96
CA ARG B 81 -33.92 -12.21 -50.57
C ARG B 81 -34.23 -11.05 -49.72
N THR B 82 -33.20 -10.62 -48.99
CA THR B 82 -33.41 -9.51 -48.09
C THR B 82 -32.14 -8.83 -47.69
N ASN B 83 -32.24 -7.84 -46.81
CA ASN B 83 -31.05 -7.15 -46.36
C ASN B 83 -30.18 -8.09 -45.50
N PHE B 84 -28.97 -7.64 -45.15
CA PHE B 84 -28.06 -8.47 -44.35
C PHE B 84 -27.99 -8.11 -42.87
N PHE B 85 -28.95 -7.33 -42.37
CA PHE B 85 -28.96 -6.88 -40.98
C PHE B 85 -29.28 -7.96 -39.93
N GLY B 86 -29.71 -9.11 -40.40
CA GLY B 86 -30.02 -10.19 -39.47
C GLY B 86 -28.87 -10.60 -38.55
N MET B 87 -27.63 -10.34 -38.96
CA MET B 87 -26.48 -10.71 -38.15
C MET B 87 -26.26 -9.73 -37.00
N ARG B 88 -27.10 -8.71 -36.88
CA ARG B 88 -26.93 -7.73 -35.81
C ARG B 88 -27.55 -8.05 -34.43
N HIS B 89 -27.24 -9.23 -33.90
CA HIS B 89 -27.77 -9.60 -32.57
C HIS B 89 -26.62 -9.95 -31.62
N MET B 90 -26.80 -9.63 -30.34
CA MET B 90 -25.81 -9.98 -29.32
C MET B 90 -26.04 -11.49 -29.01
N ASN B 91 -25.46 -12.40 -29.80
CA ASN B 91 -25.69 -13.84 -29.60
C ASN B 91 -25.42 -14.37 -28.23
N GLY B 92 -26.42 -15.04 -27.65
CA GLY B 92 -26.23 -15.53 -26.31
C GLY B 92 -27.11 -14.72 -25.37
N PHE B 93 -27.59 -13.55 -25.80
CA PHE B 93 -28.48 -12.76 -24.91
C PHE B 93 -29.86 -12.74 -25.57
N PRO B 94 -30.85 -13.40 -24.95
CA PRO B 94 -32.21 -13.49 -25.46
C PRO B 94 -33.16 -12.33 -25.24
N MET B 95 -34.21 -12.31 -26.07
CA MET B 95 -35.30 -11.36 -25.96
C MET B 95 -36.03 -11.79 -24.66
N ILE B 96 -36.59 -10.83 -23.94
CA ILE B 96 -37.28 -11.08 -22.68
C ILE B 96 -38.74 -10.61 -22.80
N PRO B 97 -39.70 -11.46 -22.44
CA PRO B 97 -39.51 -12.82 -21.95
C PRO B 97 -39.70 -13.68 -23.17
N ALA B 98 -39.38 -14.97 -23.04
CA ALA B 98 -39.67 -15.91 -24.12
C ALA B 98 -41.16 -16.22 -23.89
N THR B 99 -41.76 -16.92 -24.83
CA THR B 99 -43.16 -17.22 -24.72
C THR B 99 -43.47 -18.38 -23.81
N TRP B 100 -44.67 -18.37 -23.25
CA TRP B 100 -45.15 -19.50 -22.46
C TRP B 100 -45.84 -20.33 -23.53
N PRO B 101 -45.60 -21.63 -23.55
CA PRO B 101 -46.24 -22.47 -24.57
C PRO B 101 -47.75 -22.63 -24.34
N LEU B 102 -48.53 -22.45 -25.40
CA LEU B 102 -49.99 -22.53 -25.35
C LEU B 102 -50.46 -23.92 -24.94
N ALA B 103 -51.27 -24.04 -23.90
CA ALA B 103 -51.70 -25.40 -23.49
C ALA B 103 -52.74 -25.99 -24.42
N SER B 104 -53.51 -25.11 -25.07
CA SER B 104 -54.54 -25.55 -26.02
C SER B 104 -54.56 -24.61 -27.20
N ASN B 105 -54.61 -25.17 -28.41
CA ASN B 105 -54.63 -24.37 -29.63
C ASN B 105 -55.98 -24.44 -30.32
N LEU B 106 -57.02 -24.94 -29.65
CA LEU B 106 -58.33 -25.06 -30.28
C LEU B 106 -58.92 -23.71 -30.68
N LYS B 107 -58.80 -22.74 -29.78
CA LYS B 107 -59.33 -21.40 -30.04
C LYS B 107 -58.47 -20.69 -31.06
N LYS B 108 -57.17 -20.85 -30.92
CA LYS B 108 -56.26 -20.22 -31.87
C LYS B 108 -56.60 -20.69 -33.31
N ARG B 109 -56.89 -21.98 -33.49
CA ARG B 109 -57.26 -22.50 -34.83
C ARG B 109 -58.65 -21.99 -35.26
N ALA B 110 -59.60 -22.02 -34.34
CA ALA B 110 -60.94 -21.57 -34.66
C ALA B 110 -60.93 -20.10 -35.01
N ASP B 111 -60.22 -19.28 -34.24
CA ASP B 111 -60.18 -17.85 -34.54
C ASP B 111 -59.49 -17.56 -35.85
N ALA B 112 -58.63 -18.46 -36.30
CA ALA B 112 -57.94 -18.21 -37.55
C ALA B 112 -58.75 -18.87 -38.66
N ASP B 113 -59.97 -19.33 -38.33
CA ASP B 113 -60.83 -19.96 -39.31
C ASP B 113 -60.27 -21.24 -39.93
N LEU B 114 -59.69 -22.11 -39.11
CA LEU B 114 -59.14 -23.34 -39.65
C LEU B 114 -60.10 -24.41 -39.16
N ALA B 115 -60.26 -25.46 -39.94
CA ALA B 115 -61.19 -26.52 -39.60
C ALA B 115 -60.81 -27.38 -38.41
N ASP B 116 -61.83 -27.99 -37.80
CA ASP B 116 -61.63 -28.84 -36.64
C ASP B 116 -61.79 -30.34 -36.96
N GLY B 117 -61.55 -30.67 -38.23
CA GLY B 117 -61.62 -32.04 -38.68
C GLY B 117 -61.60 -31.96 -40.20
N PRO B 118 -61.43 -33.06 -40.94
CA PRO B 118 -61.40 -33.09 -42.43
C PRO B 118 -62.70 -32.43 -42.87
N VAL B 119 -62.67 -31.54 -43.85
CA VAL B 119 -63.93 -30.89 -44.19
C VAL B 119 -64.80 -31.67 -45.17
N SER B 120 -64.23 -32.64 -45.86
CA SER B 120 -65.01 -33.44 -46.81
C SER B 120 -64.56 -34.88 -46.70
N GLU B 121 -65.36 -35.82 -47.20
CA GLU B 121 -65.00 -37.23 -47.13
C GLU B 121 -63.75 -37.51 -47.95
N ARG B 122 -63.60 -36.76 -49.03
CA ARG B 122 -62.42 -36.91 -49.88
C ARG B 122 -61.18 -36.64 -49.00
N ASP B 123 -61.15 -35.48 -48.35
CA ASP B 123 -60.03 -35.12 -47.48
C ASP B 123 -59.81 -36.16 -46.39
N ASN B 124 -60.88 -36.61 -45.78
CA ASN B 124 -60.74 -37.60 -44.73
C ASN B 124 -60.09 -38.83 -45.33
N LEU B 125 -60.46 -39.17 -46.56
CA LEU B 125 -59.88 -40.35 -47.21
C LEU B 125 -58.40 -40.15 -47.50
N LEU B 126 -58.04 -38.94 -47.93
CA LEU B 126 -56.63 -38.69 -48.25
C LEU B 126 -55.72 -38.75 -47.02
N PHE B 127 -56.15 -38.15 -45.89
CA PHE B 127 -55.35 -38.18 -44.68
C PHE B 127 -55.20 -39.63 -44.28
N ARG B 128 -56.29 -40.38 -44.31
CA ARG B 128 -56.17 -41.77 -43.93
C ARG B 128 -55.34 -42.56 -44.93
N ALA B 129 -55.40 -42.19 -46.20
CA ALA B 129 -54.60 -42.89 -47.19
C ALA B 129 -53.10 -42.61 -46.88
N ALA B 130 -52.81 -41.39 -46.39
CA ALA B 130 -51.41 -41.04 -46.04
C ALA B 130 -50.92 -41.94 -44.92
N VAL B 131 -51.77 -42.15 -43.92
CA VAL B 131 -51.39 -43.01 -42.83
C VAL B 131 -51.11 -44.39 -43.38
N ARG B 132 -51.91 -44.80 -44.33
CA ARG B 132 -51.74 -46.11 -44.90
C ARG B 132 -50.50 -46.31 -45.75
N LEU B 133 -50.16 -45.36 -46.59
CA LEU B 133 -48.96 -45.49 -47.41
C LEU B 133 -47.68 -45.34 -46.56
N MET B 134 -47.74 -44.49 -45.53
CA MET B 134 -46.59 -44.29 -44.67
C MET B 134 -46.31 -45.36 -43.65
N PHE B 135 -47.32 -45.98 -43.08
CA PHE B 135 -47.05 -46.96 -42.04
C PHE B 135 -47.23 -48.41 -42.43
N SER B 136 -47.33 -48.68 -43.73
CA SER B 136 -47.58 -50.05 -44.15
C SER B 136 -46.47 -51.09 -44.26
N ASP B 137 -45.43 -50.89 -45.03
CA ASP B 137 -44.51 -52.05 -45.07
C ASP B 137 -43.14 -51.72 -44.58
N LEU B 138 -43.09 -51.57 -43.27
CA LEU B 138 -41.90 -51.19 -42.59
C LEU B 138 -40.91 -52.33 -42.34
N GLU B 139 -39.63 -51.98 -42.49
CA GLU B 139 -38.49 -52.87 -42.28
C GLU B 139 -37.76 -52.36 -41.04
N PRO B 140 -37.52 -53.24 -40.06
CA PRO B 140 -36.83 -52.87 -38.82
C PRO B 140 -35.44 -52.33 -39.10
N VAL B 141 -35.00 -51.38 -38.28
CA VAL B 141 -33.66 -50.84 -38.38
C VAL B 141 -33.20 -50.60 -36.94
N PRO B 142 -31.92 -50.35 -36.76
CA PRO B 142 -31.72 -50.17 -35.32
C PRO B 142 -32.09 -48.74 -34.87
N LEU B 143 -32.39 -48.61 -33.58
CA LEU B 143 -32.74 -47.35 -32.95
C LEU B 143 -31.46 -46.53 -32.72
N LYS B 144 -31.29 -45.44 -33.48
CA LYS B 144 -30.09 -44.59 -33.32
C LYS B 144 -30.33 -43.49 -32.29
N ILE B 145 -29.31 -43.22 -31.48
CA ILE B 145 -29.41 -42.22 -30.43
C ILE B 145 -28.29 -41.20 -30.56
N ARG B 146 -28.62 -39.91 -30.44
CA ARG B 146 -27.63 -38.86 -30.56
C ARG B 146 -26.71 -38.84 -29.33
N LYS B 147 -25.42 -38.88 -29.59
CA LYS B 147 -24.46 -38.86 -28.50
C LYS B 147 -24.57 -37.55 -27.72
N GLY B 148 -24.55 -37.62 -26.40
CA GLY B 148 -24.64 -36.41 -25.60
C GLY B 148 -26.01 -35.77 -25.39
N SER B 149 -27.03 -36.31 -26.04
CA SER B 149 -28.39 -35.80 -25.89
C SER B 149 -28.93 -36.25 -24.52
N SER B 150 -29.85 -35.49 -23.95
CA SER B 150 -30.44 -35.83 -22.63
C SER B 150 -31.67 -36.74 -22.72
N THR B 151 -31.86 -37.64 -21.75
CA THR B 151 -33.03 -38.49 -21.75
C THR B 151 -34.16 -37.67 -21.11
N CYS B 152 -33.86 -36.44 -20.77
CA CYS B 152 -34.80 -35.57 -20.12
C CYS B 152 -35.59 -36.22 -18.98
N ILE B 153 -36.86 -35.93 -18.95
CA ILE B 153 -37.74 -36.34 -17.92
C ILE B 153 -37.54 -37.07 -16.59
N PRO B 154 -37.51 -38.44 -16.50
CA PRO B 154 -37.30 -38.24 -15.04
C PRO B 154 -35.80 -38.10 -14.70
N TYR B 155 -34.95 -38.78 -15.48
CA TYR B 155 -33.51 -38.85 -15.19
C TYR B 155 -32.53 -37.82 -15.67
N PHE B 156 -32.77 -37.26 -16.84
CA PHE B 156 -31.89 -36.24 -17.35
C PHE B 156 -30.48 -36.77 -17.43
N SER B 157 -30.34 -37.96 -18.00
CA SER B 157 -29.02 -38.55 -18.17
C SER B 157 -28.48 -38.26 -19.58
N ASN B 158 -27.14 -38.16 -19.72
CA ASN B 158 -26.47 -37.90 -21.02
C ASN B 158 -25.52 -39.03 -21.35
N ASP B 159 -25.41 -39.97 -20.42
CA ASP B 159 -24.52 -41.10 -20.57
C ASP B 159 -25.06 -42.13 -21.58
N MET B 160 -24.32 -42.37 -22.66
CA MET B 160 -24.75 -43.29 -23.69
C MET B 160 -25.15 -44.67 -23.18
N GLY B 161 -24.35 -45.23 -22.27
CA GLY B 161 -24.67 -46.54 -21.75
C GLY B 161 -26.01 -46.53 -21.04
N THR B 162 -26.27 -45.43 -20.35
CA THR B 162 -27.52 -45.30 -19.61
C THR B 162 -28.71 -45.09 -20.58
N LYS B 163 -28.45 -44.39 -21.69
CA LYS B 163 -29.49 -44.13 -22.67
C LYS B 163 -29.87 -45.43 -23.34
N ILE B 164 -28.86 -46.18 -23.76
CA ILE B 164 -29.05 -47.46 -24.42
C ILE B 164 -29.90 -48.33 -23.49
N GLU B 165 -29.54 -48.37 -22.22
CA GLU B 165 -30.28 -49.19 -21.27
C GLU B 165 -31.73 -48.76 -21.21
N ILE B 166 -31.96 -47.46 -21.05
CA ILE B 166 -33.29 -46.91 -20.94
C ILE B 166 -34.13 -47.29 -22.15
N ALA B 167 -33.52 -47.12 -23.33
CA ALA B 167 -34.18 -47.44 -24.59
C ALA B 167 -34.52 -48.91 -24.74
N GLU B 168 -33.61 -49.79 -24.34
CA GLU B 168 -33.87 -51.22 -24.46
C GLU B 168 -34.94 -51.61 -23.45
N ARG B 169 -34.85 -51.06 -22.25
CA ARG B 169 -35.84 -51.35 -21.24
C ARG B 169 -37.20 -50.86 -21.75
N ALA B 170 -37.21 -49.69 -22.38
CA ALA B 170 -38.46 -49.15 -22.89
C ALA B 170 -39.04 -50.06 -24.01
N LEU B 171 -38.21 -50.54 -24.94
CA LEU B 171 -38.74 -51.41 -25.97
C LEU B 171 -39.31 -52.72 -25.38
N GLU B 172 -38.84 -53.09 -24.19
CA GLU B 172 -39.35 -54.30 -23.58
C GLU B 172 -40.62 -54.08 -22.81
N LYS B 173 -40.76 -52.92 -22.19
CA LYS B 173 -41.94 -52.66 -21.39
C LYS B 173 -43.02 -51.77 -22.03
N ALA B 174 -42.78 -51.36 -23.28
CA ALA B 174 -43.73 -50.46 -23.93
C ALA B 174 -45.14 -51.05 -23.99
N GLU B 175 -45.21 -52.34 -24.27
CA GLU B 175 -46.48 -52.97 -24.39
C GLU B 175 -47.24 -52.94 -23.09
N GLU B 176 -46.55 -53.18 -22.00
CA GLU B 176 -47.23 -53.20 -20.72
C GLU B 176 -47.63 -51.79 -20.28
N ALA B 177 -46.82 -50.80 -20.69
CA ALA B 177 -47.11 -49.41 -20.33
C ALA B 177 -48.30 -48.95 -21.17
N GLY B 178 -48.25 -49.24 -22.47
CA GLY B 178 -49.37 -48.89 -23.35
C GLY B 178 -50.69 -49.43 -22.77
N ASN B 179 -50.72 -50.72 -22.44
CA ASN B 179 -51.92 -51.34 -21.88
C ASN B 179 -52.35 -50.65 -20.60
N LEU B 180 -51.39 -50.26 -19.75
CA LEU B 180 -51.79 -49.55 -18.53
C LEU B 180 -52.51 -48.25 -18.87
N MET B 181 -52.03 -47.59 -19.92
CA MET B 181 -52.62 -46.32 -20.34
C MET B 181 -54.01 -46.57 -20.91
N LEU B 182 -54.16 -47.65 -21.67
CA LEU B 182 -55.49 -48.00 -22.20
C LEU B 182 -56.49 -48.15 -21.03
N GLN B 183 -56.00 -48.54 -19.85
CA GLN B 183 -56.89 -48.70 -18.70
C GLN B 183 -57.03 -47.40 -17.93
N GLY B 184 -56.48 -46.32 -18.49
CA GLY B 184 -56.54 -45.03 -17.81
C GLY B 184 -55.51 -44.89 -16.69
N LYS B 185 -54.61 -45.84 -16.54
CA LYS B 185 -53.60 -45.77 -15.49
C LYS B 185 -52.29 -45.08 -15.89
N PHE B 186 -52.38 -43.80 -16.20
CA PHE B 186 -51.19 -43.07 -16.64
C PHE B 186 -50.12 -42.97 -15.57
N ASP B 187 -50.52 -42.71 -14.34
CA ASP B 187 -49.56 -42.62 -13.27
C ASP B 187 -48.79 -43.93 -13.11
N ASP B 188 -49.47 -45.06 -13.24
CA ASP B 188 -48.79 -46.33 -13.09
C ASP B 188 -47.77 -46.47 -14.20
N ALA B 189 -48.17 -46.11 -15.42
CA ALA B 189 -47.29 -46.19 -16.55
C ALA B 189 -46.03 -45.31 -16.36
N TYR B 190 -46.21 -44.11 -15.82
CA TYR B 190 -45.10 -43.21 -15.62
C TYR B 190 -44.15 -43.77 -14.53
N GLN B 191 -44.74 -44.06 -13.38
CA GLN B 191 -44.02 -44.61 -12.27
C GLN B 191 -43.27 -45.92 -12.53
N LEU B 192 -43.89 -46.88 -13.21
CA LEU B 192 -43.19 -48.14 -13.48
C LEU B 192 -42.27 -48.12 -14.67
N HIS B 193 -42.60 -47.34 -15.69
CA HIS B 193 -41.77 -47.39 -16.89
C HIS B 193 -41.27 -46.06 -17.41
N GLN B 194 -41.59 -45.00 -16.66
CA GLN B 194 -41.21 -43.65 -17.02
C GLN B 194 -41.83 -43.21 -18.35
N MET B 195 -42.95 -43.82 -18.76
CA MET B 195 -43.60 -43.42 -20.02
C MET B 195 -44.74 -42.50 -19.64
N GLY B 196 -44.51 -41.21 -19.79
CA GLY B 196 -45.50 -40.24 -19.39
C GLY B 196 -44.83 -39.03 -18.76
N GLY B 197 -45.49 -38.34 -17.85
CA GLY B 197 -44.85 -37.19 -17.25
C GLY B 197 -45.09 -35.91 -18.03
N ALA B 198 -44.05 -35.38 -18.67
CA ALA B 198 -44.14 -34.13 -19.42
C ALA B 198 -42.97 -33.95 -20.35
N TYR B 199 -43.09 -32.95 -21.22
CA TYR B 199 -42.04 -32.53 -22.10
C TYR B 199 -41.32 -31.51 -21.23
N TYR B 200 -40.03 -31.40 -21.42
CA TYR B 200 -39.25 -30.47 -20.63
C TYR B 200 -38.98 -29.30 -21.58
N VAL B 201 -39.50 -28.12 -21.27
CA VAL B 201 -39.36 -26.98 -22.17
C VAL B 201 -38.12 -26.15 -22.03
N VAL B 202 -37.34 -26.09 -23.11
CA VAL B 202 -36.16 -25.28 -23.09
C VAL B 202 -36.17 -24.30 -24.22
N TYR B 203 -35.73 -23.09 -23.91
CA TYR B 203 -35.67 -22.06 -24.91
C TYR B 203 -34.38 -22.05 -25.72
N ARG B 204 -34.49 -22.05 -27.06
CA ARG B 204 -33.33 -22.04 -27.97
C ARG B 204 -33.21 -20.70 -28.71
N ALA B 205 -32.08 -20.51 -29.39
CA ALA B 205 -31.83 -19.29 -30.12
C ALA B 205 -32.04 -19.45 -31.59
N GLN B 206 -32.66 -18.44 -32.19
CA GLN B 206 -32.75 -18.33 -33.66
C GLN B 206 -31.86 -17.08 -33.69
N SER B 207 -30.59 -17.35 -33.96
CA SER B 207 -29.54 -16.35 -33.94
C SER B 207 -29.75 -15.16 -34.84
N THR B 208 -30.46 -15.33 -35.91
CA THR B 208 -30.68 -14.13 -36.72
C THR B 208 -32.17 -13.98 -36.89
N ASP B 209 -32.64 -12.75 -37.07
CA ASP B 209 -34.06 -12.48 -37.24
C ASP B 209 -34.11 -11.11 -37.92
N ALA B 210 -35.19 -10.84 -38.63
CA ALA B 210 -35.31 -9.58 -39.38
C ALA B 210 -35.10 -8.29 -38.63
N ILE B 211 -34.28 -7.44 -39.23
CA ILE B 211 -34.01 -6.11 -38.72
C ILE B 211 -34.10 -5.18 -39.94
N THR B 212 -34.53 -3.94 -39.75
CA THR B 212 -34.60 -3.02 -40.89
C THR B 212 -34.00 -1.68 -40.51
N LEU B 213 -33.59 -0.93 -41.53
CA LEU B 213 -33.01 0.36 -41.29
C LEU B 213 -34.00 1.40 -41.77
N ASP B 214 -34.58 2.16 -40.84
CA ASP B 214 -35.55 3.20 -41.21
C ASP B 214 -34.83 4.35 -41.91
N PRO B 215 -34.96 4.44 -43.23
CA PRO B 215 -34.32 5.49 -44.02
C PRO B 215 -34.63 6.88 -43.45
N LYS B 216 -35.81 7.05 -42.86
CA LYS B 216 -36.22 8.32 -42.26
C LYS B 216 -35.34 8.70 -41.04
N THR B 217 -35.30 7.81 -40.06
CA THR B 217 -34.55 8.01 -38.82
C THR B 217 -33.07 7.60 -38.82
N GLY B 218 -32.70 6.66 -39.68
CA GLY B 218 -31.31 6.20 -39.68
C GLY B 218 -31.12 5.20 -38.53
N LYS B 219 -32.22 4.82 -37.90
CA LYS B 219 -32.21 3.88 -36.79
C LYS B 219 -32.67 2.51 -37.25
N PHE B 220 -32.17 1.47 -36.60
CA PHE B 220 -32.56 0.12 -36.97
C PHE B 220 -33.80 -0.27 -36.17
N VAL B 221 -34.59 -1.20 -36.71
CA VAL B 221 -35.78 -1.65 -36.01
C VAL B 221 -35.83 -3.18 -36.08
N SER B 222 -35.93 -3.86 -34.94
CA SER B 222 -36.01 -5.33 -34.91
C SER B 222 -37.46 -5.75 -35.07
N LYS B 223 -37.68 -6.91 -35.68
CA LYS B 223 -39.03 -7.38 -35.86
C LYS B 223 -39.61 -7.79 -34.50
N ASP B 224 -40.82 -7.33 -34.22
CA ASP B 224 -41.49 -7.68 -33.00
C ASP B 224 -41.81 -9.15 -33.03
N ARG B 225 -41.58 -9.82 -31.92
CA ARG B 225 -41.91 -11.24 -31.84
C ARG B 225 -42.91 -11.30 -30.71
N MET B 226 -44.10 -11.81 -31.04
CA MET B 226 -45.18 -11.89 -30.07
C MET B 226 -45.02 -13.10 -29.19
N VAL B 227 -45.24 -12.89 -27.89
CA VAL B 227 -45.16 -13.93 -26.89
C VAL B 227 -46.36 -13.87 -25.98
N ALA B 228 -46.72 -15.03 -25.45
CA ALA B 228 -47.85 -15.16 -24.56
C ALA B 228 -47.41 -15.26 -23.12
N ASP B 229 -48.11 -14.58 -22.23
CA ASP B 229 -47.79 -14.71 -20.80
C ASP B 229 -48.50 -15.97 -20.32
N PHE B 230 -48.30 -16.31 -19.06
CA PHE B 230 -48.87 -17.53 -18.48
C PHE B 230 -50.38 -17.61 -18.60
N GLU B 231 -51.06 -16.52 -18.28
CA GLU B 231 -52.50 -16.51 -18.36
C GLU B 231 -52.95 -16.88 -19.74
N TYR B 232 -52.39 -16.17 -20.70
CA TYR B 232 -52.72 -16.42 -22.09
C TYR B 232 -52.48 -17.89 -22.46
N ALA B 233 -51.33 -18.44 -22.05
CA ALA B 233 -51.00 -19.84 -22.38
C ALA B 233 -51.87 -20.87 -21.73
N VAL B 234 -52.25 -20.70 -20.47
CA VAL B 234 -53.10 -21.72 -19.89
C VAL B 234 -54.58 -21.57 -20.25
N THR B 235 -54.99 -20.43 -20.81
CA THR B 235 -56.39 -20.28 -21.17
C THR B 235 -56.61 -20.31 -22.68
N GLY B 236 -55.65 -20.86 -23.42
CA GLY B 236 -55.79 -20.90 -24.86
C GLY B 236 -55.94 -19.54 -25.53
N GLY B 237 -55.52 -18.47 -24.85
CA GLY B 237 -55.65 -17.14 -25.43
C GLY B 237 -56.92 -16.42 -24.95
N GLU B 238 -57.76 -17.08 -24.18
CA GLU B 238 -58.98 -16.42 -23.70
C GLU B 238 -58.68 -15.22 -22.80
N GLN B 239 -57.64 -15.33 -22.00
CA GLN B 239 -57.29 -14.23 -21.12
C GLN B 239 -55.82 -14.03 -21.21
N GLY B 240 -55.31 -13.11 -20.41
CA GLY B 240 -53.89 -12.81 -20.44
C GLY B 240 -53.55 -12.06 -21.71
N SER B 241 -52.27 -11.95 -22.01
CA SER B 241 -51.96 -11.23 -23.21
C SER B 241 -50.86 -11.77 -24.07
N LEU B 242 -50.93 -11.29 -25.29
CA LEU B 242 -50.03 -11.59 -26.34
C LEU B 242 -49.33 -10.25 -26.60
N PHE B 243 -48.01 -10.20 -26.47
CA PHE B 243 -47.29 -8.95 -26.67
C PHE B 243 -45.89 -9.14 -27.21
N ALA B 244 -45.33 -8.04 -27.68
CA ALA B 244 -44.01 -8.04 -28.27
C ALA B 244 -42.92 -8.23 -27.22
N ALA B 245 -42.11 -9.27 -27.39
CA ALA B 245 -41.02 -9.54 -26.44
C ALA B 245 -40.06 -8.36 -26.62
N SER B 246 -39.23 -8.06 -25.64
CA SER B 246 -38.32 -6.94 -25.84
C SER B 246 -36.94 -7.42 -26.34
N LYS B 247 -36.52 -6.89 -27.49
CA LYS B 247 -35.23 -7.27 -28.08
C LYS B 247 -34.17 -6.21 -27.79
N ASP B 248 -34.57 -5.20 -27.05
CA ASP B 248 -33.67 -4.09 -26.73
C ASP B 248 -32.46 -4.54 -25.94
N ALA B 249 -31.27 -4.28 -26.49
CA ALA B 249 -30.02 -4.69 -25.84
C ALA B 249 -29.32 -3.66 -24.92
N SER B 250 -29.88 -2.46 -24.78
CA SER B 250 -29.28 -1.42 -23.92
C SER B 250 -28.93 -1.95 -22.53
N ARG B 251 -29.83 -2.76 -21.99
CA ARG B 251 -29.67 -3.36 -20.68
C ARG B 251 -28.32 -4.06 -20.51
N LEU B 252 -27.76 -4.62 -21.58
CA LEU B 252 -26.50 -5.32 -21.44
C LEU B 252 -25.36 -4.44 -20.90
N LYS B 253 -25.43 -3.15 -21.20
CA LYS B 253 -24.41 -2.20 -20.75
C LYS B 253 -24.57 -2.04 -19.26
N GLU B 254 -25.75 -1.60 -18.91
CA GLU B 254 -26.07 -1.40 -17.52
C GLU B 254 -25.83 -2.69 -16.71
N GLN B 255 -26.36 -3.83 -17.14
CA GLN B 255 -26.22 -5.06 -16.36
C GLN B 255 -24.85 -5.70 -16.33
N TYR B 256 -24.22 -5.84 -17.49
CA TYR B 256 -22.93 -6.53 -17.57
C TYR B 256 -21.78 -5.67 -18.05
N GLY B 257 -22.00 -4.37 -18.17
CA GLY B 257 -20.94 -3.51 -18.67
C GLY B 257 -20.52 -3.84 -20.10
N ILE B 258 -21.37 -4.52 -20.87
CA ILE B 258 -20.99 -4.83 -22.23
C ILE B 258 -21.35 -3.63 -23.09
N ASP B 259 -20.45 -3.22 -23.97
CA ASP B 259 -20.78 -2.10 -24.87
C ASP B 259 -21.74 -2.55 -25.99
N VAL B 260 -22.85 -1.82 -26.15
CA VAL B 260 -23.81 -2.18 -27.17
C VAL B 260 -23.79 -1.22 -28.35
N PRO B 261 -23.23 -1.63 -29.51
CA PRO B 261 -23.23 -0.67 -30.62
C PRO B 261 -24.64 -0.41 -31.08
N ASP B 262 -24.82 0.69 -31.80
CA ASP B 262 -26.13 1.06 -32.29
C ASP B 262 -26.69 0.02 -33.26
N GLY B 263 -27.96 -0.32 -33.11
CA GLY B 263 -28.54 -1.28 -34.04
C GLY B 263 -28.23 -2.76 -33.84
N PHE B 264 -27.90 -3.12 -32.59
CA PHE B 264 -27.66 -4.51 -32.22
C PHE B 264 -28.72 -4.87 -31.18
N PHE B 265 -29.35 -6.03 -31.37
CA PHE B 265 -30.45 -6.46 -30.50
C PHE B 265 -30.27 -7.83 -29.88
N CYS B 266 -31.16 -8.18 -28.93
CA CYS B 266 -31.09 -9.50 -28.30
C CYS B 266 -31.71 -10.49 -29.28
N GLU B 267 -31.33 -11.75 -29.13
CA GLU B 267 -31.84 -12.79 -30.01
C GLU B 267 -33.26 -13.24 -29.75
N ARG B 268 -33.86 -13.67 -30.84
CA ARG B 268 -35.17 -14.25 -30.82
C ARG B 268 -35.04 -15.62 -30.15
N ARG B 269 -35.98 -15.95 -29.27
CA ARG B 269 -35.96 -17.26 -28.65
C ARG B 269 -37.17 -18.11 -28.95
N ARG B 270 -36.92 -19.34 -29.39
CA ARG B 270 -37.94 -20.32 -29.73
C ARG B 270 -38.04 -21.40 -28.65
N THR B 271 -39.22 -21.98 -28.49
CA THR B 271 -39.32 -23.03 -27.51
C THR B 271 -38.96 -24.39 -28.08
N ALA B 272 -38.36 -25.21 -27.24
CA ALA B 272 -37.94 -26.54 -27.62
C ALA B 272 -38.45 -27.50 -26.54
N MET B 273 -38.96 -28.65 -26.94
CA MET B 273 -39.47 -29.61 -25.97
C MET B 273 -38.64 -30.88 -25.93
N GLY B 274 -38.03 -31.18 -24.79
CA GLY B 274 -37.27 -32.42 -24.65
C GLY B 274 -38.30 -33.49 -24.25
N GLY B 275 -38.44 -34.58 -25.01
CA GLY B 275 -39.43 -35.58 -24.63
C GLY B 275 -38.92 -36.53 -23.59
N PRO B 276 -39.79 -37.19 -22.85
CA PRO B 276 -39.37 -38.16 -21.82
C PRO B 276 -38.89 -39.37 -22.63
N PHE B 277 -37.60 -39.62 -22.60
CA PHE B 277 -37.01 -40.64 -23.42
C PHE B 277 -37.61 -42.05 -23.43
N ALA B 278 -38.05 -42.56 -22.29
CA ALA B 278 -38.62 -43.90 -22.28
C ALA B 278 -39.89 -43.96 -23.17
N LEU B 279 -40.61 -42.84 -23.26
CA LEU B 279 -41.81 -42.76 -24.10
C LEU B 279 -41.40 -42.52 -25.55
N ASN B 280 -40.38 -41.73 -25.80
CA ASN B 280 -40.01 -41.50 -27.19
C ASN B 280 -39.30 -42.63 -27.91
N ALA B 281 -38.61 -43.49 -27.15
CA ALA B 281 -37.87 -44.56 -27.78
C ALA B 281 -38.81 -45.50 -28.55
N PRO B 282 -39.89 -45.99 -27.90
CA PRO B 282 -40.78 -46.87 -28.68
C PRO B 282 -41.37 -46.16 -29.90
N ILE B 283 -41.45 -44.84 -29.84
CA ILE B 283 -41.95 -44.11 -31.01
C ILE B 283 -40.87 -43.98 -32.10
N MET B 284 -39.63 -43.71 -31.70
CA MET B 284 -38.57 -43.58 -32.69
C MET B 284 -38.31 -44.93 -33.40
N ALA B 285 -38.57 -46.02 -32.71
CA ALA B 285 -38.35 -47.35 -33.30
C ALA B 285 -39.24 -47.57 -34.53
N VAL B 286 -40.41 -46.96 -34.54
CA VAL B 286 -41.31 -47.07 -35.68
C VAL B 286 -41.04 -45.92 -36.66
N ALA B 287 -40.82 -44.71 -36.11
CA ALA B 287 -40.58 -43.56 -36.97
C ALA B 287 -39.45 -43.68 -37.97
N GLN B 288 -38.29 -44.19 -37.58
CA GLN B 288 -37.19 -44.29 -38.56
C GLN B 288 -37.56 -45.19 -39.75
N PRO B 289 -38.16 -46.36 -39.45
CA PRO B 289 -38.60 -47.27 -40.53
C PRO B 289 -39.59 -46.49 -41.48
N VAL B 290 -40.45 -45.63 -40.91
CA VAL B 290 -41.38 -44.89 -41.78
C VAL B 290 -40.61 -43.95 -42.67
N ARG B 291 -39.59 -43.31 -42.09
CA ARG B 291 -38.77 -42.39 -42.88
C ARG B 291 -38.09 -43.15 -44.03
N ASN B 292 -37.57 -44.35 -43.72
CA ASN B 292 -36.92 -45.14 -44.74
C ASN B 292 -37.90 -45.45 -45.84
N LYS B 293 -39.16 -45.72 -45.48
CA LYS B 293 -40.16 -46.00 -46.50
C LYS B 293 -40.46 -44.78 -47.35
N ILE B 294 -40.91 -43.69 -46.74
CA ILE B 294 -41.21 -42.55 -47.58
C ILE B 294 -40.00 -41.99 -48.34
N TYR B 295 -38.79 -42.05 -47.78
CA TYR B 295 -37.63 -41.55 -48.53
C TYR B 295 -37.26 -42.42 -49.73
N SER B 296 -37.52 -43.71 -49.64
CA SER B 296 -37.25 -44.65 -50.75
C SER B 296 -38.45 -44.75 -51.72
N LYS B 297 -39.55 -45.36 -51.30
CA LYS B 297 -40.69 -45.45 -52.21
C LYS B 297 -41.25 -44.14 -52.70
N TYR B 298 -41.31 -43.14 -51.83
CA TYR B 298 -41.87 -41.86 -52.28
C TYR B 298 -40.81 -40.79 -52.34
N ALA B 299 -39.62 -41.25 -52.69
CA ALA B 299 -38.46 -40.38 -52.83
C ALA B 299 -38.74 -39.13 -53.65
N TYR B 300 -39.59 -39.25 -54.66
CA TYR B 300 -39.86 -38.10 -55.48
C TYR B 300 -40.30 -36.87 -54.70
N THR B 301 -41.29 -37.04 -53.82
CA THR B 301 -41.70 -35.84 -53.15
C THR B 301 -41.05 -35.65 -51.77
N PHE B 302 -40.51 -36.73 -51.20
CA PHE B 302 -39.92 -36.66 -49.87
C PHE B 302 -38.39 -36.73 -49.66
N HIS B 303 -37.63 -37.29 -50.61
CA HIS B 303 -36.16 -37.38 -50.43
C HIS B 303 -35.40 -36.26 -51.12
N HIS B 304 -34.85 -35.35 -50.34
CA HIS B 304 -34.13 -34.19 -50.87
C HIS B 304 -32.72 -34.08 -50.32
N THR B 305 -31.77 -33.97 -51.23
CA THR B 305 -30.37 -33.86 -50.83
C THR B 305 -29.64 -32.66 -51.42
N THR B 306 -29.25 -32.78 -52.69
CA THR B 306 -28.49 -31.71 -53.31
C THR B 306 -29.32 -30.64 -53.95
N ARG B 307 -28.62 -29.62 -54.44
CA ARG B 307 -29.31 -28.55 -55.12
C ARG B 307 -29.78 -29.16 -56.45
N LEU B 308 -28.96 -30.03 -57.04
CA LEU B 308 -29.29 -30.64 -58.32
C LEU B 308 -30.40 -31.67 -58.21
N ASN B 309 -30.41 -32.38 -57.08
CA ASN B 309 -31.43 -33.39 -56.81
C ASN B 309 -32.83 -32.74 -56.95
N LYS B 310 -32.99 -31.58 -56.31
CA LYS B 310 -34.23 -30.79 -56.33
C LYS B 310 -34.43 -30.14 -57.69
N GLU B 311 -33.35 -29.63 -58.27
CA GLU B 311 -33.41 -28.96 -59.57
C GLU B 311 -33.98 -29.89 -60.64
N GLU B 312 -33.53 -31.14 -60.64
CA GLU B 312 -34.02 -32.07 -61.65
C GLU B 312 -35.54 -32.13 -61.70
N LYS B 313 -36.17 -32.32 -60.54
CA LYS B 313 -37.62 -32.43 -60.44
C LYS B 313 -38.41 -31.20 -60.89
N VAL B 314 -38.00 -30.06 -60.35
CA VAL B 314 -38.66 -28.79 -60.61
C VAL B 314 -38.48 -28.24 -62.02
N LYS B 315 -37.38 -28.61 -62.66
CA LYS B 315 -37.13 -28.12 -64.01
C LYS B 315 -38.17 -28.64 -64.99
N GLU B 316 -38.73 -29.80 -64.70
CA GLU B 316 -39.73 -30.39 -65.57
C GLU B 316 -41.14 -29.82 -65.39
N TRP B 317 -41.32 -28.86 -64.49
CA TRP B 317 -42.64 -28.31 -64.23
C TRP B 317 -42.84 -27.09 -65.08
N SER B 318 -44.10 -26.69 -65.25
CA SER B 318 -44.46 -25.51 -66.04
C SER B 318 -44.74 -24.36 -65.10
N LEU B 319 -45.03 -24.70 -63.84
CA LEU B 319 -45.27 -23.70 -62.80
C LEU B 319 -44.83 -24.34 -61.51
N CYS B 320 -44.14 -23.53 -60.71
CA CYS B 320 -43.63 -23.93 -59.42
C CYS B 320 -44.12 -22.89 -58.42
N VAL B 321 -44.78 -23.33 -57.36
CA VAL B 321 -45.24 -22.38 -56.37
C VAL B 321 -44.61 -22.72 -55.02
N ALA B 322 -43.85 -21.75 -54.50
CA ALA B 322 -43.16 -21.88 -53.21
C ALA B 322 -44.11 -21.42 -52.09
N THR B 323 -44.59 -22.38 -51.31
CA THR B 323 -45.53 -22.04 -50.25
C THR B 323 -44.88 -21.69 -48.93
N ASP B 324 -45.71 -21.15 -48.05
CA ASP B 324 -45.32 -20.75 -46.72
C ASP B 324 -46.45 -21.07 -45.71
N VAL B 325 -46.09 -21.66 -44.60
CA VAL B 325 -47.06 -21.99 -43.58
C VAL B 325 -46.77 -21.15 -42.36
N SER B 326 -47.78 -20.45 -41.88
CA SER B 326 -47.58 -19.63 -40.71
C SER B 326 -47.54 -20.46 -39.38
N ASP B 327 -46.48 -20.31 -38.58
CA ASP B 327 -46.39 -20.98 -37.25
C ASP B 327 -47.02 -22.42 -37.22
N HIS B 328 -46.40 -23.29 -37.98
CA HIS B 328 -46.86 -24.64 -38.17
C HIS B 328 -47.10 -25.49 -36.93
N ASP B 329 -46.08 -25.56 -36.10
CA ASP B 329 -46.17 -26.40 -34.91
C ASP B 329 -47.27 -26.04 -33.94
N THR B 330 -47.50 -24.75 -33.69
CA THR B 330 -48.53 -24.46 -32.75
C THR B 330 -49.94 -24.57 -33.39
N PHE B 331 -50.03 -24.49 -34.72
CA PHE B 331 -51.33 -24.66 -35.36
C PHE B 331 -51.65 -26.13 -35.64
N TRP B 332 -50.64 -27.00 -35.63
CA TRP B 332 -50.85 -28.41 -35.94
C TRP B 332 -52.05 -28.93 -35.15
N PRO B 333 -52.99 -29.57 -35.86
CA PRO B 333 -54.21 -30.08 -35.22
C PRO B 333 -54.33 -31.42 -34.55
N GLY B 334 -54.74 -31.35 -33.29
CA GLY B 334 -54.94 -32.55 -32.51
C GLY B 334 -55.95 -33.49 -33.18
N TRP B 335 -56.84 -32.95 -34.01
CA TRP B 335 -57.80 -33.88 -34.64
C TRP B 335 -57.05 -34.80 -35.60
N LEU B 336 -55.91 -34.34 -36.12
CA LEU B 336 -55.14 -35.20 -37.00
C LEU B 336 -54.45 -36.30 -36.20
N ARG B 337 -54.01 -35.94 -34.99
CA ARG B 337 -53.40 -36.93 -34.12
C ARG B 337 -54.45 -38.05 -33.93
N ASP B 338 -55.69 -37.68 -33.60
CA ASP B 338 -56.71 -38.70 -33.42
C ASP B 338 -57.11 -39.46 -34.69
N LEU B 339 -57.09 -38.80 -35.84
CA LEU B 339 -57.39 -39.48 -37.07
C LEU B 339 -56.26 -40.49 -37.36
N ILE B 340 -55.01 -40.04 -37.22
CA ILE B 340 -53.91 -40.97 -37.47
C ILE B 340 -53.98 -42.22 -36.57
N CYS B 341 -54.23 -42.03 -35.28
CA CYS B 341 -54.32 -43.15 -34.36
C CYS B 341 -55.45 -44.08 -34.78
N ASP B 342 -56.60 -43.49 -35.10
CA ASP B 342 -57.73 -44.27 -35.53
C ASP B 342 -57.39 -45.12 -36.75
N GLU B 343 -56.74 -44.54 -37.75
CA GLU B 343 -56.41 -45.30 -38.93
C GLU B 343 -55.35 -46.36 -38.64
N LEU B 344 -54.42 -46.09 -37.73
CA LEU B 344 -53.41 -47.09 -37.40
C LEU B 344 -54.12 -48.28 -36.74
N LEU B 345 -55.09 -48.00 -35.88
CA LEU B 345 -55.83 -49.08 -35.26
C LEU B 345 -56.50 -49.91 -36.40
N ASN B 346 -57.17 -49.23 -37.34
CA ASN B 346 -57.83 -49.89 -38.44
C ASN B 346 -56.84 -50.72 -39.22
N MET B 347 -55.64 -50.22 -39.47
CA MET B 347 -54.68 -51.03 -40.22
C MET B 347 -54.18 -52.24 -39.42
N GLY B 348 -54.54 -52.34 -38.14
CA GLY B 348 -54.06 -53.45 -37.34
C GLY B 348 -52.84 -53.24 -36.43
N TYR B 349 -52.40 -51.99 -36.21
CA TYR B 349 -51.27 -51.73 -35.29
C TYR B 349 -51.68 -52.09 -33.85
N ALA B 350 -50.72 -52.53 -33.03
CA ALA B 350 -50.99 -52.87 -31.64
C ALA B 350 -51.66 -51.69 -30.94
N PRO B 351 -52.76 -51.93 -30.22
CA PRO B 351 -53.43 -50.82 -29.54
C PRO B 351 -52.57 -50.12 -28.51
N TRP B 352 -51.84 -50.90 -27.72
CA TRP B 352 -50.98 -50.32 -26.73
C TRP B 352 -49.94 -49.36 -27.36
N TRP B 353 -49.44 -49.68 -28.56
CA TRP B 353 -48.48 -48.76 -29.19
C TRP B 353 -49.17 -47.49 -29.71
N VAL B 354 -50.40 -47.63 -30.21
CA VAL B 354 -51.09 -46.44 -30.70
C VAL B 354 -51.38 -45.55 -29.50
N LYS B 355 -51.65 -46.18 -28.38
CA LYS B 355 -51.95 -45.43 -27.18
C LYS B 355 -50.70 -44.63 -26.73
N LEU B 356 -49.52 -45.24 -26.85
CA LEU B 356 -48.27 -44.59 -26.44
C LEU B 356 -48.13 -43.37 -27.33
N PHE B 357 -48.31 -43.59 -28.63
CA PHE B 357 -48.16 -42.55 -29.63
C PHE B 357 -49.17 -41.41 -29.39
N GLU B 358 -50.44 -41.78 -29.19
CA GLU B 358 -51.47 -40.78 -28.95
C GLU B 358 -51.09 -39.95 -27.72
N THR B 359 -50.72 -40.63 -26.65
CA THR B 359 -50.34 -39.93 -25.43
C THR B 359 -49.13 -38.99 -25.59
N SER B 360 -48.15 -39.39 -26.40
CA SER B 360 -47.00 -38.49 -26.61
C SER B 360 -47.46 -37.19 -27.24
N LEU B 361 -48.63 -37.18 -27.91
CA LEU B 361 -49.10 -35.93 -28.53
C LEU B 361 -50.15 -35.17 -27.69
N LYS B 362 -50.29 -35.58 -26.42
CA LYS B 362 -51.22 -34.90 -25.50
C LYS B 362 -50.59 -34.56 -24.16
N LEU B 363 -49.29 -34.80 -24.05
CA LEU B 363 -48.55 -34.60 -22.84
C LEU B 363 -48.36 -33.19 -22.26
N PRO B 364 -48.34 -33.11 -20.93
CA PRO B 364 -48.12 -31.82 -20.27
C PRO B 364 -46.69 -31.31 -20.59
N VAL B 365 -46.46 -30.04 -20.31
CA VAL B 365 -45.17 -29.46 -20.54
C VAL B 365 -44.71 -28.77 -19.28
N TYR B 366 -43.43 -28.97 -18.96
CA TYR B 366 -42.85 -28.32 -17.81
C TYR B 366 -42.04 -27.14 -18.34
N VAL B 367 -42.46 -25.96 -17.92
CA VAL B 367 -41.81 -24.73 -18.32
C VAL B 367 -40.75 -24.35 -17.34
N GLY B 368 -39.53 -24.24 -17.85
CA GLY B 368 -38.38 -23.92 -17.05
C GLY B 368 -38.17 -22.45 -16.73
N ALA B 369 -37.64 -21.68 -17.67
CA ALA B 369 -37.36 -20.29 -17.34
C ALA B 369 -37.38 -19.37 -18.56
N PRO B 370 -38.54 -18.82 -18.86
CA PRO B 370 -38.73 -17.92 -20.00
C PRO B 370 -38.19 -16.52 -19.82
N ALA B 371 -37.94 -16.17 -18.55
CA ALA B 371 -37.44 -14.84 -18.22
C ALA B 371 -37.01 -14.91 -16.79
N PRO B 372 -36.30 -13.87 -16.32
CA PRO B 372 -35.83 -13.84 -14.92
C PRO B 372 -37.07 -13.89 -14.03
N GLU B 373 -37.04 -14.69 -12.96
CA GLU B 373 -38.18 -14.76 -12.05
C GLU B 373 -39.47 -15.35 -12.60
N GLN B 374 -39.35 -16.22 -13.59
CA GLN B 374 -40.53 -16.81 -14.17
C GLN B 374 -40.29 -18.26 -14.53
N GLY B 375 -41.32 -19.08 -14.43
CA GLY B 375 -41.15 -20.46 -14.84
C GLY B 375 -41.34 -21.47 -13.76
N HIS B 376 -40.71 -22.63 -13.93
CA HIS B 376 -40.81 -23.70 -12.93
C HIS B 376 -42.28 -24.00 -12.66
N THR B 377 -42.99 -24.24 -13.75
CA THR B 377 -44.40 -24.54 -13.68
C THR B 377 -44.76 -25.64 -14.65
N LEU B 378 -45.51 -26.62 -14.18
CA LEU B 378 -45.95 -27.74 -15.02
C LEU B 378 -47.35 -27.30 -15.55
N LEU B 379 -47.60 -27.46 -16.85
CA LEU B 379 -48.89 -27.11 -17.44
C LEU B 379 -49.50 -28.42 -17.87
N GLY B 380 -50.69 -28.71 -17.35
CA GLY B 380 -51.36 -29.95 -17.69
C GLY B 380 -51.17 -31.01 -16.62
N ASP B 381 -52.11 -31.95 -16.52
CA ASP B 381 -52.02 -32.96 -15.49
C ASP B 381 -51.48 -34.28 -16.02
N PRO B 382 -50.30 -34.72 -15.55
CA PRO B 382 -49.80 -36.00 -16.08
C PRO B 382 -50.69 -37.20 -15.81
N SER B 383 -51.55 -37.10 -14.80
CA SER B 383 -52.43 -38.24 -14.51
C SER B 383 -53.44 -38.43 -15.66
N ASN B 384 -53.66 -37.37 -16.40
CA ASN B 384 -54.59 -37.45 -17.50
C ASN B 384 -54.22 -36.54 -18.61
N PRO B 385 -53.26 -36.96 -19.43
CA PRO B 385 -52.75 -36.17 -20.57
C PRO B 385 -53.87 -35.70 -21.51
N ASP B 386 -54.01 -34.38 -21.65
CA ASP B 386 -55.06 -33.80 -22.48
C ASP B 386 -54.72 -32.39 -23.00
N LEU B 387 -53.44 -32.14 -23.23
CA LEU B 387 -53.02 -30.84 -23.75
C LEU B 387 -53.23 -30.84 -25.27
N GLU B 388 -53.32 -29.66 -25.87
CA GLU B 388 -53.45 -29.52 -27.32
C GLU B 388 -52.41 -28.48 -27.71
N VAL B 389 -51.14 -28.77 -27.46
CA VAL B 389 -50.10 -27.77 -27.77
C VAL B 389 -49.85 -27.66 -29.26
N GLY B 390 -50.44 -28.55 -30.03
CA GLY B 390 -50.12 -28.53 -31.43
C GLY B 390 -49.06 -29.61 -31.58
N LEU B 391 -47.95 -29.33 -32.21
CA LEU B 391 -46.94 -30.40 -32.41
C LEU B 391 -45.79 -30.14 -31.47
N SER B 392 -45.49 -31.11 -30.65
CA SER B 392 -44.41 -30.98 -29.66
C SER B 392 -43.08 -31.30 -30.34
N SER B 393 -42.11 -30.40 -30.26
CA SER B 393 -40.85 -30.61 -30.96
C SER B 393 -40.01 -31.85 -30.63
N GLY B 394 -40.03 -32.32 -29.41
CA GLY B 394 -39.20 -33.48 -29.15
C GLY B 394 -39.93 -34.79 -29.20
N GLN B 395 -41.16 -34.80 -29.71
CA GLN B 395 -41.89 -36.06 -29.80
C GLN B 395 -41.09 -36.93 -30.80
N GLY B 396 -41.14 -38.24 -30.67
CA GLY B 396 -40.28 -38.98 -31.62
C GLY B 396 -40.54 -38.94 -33.14
N ALA B 397 -41.64 -38.31 -33.55
CA ALA B 397 -41.95 -38.31 -34.96
C ALA B 397 -42.46 -36.98 -35.48
N THR B 398 -42.05 -35.88 -34.86
CA THR B 398 -42.62 -34.61 -35.28
C THR B 398 -42.48 -34.29 -36.76
N ASP B 399 -41.39 -34.73 -37.39
CA ASP B 399 -41.21 -34.43 -38.82
C ASP B 399 -42.26 -35.20 -39.63
N LEU B 400 -42.49 -36.45 -39.28
CA LEU B 400 -43.50 -37.24 -39.97
C LEU B 400 -44.88 -36.60 -39.78
N MET B 401 -45.16 -36.07 -38.57
CA MET B 401 -46.46 -35.48 -38.32
C MET B 401 -46.69 -34.24 -39.18
N GLY B 402 -45.64 -33.45 -39.37
CA GLY B 402 -45.80 -32.24 -40.15
C GLY B 402 -45.89 -32.54 -41.64
N THR B 403 -45.16 -33.56 -42.02
CA THR B 403 -45.15 -33.97 -43.41
C THR B 403 -46.52 -34.60 -43.77
N LEU B 404 -47.05 -35.44 -42.90
CA LEU B 404 -48.35 -36.05 -43.17
C LEU B 404 -49.42 -34.93 -43.23
N LEU B 405 -49.37 -34.00 -42.30
CA LEU B 405 -50.35 -32.93 -42.34
C LEU B 405 -50.26 -32.08 -43.59
N MET B 406 -49.08 -31.50 -43.81
CA MET B 406 -48.86 -30.60 -44.94
C MET B 406 -48.89 -31.23 -46.33
N SER B 407 -48.31 -32.41 -46.48
CA SER B 407 -48.33 -33.00 -47.82
C SER B 407 -49.80 -33.13 -48.29
N ILE B 408 -50.70 -33.61 -47.42
CA ILE B 408 -52.10 -33.73 -47.81
C ILE B 408 -52.72 -32.34 -47.96
N THR B 409 -52.40 -31.42 -47.05
CA THR B 409 -52.96 -30.09 -47.14
C THR B 409 -52.59 -29.46 -48.51
N TYR B 410 -51.34 -29.59 -48.91
CA TYR B 410 -50.95 -29.02 -50.21
C TYR B 410 -51.69 -29.75 -51.35
N LEU B 411 -51.84 -31.08 -51.26
CA LEU B 411 -52.55 -31.81 -52.31
C LEU B 411 -53.99 -31.28 -52.40
N VAL B 412 -54.66 -31.19 -51.25
CA VAL B 412 -56.02 -30.67 -51.18
C VAL B 412 -56.11 -29.27 -51.81
N MET B 413 -55.17 -28.41 -51.52
CA MET B 413 -55.18 -27.07 -52.10
C MET B 413 -55.07 -27.17 -53.63
N GLN B 414 -54.38 -28.20 -54.13
CA GLN B 414 -54.22 -28.36 -55.58
C GLN B 414 -55.52 -28.89 -56.22
N LEU B 415 -56.14 -29.84 -55.55
CA LEU B 415 -57.40 -30.42 -56.00
C LEU B 415 -58.45 -29.34 -55.99
N ASP B 416 -58.60 -28.67 -54.85
CA ASP B 416 -59.61 -27.63 -54.69
C ASP B 416 -59.48 -26.52 -55.70
N HIS B 417 -58.29 -25.98 -55.93
CA HIS B 417 -58.22 -24.86 -56.85
C HIS B 417 -57.75 -25.08 -58.27
N THR B 418 -57.29 -26.28 -58.61
CA THR B 418 -56.80 -26.46 -59.97
C THR B 418 -57.15 -27.80 -60.61
N ALA B 419 -57.43 -28.83 -59.83
CA ALA B 419 -57.71 -30.10 -60.47
C ALA B 419 -58.97 -30.85 -60.01
N PRO B 420 -60.14 -30.19 -60.12
CA PRO B 420 -61.41 -30.81 -59.72
C PRO B 420 -61.67 -32.07 -60.54
N HIS B 421 -61.06 -32.12 -61.72
CA HIS B 421 -61.21 -33.28 -62.59
C HIS B 421 -60.51 -34.49 -62.04
N LEU B 422 -59.82 -34.35 -60.93
CA LEU B 422 -59.15 -35.53 -60.38
C LEU B 422 -59.96 -36.12 -59.22
N ASN B 423 -60.97 -35.38 -58.73
CA ASN B 423 -61.77 -35.87 -57.60
C ASN B 423 -62.42 -37.22 -57.84
N SER B 424 -62.87 -37.45 -59.07
CA SER B 424 -63.56 -38.70 -59.38
C SER B 424 -62.66 -39.90 -59.21
N ARG B 425 -61.36 -39.66 -59.03
CA ARG B 425 -60.39 -40.75 -58.80
C ARG B 425 -60.29 -41.13 -57.33
N ILE B 426 -60.92 -40.35 -56.46
CA ILE B 426 -60.86 -40.59 -55.01
C ILE B 426 -62.26 -40.86 -54.47
N LYS B 427 -62.65 -42.13 -54.52
CA LYS B 427 -63.99 -42.56 -54.12
C LYS B 427 -64.04 -43.35 -52.82
N ASP B 428 -62.96 -44.03 -52.51
CA ASP B 428 -62.94 -44.84 -51.30
C ASP B 428 -61.49 -45.06 -50.86
N MET B 429 -61.26 -45.85 -49.83
CA MET B 429 -59.88 -46.04 -49.40
C MET B 429 -58.98 -46.64 -50.50
N PRO B 430 -59.43 -47.73 -51.15
CA PRO B 430 -58.54 -48.27 -52.19
C PRO B 430 -58.15 -47.27 -53.27
N SER B 431 -59.13 -46.52 -53.77
CA SER B 431 -58.80 -45.58 -54.83
C SER B 431 -58.03 -44.37 -54.29
N ALA B 432 -58.29 -44.02 -53.03
CA ALA B 432 -57.58 -42.88 -52.43
C ALA B 432 -56.12 -43.31 -52.31
N CYS B 433 -55.90 -44.54 -51.83
CA CYS B 433 -54.55 -45.04 -51.67
C CYS B 433 -53.82 -45.04 -53.00
N ARG B 434 -54.46 -45.56 -54.05
CA ARG B 434 -53.85 -45.63 -55.38
C ARG B 434 -53.51 -44.26 -55.92
N PHE B 435 -54.43 -43.34 -55.71
CA PHE B 435 -54.18 -42.00 -56.20
C PHE B 435 -53.01 -41.29 -55.47
N LEU B 436 -52.93 -41.47 -54.14
CA LEU B 436 -51.90 -40.79 -53.35
C LEU B 436 -50.57 -41.41 -53.70
N ASP B 437 -50.59 -42.73 -53.85
CA ASP B 437 -49.39 -43.45 -54.21
C ASP B 437 -48.81 -42.88 -55.50
N SER B 438 -49.65 -42.78 -56.51
CA SER B 438 -49.21 -42.23 -57.79
C SER B 438 -48.79 -40.74 -57.68
N TYR B 439 -49.55 -39.98 -56.90
CA TYR B 439 -49.24 -38.56 -56.73
C TYR B 439 -47.89 -38.37 -56.05
N TRP B 440 -47.64 -39.13 -54.98
CA TRP B 440 -46.42 -39.03 -54.25
C TRP B 440 -45.21 -39.47 -55.03
N GLN B 441 -45.42 -40.28 -56.08
CA GLN B 441 -44.27 -40.71 -56.87
C GLN B 441 -43.98 -39.77 -58.03
N GLY B 442 -44.70 -38.66 -58.09
CA GLY B 442 -44.46 -37.70 -59.16
C GLY B 442 -45.12 -38.07 -60.49
N HIS B 443 -46.04 -39.03 -60.47
CA HIS B 443 -46.73 -39.45 -61.70
C HIS B 443 -47.99 -38.70 -62.09
N GLU B 444 -48.39 -37.67 -61.34
CA GLU B 444 -49.60 -36.96 -61.73
C GLU B 444 -49.24 -35.64 -62.36
N GLU B 445 -50.24 -34.97 -62.92
CA GLU B 445 -50.02 -33.69 -63.57
C GLU B 445 -49.84 -32.57 -62.53
N ILE B 446 -50.16 -32.89 -61.28
CA ILE B 446 -49.94 -31.93 -60.20
C ILE B 446 -48.90 -32.67 -59.33
N ARG B 447 -47.94 -31.92 -58.79
CA ARG B 447 -46.89 -32.56 -57.96
C ARG B 447 -46.41 -31.67 -56.85
N GLN B 448 -45.60 -32.23 -55.95
CA GLN B 448 -45.02 -31.45 -54.88
C GLN B 448 -43.73 -32.06 -54.38
N ILE B 449 -42.88 -31.19 -53.85
CA ILE B 449 -41.67 -31.67 -53.17
C ILE B 449 -41.84 -30.98 -51.82
N SER B 450 -41.69 -31.73 -50.75
CA SER B 450 -41.87 -31.11 -49.45
C SER B 450 -41.26 -31.86 -48.28
N LYS B 451 -41.17 -31.13 -47.18
CA LYS B 451 -40.71 -31.68 -45.89
C LYS B 451 -41.41 -30.79 -44.87
N SER B 452 -42.36 -31.38 -44.14
CA SER B 452 -43.15 -30.63 -43.16
C SER B 452 -43.71 -29.35 -43.80
N ASP B 453 -43.51 -28.21 -43.16
CA ASP B 453 -44.01 -26.97 -43.73
C ASP B 453 -43.21 -26.32 -44.85
N ASP B 454 -42.17 -26.99 -45.37
CA ASP B 454 -41.45 -26.38 -46.49
C ASP B 454 -41.84 -27.18 -47.72
N ALA B 455 -42.21 -26.48 -48.80
CA ALA B 455 -42.61 -27.20 -50.00
C ALA B 455 -42.67 -26.37 -51.26
N MET B 456 -42.63 -27.09 -52.37
CA MET B 456 -42.80 -26.48 -53.67
C MET B 456 -43.83 -27.32 -54.40
N LEU B 457 -44.85 -26.62 -54.90
CA LEU B 457 -45.95 -27.21 -55.60
C LEU B 457 -45.80 -27.04 -57.12
N GLY B 458 -45.98 -28.15 -57.84
CA GLY B 458 -45.85 -28.13 -59.28
C GLY B 458 -47.03 -28.60 -60.15
N TRP B 459 -47.03 -28.03 -61.36
CA TRP B 459 -48.02 -28.31 -62.40
C TRP B 459 -47.28 -28.57 -63.70
N THR B 460 -47.53 -29.72 -64.32
CA THR B 460 -46.94 -29.98 -65.63
C THR B 460 -47.96 -29.38 -66.59
N LYS B 461 -47.84 -29.68 -67.88
CA LYS B 461 -48.79 -29.18 -68.88
C LYS B 461 -50.07 -29.95 -68.65
N GLY B 462 -51.21 -29.28 -68.82
CA GLY B 462 -52.48 -29.99 -68.64
C GLY B 462 -53.67 -29.17 -68.19
N ARG B 463 -54.73 -29.89 -67.86
CA ARG B 463 -55.93 -29.21 -67.41
C ARG B 463 -55.76 -28.39 -66.12
N ALA B 464 -54.98 -28.92 -65.18
CA ALA B 464 -54.74 -28.26 -63.90
C ALA B 464 -53.96 -26.95 -63.99
N LEU B 465 -53.05 -26.87 -64.96
CA LEU B 465 -52.17 -25.71 -65.12
C LEU B 465 -52.83 -24.35 -65.06
N VAL B 466 -53.92 -24.20 -65.78
CA VAL B 466 -54.55 -22.89 -65.79
C VAL B 466 -55.00 -22.54 -64.36
N GLY B 467 -55.46 -23.57 -63.63
CA GLY B 467 -55.86 -23.37 -62.24
C GLY B 467 -54.67 -22.99 -61.37
N GLY B 468 -53.56 -23.71 -61.59
CA GLY B 468 -52.32 -23.41 -60.88
C GLY B 468 -52.02 -21.91 -60.96
N HIS B 469 -52.12 -21.31 -62.16
CA HIS B 469 -51.84 -19.89 -62.25
C HIS B 469 -52.84 -19.07 -61.52
N ARG B 470 -54.09 -19.52 -61.47
CA ARG B 470 -55.09 -18.75 -60.74
C ARG B 470 -54.79 -18.88 -59.23
N LEU B 471 -54.32 -20.06 -58.80
CA LEU B 471 -54.00 -20.26 -57.38
C LEU B 471 -52.86 -19.31 -56.96
N PHE B 472 -51.81 -19.29 -57.77
CA PHE B 472 -50.65 -18.45 -57.52
C PHE B 472 -51.12 -17.01 -57.37
N GLU B 473 -51.95 -16.58 -58.30
CA GLU B 473 -52.47 -15.23 -58.29
C GLU B 473 -53.28 -14.97 -57.01
N MET B 474 -54.02 -15.97 -56.55
CA MET B 474 -54.80 -15.86 -55.30
C MET B 474 -53.82 -15.62 -54.13
N LEU B 475 -52.75 -16.42 -54.13
CA LEU B 475 -51.72 -16.33 -53.12
C LEU B 475 -51.07 -14.97 -53.21
N LYS B 476 -50.77 -14.48 -54.42
CA LYS B 476 -50.17 -13.16 -54.52
C LYS B 476 -51.12 -12.09 -53.97
N GLU B 477 -52.42 -12.16 -54.27
CA GLU B 477 -53.31 -11.15 -53.73
C GLU B 477 -53.43 -11.28 -52.25
N GLY B 478 -53.30 -12.52 -51.79
CA GLY B 478 -53.37 -12.81 -50.38
C GLY B 478 -54.52 -12.24 -49.56
N LYS B 479 -55.74 -12.39 -50.03
CA LYS B 479 -56.85 -11.90 -49.24
C LYS B 479 -57.64 -13.10 -48.79
N VAL B 480 -57.44 -14.25 -49.43
CA VAL B 480 -58.18 -15.43 -49.03
C VAL B 480 -57.25 -16.58 -48.71
N ASN B 481 -57.45 -17.23 -47.57
CA ASN B 481 -56.58 -18.35 -47.29
C ASN B 481 -57.03 -19.47 -48.23
N PRO B 482 -56.10 -20.10 -48.97
CA PRO B 482 -56.43 -21.19 -49.90
C PRO B 482 -56.67 -22.56 -49.30
N SER B 483 -56.45 -22.67 -48.01
CA SER B 483 -56.63 -23.95 -47.37
C SER B 483 -57.54 -23.82 -46.18
N PRO B 484 -58.31 -24.86 -45.88
CA PRO B 484 -59.19 -24.77 -44.69
C PRO B 484 -58.41 -25.25 -43.45
N TYR B 485 -57.29 -25.94 -43.68
CA TYR B 485 -56.51 -26.53 -42.58
C TYR B 485 -55.42 -25.76 -41.86
N MET B 486 -54.66 -24.96 -42.60
CA MET B 486 -53.58 -24.13 -42.04
C MET B 486 -53.56 -22.81 -42.82
N LYS B 487 -52.83 -21.81 -42.32
CA LYS B 487 -52.70 -20.54 -43.03
C LYS B 487 -51.53 -20.66 -44.03
N ILE B 488 -51.86 -20.74 -45.32
CA ILE B 488 -50.86 -20.86 -46.38
C ILE B 488 -50.75 -19.54 -47.14
N SER B 489 -49.55 -19.15 -47.57
CA SER B 489 -49.35 -17.97 -48.41
C SER B 489 -48.14 -18.32 -49.28
N TYR B 490 -47.62 -17.39 -50.08
CA TYR B 490 -46.44 -17.76 -50.88
C TYR B 490 -45.20 -17.26 -50.16
N GLU B 491 -44.09 -17.98 -50.26
CA GLU B 491 -42.84 -17.56 -49.62
C GLU B 491 -42.24 -16.37 -50.38
N HIS B 492 -41.95 -15.27 -49.68
CA HIS B 492 -41.36 -14.10 -50.34
C HIS B 492 -39.85 -14.33 -50.51
N GLY B 493 -39.48 -14.83 -51.69
CA GLY B 493 -38.12 -15.20 -51.96
C GLY B 493 -38.17 -16.73 -51.82
N GLY B 494 -38.86 -17.37 -52.75
CA GLY B 494 -39.01 -18.80 -52.70
C GLY B 494 -37.75 -19.63 -52.62
N ALA B 495 -37.77 -20.60 -51.70
CA ALA B 495 -36.66 -21.49 -51.46
C ALA B 495 -37.19 -22.83 -50.97
N PHE B 496 -36.37 -23.85 -51.00
CA PHE B 496 -36.79 -25.16 -50.54
C PHE B 496 -35.64 -25.86 -49.85
N LEU B 497 -35.79 -26.08 -48.56
CA LEU B 497 -34.78 -26.77 -47.79
C LEU B 497 -33.44 -26.04 -47.84
N GLY B 498 -33.49 -24.72 -47.67
CA GLY B 498 -32.26 -23.92 -47.66
C GLY B 498 -31.75 -23.36 -48.99
N ASP B 499 -32.15 -24.00 -50.10
CA ASP B 499 -31.76 -23.56 -51.42
C ASP B 499 -32.79 -22.65 -52.11
N ILE B 500 -32.30 -21.49 -52.54
CA ILE B 500 -33.12 -20.51 -53.20
C ILE B 500 -33.33 -20.93 -54.67
N LEU B 501 -34.57 -20.87 -55.13
CA LEU B 501 -34.83 -21.22 -56.51
C LEU B 501 -34.60 -19.93 -57.29
N LEU B 502 -33.48 -19.88 -58.02
CA LEU B 502 -33.08 -18.70 -58.83
C LEU B 502 -33.67 -18.76 -60.25
N TYR B 503 -34.47 -17.76 -60.57
CA TYR B 503 -35.12 -17.69 -61.86
C TYR B 503 -34.38 -16.67 -62.73
N ASP B 504 -34.49 -16.82 -64.06
CA ASP B 504 -33.90 -15.80 -64.95
C ASP B 504 -35.03 -14.92 -65.45
N SER B 505 -34.83 -14.22 -66.55
CA SER B 505 -35.86 -13.31 -67.06
C SER B 505 -37.14 -14.02 -67.52
N ARG B 506 -37.05 -15.30 -67.90
CA ARG B 506 -38.22 -16.07 -68.33
C ARG B 506 -39.20 -16.17 -67.16
N ARG B 507 -38.64 -16.34 -65.97
CA ARG B 507 -39.39 -16.53 -64.75
C ARG B 507 -40.17 -17.83 -64.88
N GLU B 508 -39.46 -18.91 -65.25
CA GLU B 508 -40.08 -20.22 -65.42
C GLU B 508 -39.20 -21.29 -64.86
N PRO B 509 -39.82 -22.31 -64.27
CA PRO B 509 -39.16 -23.46 -63.65
C PRO B 509 -38.06 -24.07 -64.53
N GLY B 510 -38.35 -24.23 -65.81
CA GLY B 510 -37.40 -24.83 -66.73
C GLY B 510 -36.04 -24.15 -66.83
N SER B 511 -36.01 -22.82 -66.84
CA SER B 511 -34.77 -22.08 -66.94
C SER B 511 -34.32 -21.54 -65.58
N ALA B 512 -34.78 -22.16 -64.50
CA ALA B 512 -34.39 -21.67 -63.18
C ALA B 512 -33.48 -22.69 -62.53
N ILE B 513 -32.71 -22.25 -61.55
CA ILE B 513 -31.80 -23.16 -60.86
C ILE B 513 -31.82 -22.95 -59.37
N PHE B 514 -31.34 -23.98 -58.67
CA PHE B 514 -31.24 -23.91 -57.21
C PHE B 514 -29.85 -23.48 -56.78
N VAL B 515 -29.76 -22.39 -56.02
CA VAL B 515 -28.47 -21.97 -55.52
C VAL B 515 -28.52 -21.94 -53.99
N GLY B 516 -27.37 -21.91 -53.33
CA GLY B 516 -27.38 -21.86 -51.89
C GLY B 516 -27.90 -20.50 -51.46
N ASN B 517 -28.25 -20.36 -50.19
CA ASN B 517 -28.71 -19.03 -49.74
C ASN B 517 -27.45 -18.39 -49.16
N ILE B 518 -26.93 -17.35 -49.83
CA ILE B 518 -25.71 -16.72 -49.35
C ILE B 518 -25.89 -16.13 -47.94
N ASN B 519 -27.10 -15.66 -47.64
CA ASN B 519 -27.34 -15.12 -46.32
C ASN B 519 -27.16 -16.18 -45.25
N SER B 520 -27.45 -17.44 -45.58
CA SER B 520 -27.27 -18.49 -44.59
C SER B 520 -25.80 -18.79 -44.32
N MET B 521 -24.93 -18.52 -45.30
CA MET B 521 -23.47 -18.77 -45.13
C MET B 521 -23.05 -17.83 -44.04
N LEU B 522 -23.48 -16.59 -44.19
CA LEU B 522 -23.22 -15.55 -43.22
C LEU B 522 -23.85 -15.90 -41.83
N ASN B 523 -25.10 -16.38 -41.79
CA ASN B 523 -25.69 -16.74 -40.50
C ASN B 523 -24.87 -17.82 -39.81
N ASN B 524 -24.47 -18.84 -40.57
CA ASN B 524 -23.70 -19.92 -39.98
C ASN B 524 -22.28 -19.52 -39.56
N GLN B 525 -21.63 -18.58 -40.25
CA GLN B 525 -20.25 -18.27 -39.86
C GLN B 525 -20.15 -17.21 -38.80
N PHE B 526 -21.10 -16.29 -38.82
CA PHE B 526 -21.00 -15.22 -37.87
C PHE B 526 -22.02 -15.18 -36.79
N SER B 527 -23.07 -16.00 -36.93
CA SER B 527 -24.13 -16.09 -35.91
C SER B 527 -24.53 -17.54 -35.56
N PRO B 528 -23.56 -18.36 -35.19
CA PRO B 528 -24.01 -19.71 -34.87
C PRO B 528 -24.99 -19.70 -33.66
N GLU B 529 -25.72 -20.79 -33.48
CA GLU B 529 -26.67 -20.89 -32.39
C GLU B 529 -26.09 -21.23 -31.09
N TYR B 530 -24.91 -21.83 -31.11
CA TYR B 530 -24.26 -22.23 -29.88
C TYR B 530 -22.82 -21.86 -29.91
N GLY B 531 -22.22 -21.76 -28.72
CA GLY B 531 -20.80 -21.49 -28.63
C GLY B 531 -20.04 -22.77 -28.98
N VAL B 532 -18.70 -22.70 -28.96
CA VAL B 532 -17.90 -23.85 -29.32
C VAL B 532 -17.77 -24.87 -28.22
N GLN B 533 -18.35 -24.58 -27.07
CA GLN B 533 -18.32 -25.44 -25.88
C GLN B 533 -16.94 -26.06 -25.70
N SER B 534 -15.89 -25.26 -25.52
CA SER B 534 -14.57 -25.90 -25.43
C SER B 534 -14.28 -26.64 -24.13
N GLY B 535 -15.13 -26.45 -23.14
CA GLY B 535 -14.95 -27.17 -21.89
C GLY B 535 -15.47 -28.60 -21.99
N VAL B 536 -16.09 -28.96 -23.11
CA VAL B 536 -16.62 -30.30 -23.30
C VAL B 536 -15.57 -31.09 -24.06
N ARG B 537 -14.93 -32.03 -23.36
CA ARG B 537 -13.84 -32.86 -23.91
C ARG B 537 -14.21 -33.64 -25.15
N ASP B 538 -15.27 -34.43 -25.03
CA ASP B 538 -15.73 -35.25 -26.14
C ASP B 538 -16.38 -34.35 -27.18
N ARG B 539 -15.64 -34.04 -28.23
CA ARG B 539 -16.16 -33.15 -29.25
C ARG B 539 -17.43 -33.65 -29.84
N SER B 540 -17.54 -34.98 -29.94
CA SER B 540 -18.72 -35.57 -30.53
C SER B 540 -19.97 -35.20 -29.74
N LYS B 541 -19.81 -34.83 -28.47
CA LYS B 541 -20.98 -34.47 -27.69
C LYS B 541 -21.34 -32.98 -27.77
N ARG B 542 -20.49 -32.17 -28.41
CA ARG B 542 -20.74 -30.72 -28.54
C ARG B 542 -21.82 -30.38 -29.56
N LYS B 543 -22.45 -29.21 -29.43
CA LYS B 543 -23.47 -28.86 -30.41
C LYS B 543 -22.76 -28.58 -31.71
N ARG B 544 -21.52 -28.10 -31.63
CA ARG B 544 -20.72 -27.83 -32.85
C ARG B 544 -19.39 -28.59 -32.70
N PRO B 545 -19.37 -29.91 -33.00
CA PRO B 545 -18.16 -30.74 -32.87
C PRO B 545 -16.87 -30.27 -33.52
N PHE B 546 -16.90 -29.89 -34.79
CA PHE B 546 -15.72 -29.44 -35.55
C PHE B 546 -16.02 -28.23 -36.42
N PRO B 547 -16.22 -27.07 -35.80
CA PRO B 547 -16.52 -25.82 -36.54
C PRO B 547 -15.67 -25.56 -37.79
N GLY B 548 -14.40 -25.90 -37.71
CA GLY B 548 -13.48 -25.65 -38.81
C GLY B 548 -13.76 -26.30 -40.14
N LEU B 549 -14.43 -27.44 -40.14
CA LEU B 549 -14.73 -28.16 -41.38
C LEU B 549 -15.65 -27.44 -42.34
N ALA B 550 -16.56 -26.62 -41.85
CA ALA B 550 -17.48 -25.93 -42.74
C ALA B 550 -16.75 -25.10 -43.83
N TRP B 551 -15.49 -24.80 -43.55
CA TRP B 551 -14.70 -24.03 -44.48
C TRP B 551 -14.44 -24.84 -45.77
N ALA B 552 -14.28 -26.15 -45.58
CA ALA B 552 -14.04 -27.09 -46.69
C ALA B 552 -15.29 -27.37 -47.53
N SER B 553 -16.48 -27.07 -47.02
CA SER B 553 -17.70 -27.34 -47.79
C SER B 553 -18.32 -26.06 -48.24
N MET B 554 -17.70 -24.94 -47.89
CA MET B 554 -18.26 -23.67 -48.29
C MET B 554 -18.47 -23.48 -49.81
N LYS B 555 -17.45 -23.75 -50.61
CA LYS B 555 -17.52 -23.62 -52.07
C LYS B 555 -18.64 -24.52 -52.60
N ASP B 556 -18.66 -25.75 -52.11
CA ASP B 556 -19.68 -26.70 -52.50
C ASP B 556 -21.13 -26.24 -52.24
N THR B 557 -21.35 -25.75 -51.04
CA THR B 557 -22.64 -25.30 -50.61
C THR B 557 -23.05 -23.94 -51.17
N TYR B 558 -22.13 -22.97 -51.17
CA TYR B 558 -22.50 -21.63 -51.63
C TYR B 558 -21.87 -21.11 -52.95
N GLY B 559 -20.97 -21.90 -53.53
CA GLY B 559 -20.31 -21.48 -54.76
C GLY B 559 -21.22 -20.95 -55.86
N ALA B 560 -22.40 -21.56 -56.02
CA ALA B 560 -23.31 -21.12 -57.07
C ALA B 560 -24.03 -19.85 -56.80
N CYS B 561 -23.88 -19.27 -55.62
CA CYS B 561 -24.59 -18.03 -55.37
C CYS B 561 -24.03 -16.91 -56.24
N PRO B 562 -24.89 -16.26 -57.03
CA PRO B 562 -24.43 -15.16 -57.90
C PRO B 562 -23.35 -14.25 -57.26
N ILE B 563 -23.55 -13.81 -56.00
CA ILE B 563 -22.58 -12.93 -55.35
C ILE B 563 -21.56 -13.60 -54.42
N TYR B 564 -21.37 -14.90 -54.55
CA TYR B 564 -20.45 -15.62 -53.69
C TYR B 564 -19.12 -14.90 -53.47
N SER B 565 -18.34 -14.74 -54.55
CA SER B 565 -17.03 -14.11 -54.46
C SER B 565 -17.04 -12.75 -53.85
N ASP B 566 -18.06 -11.98 -54.17
CA ASP B 566 -18.13 -10.63 -53.62
C ASP B 566 -18.28 -10.65 -52.10
N VAL B 567 -19.00 -11.64 -51.60
CA VAL B 567 -19.24 -11.74 -50.17
C VAL B 567 -17.95 -12.15 -49.48
N LEU B 568 -17.28 -13.18 -50.02
CA LEU B 568 -16.01 -13.58 -49.43
C LEU B 568 -15.06 -12.38 -49.37
N GLU B 569 -14.99 -11.61 -50.46
CA GLU B 569 -14.13 -10.45 -50.49
C GLU B 569 -14.58 -9.36 -49.54
N ALA B 570 -15.88 -9.09 -49.42
CA ALA B 570 -16.28 -8.05 -48.46
C ALA B 570 -15.92 -8.50 -47.01
N ILE B 571 -16.08 -9.81 -46.76
CA ILE B 571 -15.77 -10.40 -45.47
C ILE B 571 -14.28 -10.13 -45.17
N GLU B 572 -13.42 -10.53 -46.11
CA GLU B 572 -11.98 -10.39 -45.95
C GLU B 572 -11.59 -8.95 -45.64
N ARG B 573 -12.14 -8.04 -46.41
CA ARG B 573 -11.86 -6.65 -46.25
C ARG B 573 -12.37 -6.15 -44.89
N CYS B 574 -13.59 -6.54 -44.50
CA CYS B 574 -14.11 -6.05 -43.22
C CYS B 574 -13.42 -6.70 -42.03
N TRP B 575 -12.94 -7.93 -42.22
CA TRP B 575 -12.27 -8.64 -41.14
C TRP B 575 -10.93 -7.95 -40.96
N TRP B 576 -10.30 -7.53 -42.06
CA TRP B 576 -9.05 -6.80 -41.95
C TRP B 576 -9.26 -5.53 -41.15
N ASN B 577 -10.28 -4.76 -41.49
CA ASN B 577 -10.50 -3.53 -40.75
C ASN B 577 -10.77 -3.74 -39.30
N ALA B 578 -11.44 -4.84 -38.97
CA ALA B 578 -11.80 -5.09 -37.59
C ALA B 578 -10.75 -5.82 -36.75
N PHE B 579 -10.06 -6.76 -37.36
CA PHE B 579 -9.09 -7.56 -36.65
C PHE B 579 -7.64 -7.43 -37.09
N GLY B 580 -7.35 -6.67 -38.15
CA GLY B 580 -5.99 -6.59 -38.65
C GLY B 580 -5.41 -7.95 -39.06
N GLU B 581 -6.24 -8.86 -39.58
CA GLU B 581 -5.80 -10.21 -39.98
C GLU B 581 -6.58 -10.60 -41.19
N SER B 582 -6.17 -11.70 -41.82
CA SER B 582 -6.88 -12.25 -42.99
C SER B 582 -7.87 -13.30 -42.47
N TYR B 583 -9.15 -13.13 -42.80
CA TYR B 583 -10.19 -14.05 -42.36
C TYR B 583 -9.93 -15.41 -43.00
N ARG B 584 -9.61 -15.41 -44.28
CA ARG B 584 -9.32 -16.65 -45.01
C ARG B 584 -8.24 -17.47 -44.32
N ALA B 585 -7.19 -16.79 -43.92
CA ALA B 585 -6.08 -17.47 -43.26
C ALA B 585 -6.55 -18.01 -41.88
N TYR B 586 -7.34 -17.21 -41.19
CA TYR B 586 -7.88 -17.62 -39.88
C TYR B 586 -8.68 -18.93 -40.06
N ARG B 587 -9.52 -18.99 -41.08
CA ARG B 587 -10.31 -20.18 -41.34
C ARG B 587 -9.47 -21.37 -41.79
N GLU B 588 -8.45 -21.12 -42.62
CA GLU B 588 -7.61 -22.23 -43.08
C GLU B 588 -6.98 -22.90 -41.85
N ASP B 589 -6.54 -22.09 -40.89
CA ASP B 589 -5.95 -22.70 -39.69
C ASP B 589 -6.98 -23.50 -38.90
N MET B 590 -8.16 -22.90 -38.69
CA MET B 590 -9.18 -23.61 -37.95
C MET B 590 -9.50 -24.92 -38.68
N LEU B 591 -9.55 -24.85 -40.03
CA LEU B 591 -9.82 -26.02 -40.86
C LEU B 591 -8.73 -27.07 -40.65
N LYS B 592 -7.44 -26.66 -40.63
CA LYS B 592 -6.37 -27.65 -40.39
C LYS B 592 -6.48 -28.26 -39.01
N ARG B 593 -6.64 -27.42 -38.00
CA ARG B 593 -6.74 -27.93 -36.64
C ARG B 593 -7.88 -28.96 -36.45
N ASP B 594 -9.07 -28.62 -36.93
CA ASP B 594 -10.21 -29.52 -36.74
C ASP B 594 -10.04 -30.77 -37.59
N THR B 595 -9.36 -30.67 -38.73
CA THR B 595 -9.16 -31.88 -39.52
C THR B 595 -8.32 -32.92 -38.74
N LEU B 596 -7.36 -32.45 -37.96
CA LEU B 596 -6.52 -33.35 -37.19
C LEU B 596 -7.27 -33.87 -36.00
N GLU B 597 -8.06 -33.00 -35.37
CA GLU B 597 -8.82 -33.44 -34.21
C GLU B 597 -9.83 -34.52 -34.62
N LEU B 598 -10.36 -34.41 -35.84
CA LEU B 598 -11.35 -35.36 -36.34
C LEU B 598 -10.83 -36.81 -36.46
N SER B 599 -9.59 -36.95 -36.86
CA SER B 599 -9.03 -38.27 -37.02
C SER B 599 -9.02 -39.05 -35.71
N ARG B 600 -9.07 -38.35 -34.58
CA ARG B 600 -9.09 -38.99 -33.26
C ARG B 600 -10.47 -39.64 -32.97
N TYR B 601 -11.46 -39.30 -33.76
CA TYR B 601 -12.81 -39.82 -33.55
C TYR B 601 -13.22 -40.82 -34.62
N VAL B 602 -12.68 -40.66 -35.80
CA VAL B 602 -12.99 -41.55 -36.88
C VAL B 602 -11.95 -42.67 -36.89
N ALA B 603 -12.45 -43.89 -36.79
CA ALA B 603 -11.63 -45.10 -36.81
C ALA B 603 -10.86 -45.12 -38.13
N SER B 604 -11.61 -45.26 -39.23
CA SER B 604 -11.08 -45.30 -40.59
C SER B 604 -10.14 -44.16 -40.96
N MET B 605 -9.95 -43.21 -40.06
CA MET B 605 -9.06 -42.13 -40.37
C MET B 605 -7.74 -42.33 -39.67
N ALA B 606 -6.69 -42.28 -40.48
CA ALA B 606 -5.33 -42.42 -39.99
C ALA B 606 -5.16 -41.22 -39.08
N ARG B 607 -4.21 -41.28 -38.15
CA ARG B 607 -3.94 -40.17 -37.21
C ARG B 607 -3.49 -38.87 -37.93
N GLN B 608 -3.99 -38.69 -39.17
CA GLN B 608 -3.73 -37.54 -40.05
C GLN B 608 -4.18 -37.75 -41.52
N ALA B 609 -4.94 -38.81 -41.80
CA ALA B 609 -5.40 -39.02 -43.16
C ALA B 609 -6.31 -37.82 -43.41
N GLY B 610 -6.30 -37.29 -44.64
CA GLY B 610 -7.11 -36.12 -44.96
C GLY B 610 -8.64 -36.22 -44.99
N LEU B 611 -9.27 -35.15 -45.45
CA LEU B 611 -10.72 -35.09 -45.55
C LEU B 611 -11.14 -35.76 -46.85
N ALA B 612 -10.14 -36.28 -47.53
CA ALA B 612 -10.31 -36.94 -48.81
C ALA B 612 -11.66 -37.64 -49.06
N GLU B 613 -12.01 -38.57 -48.17
CA GLU B 613 -13.24 -39.31 -48.37
C GLU B 613 -14.59 -38.67 -48.06
N LEU B 614 -14.60 -37.63 -47.23
CA LEU B 614 -15.85 -36.97 -46.82
C LEU B 614 -16.57 -36.04 -47.79
N THR B 615 -17.88 -36.19 -47.83
CA THR B 615 -18.69 -35.37 -48.71
C THR B 615 -19.02 -34.03 -48.09
N PRO B 616 -19.48 -33.08 -48.89
CA PRO B 616 -19.84 -31.76 -48.36
C PRO B 616 -20.82 -31.93 -47.21
N ILE B 617 -21.78 -32.84 -47.39
CA ILE B 617 -22.79 -33.09 -46.39
C ILE B 617 -22.12 -33.52 -45.09
N ASP B 618 -21.16 -34.43 -45.18
CA ASP B 618 -20.45 -34.93 -44.01
C ASP B 618 -19.85 -33.79 -43.19
N LEU B 619 -19.24 -32.87 -43.90
CA LEU B 619 -18.60 -31.76 -43.26
C LEU B 619 -19.59 -30.78 -42.63
N GLU B 620 -20.61 -30.37 -43.38
CA GLU B 620 -21.60 -29.45 -42.84
C GLU B 620 -22.19 -30.05 -41.55
N VAL B 621 -22.41 -31.36 -41.54
CA VAL B 621 -22.97 -32.07 -40.38
C VAL B 621 -21.99 -32.18 -39.22
N LEU B 622 -20.70 -32.29 -39.52
CA LEU B 622 -19.70 -32.40 -38.44
C LEU B 622 -19.51 -31.01 -37.77
N ALA B 623 -19.78 -29.97 -38.53
CA ALA B 623 -19.65 -28.61 -38.03
C ALA B 623 -20.92 -28.15 -37.34
N ASP B 624 -22.03 -28.82 -37.67
CA ASP B 624 -23.33 -28.46 -37.15
C ASP B 624 -24.33 -29.64 -37.26
N PRO B 625 -24.23 -30.64 -36.39
CA PRO B 625 -25.10 -31.83 -36.38
C PRO B 625 -26.63 -31.50 -36.33
N ASN B 626 -26.93 -30.26 -35.99
CA ASN B 626 -28.28 -29.77 -35.95
C ASN B 626 -28.94 -29.97 -37.32
N LYS B 627 -28.19 -29.80 -38.39
CA LYS B 627 -28.75 -30.00 -39.72
C LYS B 627 -29.28 -31.44 -39.92
N LEU B 628 -28.82 -32.37 -39.11
CA LEU B 628 -29.24 -33.76 -39.21
C LEU B 628 -30.66 -33.95 -38.62
N GLN B 629 -31.16 -32.91 -37.96
CA GLN B 629 -32.47 -32.94 -37.36
C GLN B 629 -33.48 -32.00 -38.06
N TYR B 630 -33.24 -31.66 -39.33
CA TYR B 630 -34.17 -30.81 -40.07
C TYR B 630 -33.86 -30.72 -41.53
N LYS B 631 -32.68 -31.16 -41.94
CA LYS B 631 -32.27 -31.03 -43.33
C LYS B 631 -31.91 -32.32 -44.02
N TRP B 632 -31.16 -33.15 -43.32
CA TRP B 632 -30.73 -34.42 -43.88
C TRP B 632 -31.11 -35.57 -42.94
N THR B 633 -30.87 -36.78 -43.40
CA THR B 633 -31.22 -37.94 -42.63
C THR B 633 -29.99 -38.86 -42.64
N GLU B 634 -29.89 -39.69 -41.61
CA GLU B 634 -28.78 -40.60 -41.48
C GLU B 634 -28.28 -41.12 -42.81
N ALA B 635 -29.22 -41.45 -43.67
CA ALA B 635 -28.88 -41.98 -44.98
C ALA B 635 -27.97 -41.12 -45.83
N ASP B 636 -28.11 -39.80 -45.71
CA ASP B 636 -27.31 -38.86 -46.54
C ASP B 636 -25.87 -38.63 -46.07
N VAL B 637 -25.55 -39.18 -44.91
CA VAL B 637 -24.22 -39.05 -44.31
C VAL B 637 -23.44 -40.36 -44.34
N SER B 638 -22.16 -40.28 -44.72
CA SER B 638 -21.30 -41.47 -44.75
C SER B 638 -21.43 -42.22 -43.41
N ALA B 639 -21.15 -43.51 -43.43
CA ALA B 639 -21.33 -44.31 -42.24
C ALA B 639 -20.29 -44.14 -41.16
N ASN B 640 -19.03 -44.00 -41.55
CA ASN B 640 -17.97 -43.85 -40.57
C ASN B 640 -18.19 -42.52 -39.83
N ILE B 641 -18.85 -41.58 -40.48
CA ILE B 641 -19.13 -40.29 -39.89
C ILE B 641 -20.36 -40.36 -38.97
N HIS B 642 -21.43 -40.98 -39.46
CA HIS B 642 -22.65 -41.13 -38.67
C HIS B 642 -22.35 -41.77 -37.30
N GLU B 643 -21.37 -42.67 -37.23
CA GLU B 643 -21.01 -43.30 -35.95
C GLU B 643 -20.31 -42.35 -34.98
N VAL B 644 -19.85 -41.20 -35.47
CA VAL B 644 -19.20 -40.23 -34.60
C VAL B 644 -20.26 -39.50 -33.80
N LEU B 645 -21.39 -39.32 -34.46
CA LEU B 645 -22.50 -38.59 -33.91
C LEU B 645 -23.60 -39.42 -33.25
N MET B 646 -23.69 -40.70 -33.62
CA MET B 646 -24.77 -41.56 -33.09
C MET B 646 -24.32 -42.93 -32.62
N HIS B 647 -25.15 -43.53 -31.79
CA HIS B 647 -24.94 -44.87 -31.32
C HIS B 647 -26.28 -45.58 -31.38
N GLY B 648 -26.26 -46.88 -31.53
CA GLY B 648 -27.55 -47.53 -31.61
C GLY B 648 -27.84 -48.71 -30.69
N VAL B 649 -29.12 -49.04 -30.63
CA VAL B 649 -29.58 -50.19 -29.88
C VAL B 649 -29.51 -51.35 -30.91
N SER B 650 -29.35 -52.59 -30.47
CA SER B 650 -29.26 -53.72 -31.44
C SER B 650 -30.46 -53.90 -32.38
N VAL B 651 -30.19 -54.35 -33.61
CA VAL B 651 -31.27 -54.57 -34.57
C VAL B 651 -32.19 -55.68 -34.13
N GLU B 652 -31.66 -56.59 -33.31
CA GLU B 652 -32.45 -57.72 -32.82
C GLU B 652 -33.42 -57.26 -31.80
N LYS B 653 -33.04 -56.27 -31.01
CA LYS B 653 -33.94 -55.78 -29.99
C LYS B 653 -35.06 -54.98 -30.62
N THR B 654 -34.73 -54.18 -31.64
CA THR B 654 -35.77 -53.38 -32.26
C THR B 654 -36.61 -54.21 -33.21
N GLU B 655 -36.00 -55.25 -33.77
CA GLU B 655 -36.70 -56.11 -34.71
C GLU B 655 -37.81 -56.86 -33.97
N ARG B 656 -37.47 -57.36 -32.80
CA ARG B 656 -38.43 -58.07 -32.00
C ARG B 656 -39.53 -57.12 -31.51
N PHE B 657 -39.18 -55.86 -31.30
CA PHE B 657 -40.15 -54.86 -30.85
C PHE B 657 -41.08 -54.45 -32.03
N LEU B 658 -40.51 -54.21 -33.19
CA LEU B 658 -41.33 -53.81 -34.32
C LEU B 658 -42.40 -54.86 -34.63
N ARG B 659 -41.98 -56.12 -34.65
CA ARG B 659 -42.85 -57.24 -34.90
C ARG B 659 -44.09 -57.21 -33.99
N SER B 660 -43.88 -56.92 -32.70
CA SER B 660 -45.00 -56.90 -31.77
C SER B 660 -45.93 -55.68 -31.99
N VAL B 661 -45.45 -54.69 -32.73
CA VAL B 661 -46.20 -53.46 -33.00
C VAL B 661 -46.99 -53.53 -34.28
N MET B 662 -46.33 -53.91 -35.36
CA MET B 662 -47.00 -53.97 -36.61
C MET B 662 -48.02 -55.10 -36.79
N PRO B 663 -48.91 -54.92 -37.76
CA PRO B 663 -49.98 -55.89 -38.09
C PRO B 663 -49.37 -57.11 -38.78
N ARG B 664 -48.45 -56.77 -39.69
CA ARG B 664 -47.66 -57.69 -40.53
C ARG B 664 -46.50 -56.84 -41.14
N PRO C 1 58.16 18.60 26.21
CA PRO C 1 58.08 17.26 26.88
C PRO C 1 56.66 16.64 27.07
N ARG C 2 56.17 16.11 25.93
CA ARG C 2 54.86 15.46 25.73
C ARG C 2 53.79 16.50 25.57
N ARG C 3 53.51 16.89 24.34
CA ARG C 3 52.42 17.81 24.17
C ARG C 3 51.25 16.86 24.12
N ALA C 4 50.12 17.32 24.61
CA ALA C 4 48.92 16.52 24.60
C ALA C 4 48.48 16.42 23.16
N PRO C 5 47.96 15.27 22.74
CA PRO C 5 47.50 15.16 21.34
C PRO C 5 46.20 16.00 21.26
N ALA C 6 45.95 16.61 20.11
CA ALA C 6 44.77 17.43 19.94
C ALA C 6 44.07 17.10 18.62
N PHE C 7 42.74 17.02 18.65
CA PHE C 7 41.97 16.70 17.44
C PHE C 7 40.85 17.69 17.16
N PRO C 8 40.77 18.17 15.90
CA PRO C 8 39.71 19.12 15.51
C PRO C 8 38.36 18.39 15.48
N LEU C 9 37.27 19.12 15.65
CA LEU C 9 35.92 18.52 15.59
C LEU C 9 35.75 17.53 14.44
N SER C 10 36.27 17.88 13.27
CA SER C 10 36.14 17.03 12.10
C SER C 10 36.80 15.64 12.22
N ASP C 11 37.71 15.51 13.17
CA ASP C 11 38.37 14.24 13.33
C ASP C 11 37.42 13.21 13.91
N ILE C 12 37.59 11.95 13.53
CA ILE C 12 36.69 10.90 14.03
C ILE C 12 36.67 10.74 15.55
N LYS C 13 37.80 11.01 16.20
CA LYS C 13 37.86 10.88 17.65
C LYS C 13 36.96 11.92 18.30
N ALA C 14 36.86 13.11 17.69
CA ALA C 14 35.95 14.13 18.21
C ALA C 14 34.49 13.81 17.84
N GLN C 15 34.25 13.47 16.57
CA GLN C 15 32.92 13.09 16.10
C GLN C 15 32.26 12.02 16.97
N MET C 16 33.06 11.09 17.48
CA MET C 16 32.45 10.03 18.26
C MET C 16 32.00 10.49 19.63
N LEU C 17 32.34 11.73 20.00
CA LEU C 17 31.92 12.22 21.31
C LEU C 17 30.48 12.73 21.17
N PHE C 18 29.96 12.77 19.96
CA PHE C 18 28.61 13.28 19.78
C PHE C 18 27.66 12.34 19.06
N ALA C 19 26.64 11.94 19.79
CA ALA C 19 25.60 11.07 19.24
C ALA C 19 24.91 11.73 18.02
N ASN C 20 24.27 10.88 17.22
CA ASN C 20 23.54 11.28 16.02
C ASN C 20 22.13 11.81 16.38
N ASN C 21 22.08 12.91 17.13
CA ASN C 21 20.84 13.58 17.47
C ASN C 21 21.19 15.08 17.41
N ILE C 22 20.16 15.91 17.18
CA ILE C 22 20.34 17.34 17.01
C ILE C 22 21.05 18.07 18.13
N LYS C 23 20.68 17.75 19.35
CA LYS C 23 21.28 18.37 20.52
C LYS C 23 22.76 18.14 20.59
N ALA C 24 23.14 16.88 20.46
CA ALA C 24 24.55 16.50 20.55
C ALA C 24 25.28 17.20 19.42
N GLN C 25 24.74 17.12 18.21
CA GLN C 25 25.44 17.74 17.08
C GLN C 25 25.59 19.24 17.27
N GLN C 26 24.56 19.89 17.81
CA GLN C 26 24.64 21.32 18.04
C GLN C 26 25.64 21.68 19.11
N ALA C 27 25.71 20.86 20.15
CA ALA C 27 26.62 21.15 21.24
C ALA C 27 28.05 21.07 20.72
N SER C 28 28.27 20.19 19.75
CA SER C 28 29.61 20.06 19.23
C SER C 28 30.00 21.31 18.40
N LYS C 29 29.03 21.94 17.76
CA LYS C 29 29.34 23.09 16.91
C LYS C 29 29.09 24.46 17.52
N ARG C 30 28.43 24.50 18.68
CA ARG C 30 28.09 25.77 19.30
C ARG C 30 29.26 26.73 19.16
N SER C 31 29.00 27.85 18.52
CA SER C 31 30.02 28.88 18.34
C SER C 31 29.91 29.88 19.51
N PHE C 32 30.91 30.75 19.64
CA PHE C 32 30.98 31.75 20.69
C PHE C 32 29.68 32.58 20.70
N LYS C 33 29.11 32.86 21.87
CA LYS C 33 27.86 33.63 21.96
C LYS C 33 27.91 34.62 23.13
N GLU C 34 27.35 35.81 22.93
CA GLU C 34 27.29 36.77 24.02
C GLU C 34 26.01 37.61 23.90
N GLY C 35 25.64 38.27 24.99
CA GLY C 35 24.43 39.07 24.97
C GLY C 35 24.01 39.44 26.38
N ALA C 36 23.24 40.50 26.48
CA ALA C 36 22.85 40.93 27.81
C ALA C 36 21.97 39.91 28.45
N ILE C 37 22.14 39.68 29.74
CA ILE C 37 21.23 38.75 30.35
C ILE C 37 19.98 39.51 30.77
N GLU C 38 18.93 38.75 30.98
CA GLU C 38 17.67 39.32 31.41
C GLU C 38 17.78 39.19 32.92
N THR C 39 18.37 40.20 33.57
CA THR C 39 18.60 40.25 35.01
C THR C 39 17.38 39.89 35.83
N TYR C 40 16.26 40.50 35.47
CA TYR C 40 14.93 40.22 36.06
C TYR C 40 13.96 40.30 34.88
N GLU C 41 12.77 39.71 35.00
CA GLU C 41 11.81 39.73 33.89
C GLU C 41 11.66 41.16 33.40
N GLY C 42 11.87 41.37 32.12
CA GLY C 42 11.77 42.71 31.58
C GLY C 42 12.95 43.64 31.80
N LEU C 43 14.04 43.22 32.46
CA LEU C 43 15.17 44.14 32.66
C LEU C 43 16.46 43.56 32.11
N LEU C 44 17.02 44.22 31.12
CA LEU C 44 18.26 43.77 30.54
C LEU C 44 19.43 44.33 31.37
N SER C 45 20.49 43.53 31.57
CA SER C 45 21.68 43.95 32.35
C SER C 45 22.39 45.19 31.80
N VAL C 46 22.13 45.53 30.53
CA VAL C 46 22.78 46.73 29.99
C VAL C 46 21.78 47.87 29.85
N ASP C 47 20.61 47.71 30.45
CA ASP C 47 19.63 48.78 30.41
C ASP C 47 20.25 50.07 31.00
N PRO C 48 20.20 51.19 30.25
CA PRO C 48 20.78 52.45 30.76
C PRO C 48 20.36 52.84 32.17
N ARG C 49 19.08 52.65 32.56
CA ARG C 49 18.73 53.03 33.93
C ARG C 49 19.51 52.13 34.89
N PHE C 50 19.51 50.84 34.61
CA PHE C 50 20.22 49.87 35.44
C PHE C 50 21.74 50.18 35.57
N LEU C 51 22.40 50.56 34.47
CA LEU C 51 23.84 50.88 34.58
C LEU C 51 24.03 52.20 35.36
N SER C 52 23.10 53.14 35.20
CA SER C 52 23.19 54.43 35.89
C SER C 52 23.10 54.14 37.39
N PHE C 53 22.13 53.30 37.74
CA PHE C 53 21.90 52.86 39.09
C PHE C 53 23.20 52.23 39.66
N LYS C 54 23.78 51.28 38.92
CA LYS C 54 25.01 50.62 39.37
C LYS C 54 26.14 51.61 39.48
N ASN C 55 26.17 52.59 38.58
CA ASN C 55 27.23 53.55 38.67
C ASN C 55 27.16 54.34 39.97
N GLU C 56 26.01 54.89 40.26
CA GLU C 56 25.83 55.67 41.48
C GLU C 56 25.92 54.84 42.77
N LEU C 57 25.29 53.66 42.79
CA LEU C 57 25.33 52.87 44.00
C LEU C 57 26.75 52.38 44.37
N SER C 58 27.49 51.86 43.38
CA SER C 58 28.82 51.39 43.69
C SER C 58 29.72 52.54 44.17
N ARG C 59 29.62 53.69 43.52
CA ARG C 59 30.44 54.82 43.93
C ARG C 59 30.09 55.30 45.35
N TYR C 60 28.80 55.37 45.65
CA TYR C 60 28.33 55.82 46.96
C TYR C 60 28.75 54.86 48.10
N LEU C 61 28.46 53.58 47.97
CA LEU C 61 28.83 52.64 49.03
C LEU C 61 30.33 52.58 49.23
N THR C 62 31.11 52.61 48.16
CA THR C 62 32.55 52.55 48.30
C THR C 62 33.02 53.76 49.11
N ASP C 63 32.48 54.91 48.72
CA ASP C 63 32.78 56.17 49.34
C ASP C 63 32.38 56.24 50.83
N HIS C 64 31.20 55.73 51.17
CA HIS C 64 30.76 55.78 52.54
C HIS C 64 31.14 54.61 53.43
N PHE C 65 31.48 53.48 52.83
CA PHE C 65 31.83 52.30 53.62
C PHE C 65 33.07 51.61 53.10
N PRO C 66 34.22 52.27 53.25
CA PRO C 66 35.51 51.71 52.79
C PRO C 66 35.74 50.46 53.62
N ALA C 67 36.63 49.59 53.16
CA ALA C 67 36.88 48.34 53.86
C ALA C 67 37.42 48.48 55.28
N ASN C 68 37.07 47.52 56.11
CA ASN C 68 37.52 47.47 57.49
C ASN C 68 38.20 46.11 57.66
N VAL C 69 39.44 46.02 57.18
CA VAL C 69 40.21 44.77 57.29
C VAL C 69 41.58 45.13 57.83
N ASP C 70 42.02 44.47 58.91
CA ASP C 70 43.34 44.81 59.44
C ASP C 70 44.54 44.18 58.70
N GLU C 71 45.74 44.44 59.19
CA GLU C 71 46.99 43.94 58.59
C GLU C 71 47.01 42.41 58.59
N TYR C 72 46.14 41.79 59.38
CA TYR C 72 46.09 40.34 59.41
C TYR C 72 44.86 39.83 58.70
N GLY C 73 44.29 40.65 57.82
CA GLY C 73 43.10 40.23 57.13
C GLY C 73 41.86 39.98 57.97
N ARG C 74 41.81 40.41 59.22
CA ARG C 74 40.54 40.17 59.89
C ARG C 74 39.68 41.38 59.61
N VAL C 75 38.40 41.14 59.41
CA VAL C 75 37.55 42.28 59.18
C VAL C 75 36.84 42.60 60.49
N TYR C 76 36.69 43.89 60.69
CA TYR C 76 36.03 44.44 61.86
C TYR C 76 35.10 45.55 61.36
N GLY C 77 34.66 46.39 62.29
CA GLY C 77 33.82 47.53 61.92
C GLY C 77 32.59 47.28 61.06
N ASN C 78 32.58 47.94 59.91
CA ASN C 78 31.47 47.87 58.96
C ASN C 78 31.27 46.53 58.29
N GLY C 79 32.23 45.62 58.44
CA GLY C 79 32.08 44.30 57.84
C GLY C 79 32.27 44.32 56.31
N VAL C 80 32.94 45.34 55.81
CA VAL C 80 33.20 45.49 54.39
C VAL C 80 34.67 45.08 54.11
N ARG C 81 34.89 44.20 53.12
CA ARG C 81 36.22 43.69 52.74
C ARG C 81 36.86 44.45 51.66
N THR C 82 36.02 45.07 50.84
CA THR C 82 36.57 45.80 49.72
C THR C 82 35.60 46.80 49.16
N ASN C 83 36.00 47.48 48.09
CA ASN C 83 35.12 48.45 47.47
C ASN C 83 33.91 47.74 46.82
N PHE C 84 32.94 48.52 46.36
CA PHE C 84 31.74 47.93 45.75
C PHE C 84 31.71 47.98 44.22
N PHE C 85 32.85 48.22 43.58
CA PHE C 85 32.93 48.34 42.13
C PHE C 85 32.76 47.03 41.35
N GLY C 86 32.78 45.91 42.06
CA GLY C 86 32.61 44.63 41.39
C GLY C 86 31.34 44.50 40.57
N MET C 87 30.31 45.29 40.89
CA MET C 87 29.05 45.21 40.16
C MET C 87 29.13 45.93 38.83
N ARG C 88 30.27 46.51 38.50
CA ARG C 88 30.40 47.24 37.23
C ARG C 88 30.77 46.44 35.97
N HIS C 89 30.02 45.37 35.70
CA HIS C 89 30.28 44.55 34.50
C HIS C 89 29.05 44.47 33.62
N MET C 90 29.22 44.42 32.31
CA MET C 90 28.12 44.26 31.38
C MET C 90 27.77 42.74 31.40
N ASN C 91 26.94 42.31 32.36
CA ASN C 91 26.61 40.87 32.49
C ASN C 91 26.09 40.20 31.26
N GLY C 92 26.72 39.10 30.86
CA GLY C 92 26.29 38.45 29.66
C GLY C 92 27.34 38.67 28.57
N PHE C 93 28.23 39.64 28.75
CA PHE C 93 29.31 39.84 27.73
C PHE C 93 30.63 39.47 28.38
N PRO C 94 31.26 38.38 27.95
CA PRO C 94 32.53 37.90 28.50
C PRO C 94 33.82 38.55 28.03
N MET C 95 34.84 38.35 28.86
CA MET C 95 36.21 38.78 28.56
C MET C 95 36.64 37.85 27.40
N ILE C 96 37.47 38.36 26.50
CA ILE C 96 37.94 37.61 25.33
C ILE C 96 39.47 37.53 25.38
N PRO C 97 40.02 36.33 25.24
CA PRO C 97 39.33 35.06 25.05
C PRO C 97 39.26 34.47 26.43
N ALA C 98 38.49 33.39 26.58
CA ALA C 98 38.48 32.67 27.84
C ALA C 98 39.74 31.79 27.72
N THR C 99 40.10 31.13 28.80
CA THR C 99 41.28 30.31 28.78
C THR C 99 41.09 28.96 28.16
N TRP C 100 42.17 28.40 27.63
CA TRP C 100 42.14 27.03 27.11
C TRP C 100 42.55 26.25 28.35
N PRO C 101 41.86 25.17 28.65
CA PRO C 101 42.21 24.39 29.84
C PRO C 101 43.54 23.64 29.67
N LEU C 102 44.41 23.73 30.68
CA LEU C 102 45.72 23.11 30.67
C LEU C 102 45.63 21.59 30.59
N ALA C 103 46.26 20.95 29.61
CA ALA C 103 46.15 19.49 29.52
C ALA C 103 46.96 18.76 30.57
N SER C 104 48.04 19.40 31.03
CA SER C 104 48.89 18.82 32.07
C SER C 104 49.33 19.91 33.03
N ASN C 105 49.25 19.64 34.32
CA ASN C 105 49.64 20.61 35.34
C ASN C 105 50.91 20.20 36.06
N LEU C 106 51.64 19.22 35.52
CA LEU C 106 52.86 18.76 36.20
C LEU C 106 53.92 19.83 36.29
N LYS C 107 54.11 20.58 35.21
CA LYS C 107 55.12 21.64 35.17
C LYS C 107 54.64 22.82 36.00
N LYS C 108 53.35 23.13 35.88
CA LYS C 108 52.82 24.24 36.65
C LYS C 108 53.06 23.99 38.16
N ARG C 109 52.85 22.74 38.63
CA ARG C 109 53.11 22.42 40.05
C ARG C 109 54.61 22.46 40.38
N ALA C 110 55.41 21.87 39.51
CA ALA C 110 56.84 21.86 39.74
C ALA C 110 57.40 23.27 39.76
N ASP C 111 56.99 24.12 38.83
CA ASP C 111 57.49 25.48 38.80
C ASP C 111 57.04 26.28 40.01
N ALA C 112 55.94 25.87 40.62
CA ALA C 112 55.47 26.62 41.78
C ALA C 112 56.06 25.95 43.02
N ASP C 113 57.00 25.02 42.82
CA ASP C 113 57.63 24.33 43.93
C ASP C 113 56.68 23.52 44.80
N LEU C 114 55.77 22.76 44.18
CA LEU C 114 54.85 21.96 44.97
C LEU C 114 55.33 20.55 44.74
N ALA C 115 55.13 19.70 45.74
CA ALA C 115 55.58 18.33 45.65
C ALA C 115 54.84 17.44 44.68
N ASP C 116 55.53 16.38 44.23
CA ASP C 116 54.96 15.45 43.28
C ASP C 116 54.58 14.10 43.92
N GLY C 117 54.32 14.14 45.23
CA GLY C 117 53.91 12.97 45.98
C GLY C 117 54.02 13.38 47.44
N PRO C 118 53.51 12.60 48.40
CA PRO C 118 53.57 12.89 49.86
C PRO C 118 55.04 13.10 50.16
N VAL C 119 55.40 14.13 50.92
CA VAL C 119 56.84 14.32 51.13
C VAL C 119 57.42 13.49 52.27
N SER C 120 56.56 12.97 53.15
CA SER C 120 57.07 12.16 54.26
C SER C 120 56.13 11.00 54.47
N GLU C 121 56.56 9.95 55.17
CA GLU C 121 55.70 8.79 55.40
C GLU C 121 54.49 9.18 56.25
N ARG C 122 54.68 10.15 57.13
CA ARG C 122 53.60 10.63 57.98
C ARG C 122 52.48 11.14 57.04
N ASP C 123 52.84 12.06 56.15
CA ASP C 123 51.89 12.62 55.19
C ASP C 123 51.22 11.54 54.36
N ASN C 124 52.01 10.60 53.88
CA ASN C 124 51.45 9.54 53.07
C ASN C 124 50.43 8.80 53.92
N LEU C 125 50.74 8.61 55.20
CA LEU C 125 49.81 7.89 56.08
C LEU C 125 48.52 8.69 56.29
N LEU C 126 48.66 10.01 56.43
CA LEU C 126 47.47 10.82 56.67
C LEU C 126 46.52 10.85 55.46
N PHE C 127 47.06 11.00 54.25
CA PHE C 127 46.22 11.00 53.05
C PHE C 127 45.54 9.67 52.97
N ARG C 128 46.28 8.60 53.19
CA ARG C 128 45.63 7.29 53.12
C ARG C 128 44.64 7.10 54.25
N ALA C 129 44.91 7.68 55.41
CA ALA C 129 43.98 7.55 56.52
C ALA C 129 42.67 8.30 56.13
N ALA C 130 42.80 9.40 55.38
CA ALA C 130 41.61 10.16 54.94
C ALA C 130 40.77 9.30 54.02
N VAL C 131 41.41 8.59 53.12
CA VAL C 131 40.66 7.73 52.23
C VAL C 131 39.93 6.69 53.07
N ARG C 132 40.60 6.22 54.10
CA ARG C 132 40.00 5.22 54.95
C ARG C 132 38.82 5.67 55.78
N LEU C 133 38.91 6.84 56.40
CA LEU C 133 37.81 7.33 57.20
C LEU C 133 36.62 7.76 56.31
N MET C 134 36.92 8.29 55.13
CA MET C 134 35.87 8.72 54.23
C MET C 134 35.14 7.65 53.46
N PHE C 135 35.82 6.59 53.05
CA PHE C 135 35.14 5.58 52.25
C PHE C 135 34.81 4.30 52.95
N SER C 136 34.89 4.28 54.27
CA SER C 136 34.64 3.03 54.99
C SER C 136 33.24 2.53 55.31
N ASP C 137 32.39 3.27 56.00
CA ASP C 137 31.12 2.55 56.27
C ASP C 137 29.94 3.27 55.70
N LEU C 138 29.86 3.14 54.39
CA LEU C 138 28.85 3.79 53.61
C LEU C 138 27.50 3.07 53.60
N GLU C 139 26.44 3.90 53.65
CA GLU C 139 25.04 3.47 53.62
C GLU C 139 24.48 3.94 52.29
N PRO C 140 23.88 3.03 51.53
CA PRO C 140 23.29 3.36 50.22
C PRO C 140 22.20 4.41 50.34
N VAL C 141 22.10 5.28 49.33
CA VAL C 141 21.05 6.28 49.27
C VAL C 141 20.61 6.36 47.82
N PRO C 142 19.51 7.03 47.56
CA PRO C 142 19.29 6.97 46.11
C PRO C 142 20.14 8.02 45.36
N LEU C 143 20.37 7.77 44.08
CA LEU C 143 21.12 8.65 43.21
C LEU C 143 20.22 9.82 42.78
N LYS C 144 20.51 11.01 43.28
CA LYS C 144 19.71 12.19 42.92
C LYS C 144 20.25 12.89 41.68
N ILE C 145 19.35 13.34 40.81
CA ILE C 145 19.75 13.99 39.57
C ILE C 145 19.09 15.36 39.45
N ARG C 146 19.85 16.38 39.05
CA ARG C 146 19.33 17.72 38.93
C ARG C 146 18.41 17.82 37.71
N LYS C 147 17.20 18.31 37.94
CA LYS C 147 16.25 18.46 36.86
C LYS C 147 16.79 19.44 35.82
N GLY C 148 16.66 19.11 34.54
CA GLY C 148 17.13 20.01 33.50
C GLY C 148 18.61 20.03 33.18
N SER C 149 19.41 19.29 33.94
CA SER C 149 20.85 19.22 33.72
C SER C 149 21.10 18.33 32.48
N SER C 150 22.20 18.56 31.77
CA SER C 150 22.53 17.76 30.57
C SER C 150 23.34 16.50 30.89
N THR C 151 23.13 15.41 30.16
CA THR C 151 23.90 14.21 30.36
C THR C 151 25.22 14.39 29.56
N CYS C 152 25.35 15.55 28.96
CA CYS C 152 26.52 15.84 28.16
C CYS C 152 26.94 14.72 27.20
N ILE C 153 28.22 14.51 27.12
CA ILE C 153 28.81 13.59 26.23
C ILE C 153 28.28 12.74 25.08
N PRO C 154 27.74 11.49 25.29
CA PRO C 154 27.53 11.44 23.83
C PRO C 154 26.16 12.04 23.44
N TYR C 155 25.18 11.92 24.33
CA TYR C 155 23.79 12.32 24.03
C TYR C 155 23.29 13.72 24.27
N PHE C 156 23.81 14.39 25.28
CA PHE C 156 23.39 15.74 25.54
C PHE C 156 21.89 15.79 25.71
N SER C 157 21.35 14.89 26.52
CA SER C 157 19.93 14.89 26.79
C SER C 157 19.63 15.65 28.09
N ASN C 158 18.43 16.26 28.19
CA ASN C 158 17.98 17.02 29.39
C ASN C 158 16.72 16.41 29.94
N ASP C 159 16.21 15.41 29.24
CA ASP C 159 14.97 14.75 29.62
C ASP C 159 15.17 13.83 30.84
N MET C 160 14.46 14.12 31.92
CA MET C 160 14.58 13.33 33.14
C MET C 160 14.41 11.83 32.95
N GLY C 161 13.42 11.44 32.17
CA GLY C 161 13.21 10.03 31.95
C GLY C 161 14.40 9.39 31.29
N THR C 162 15.01 10.14 30.37
CA THR C 162 16.17 9.64 29.64
C THR C 162 17.41 9.59 30.58
N LYS C 163 17.49 10.55 31.49
CA LYS C 163 18.61 10.60 32.42
C LYS C 163 18.54 9.42 33.36
N ILE C 164 17.35 9.21 33.92
CA ILE C 164 17.10 8.12 34.84
C ILE C 164 17.51 6.83 34.15
N GLU C 165 17.08 6.65 32.91
CA GLU C 165 17.41 5.44 32.17
C GLU C 165 18.91 5.28 32.04
N ILE C 166 19.58 6.34 31.60
CA ILE C 166 21.02 6.31 31.41
C ILE C 166 21.73 5.93 32.68
N ALA C 167 21.30 6.54 33.78
CA ALA C 167 21.89 6.28 35.10
C ALA C 167 21.67 4.84 35.57
N GLU C 168 20.48 4.30 35.37
CA GLU C 168 20.21 2.94 35.79
C GLU C 168 21.00 1.98 34.90
N ARG C 169 21.03 2.26 33.61
CA ARG C 169 21.78 1.42 32.72
C ARG C 169 23.25 1.47 33.13
N ALA C 170 23.74 2.65 33.48
CA ALA C 170 25.12 2.79 33.90
C ALA C 170 25.41 1.98 35.19
N LEU C 171 24.52 2.06 36.18
CA LEU C 171 24.76 1.27 37.40
C LEU C 171 24.76 -0.24 37.11
N GLU C 172 24.13 -0.64 36.02
CA GLU C 172 24.11 -2.06 35.70
C GLU C 172 25.33 -2.50 34.92
N LYS C 173 25.84 -1.62 34.06
CA LYS C 173 26.97 -2.00 33.25
C LYS C 173 28.34 -1.45 33.71
N ALA C 174 28.36 -0.74 34.83
CA ALA C 174 29.61 -0.13 35.28
C ALA C 174 30.70 -1.18 35.50
N GLU C 175 30.32 -2.32 36.05
CA GLU C 175 31.27 -3.33 36.34
C GLU C 175 31.90 -3.87 35.07
N GLU C 176 31.10 -4.06 34.05
CA GLU C 176 31.65 -4.59 32.82
C GLU C 176 32.50 -3.55 32.09
N ALA C 177 32.14 -2.27 32.24
CA ALA C 177 32.90 -1.19 31.61
C ALA C 177 34.22 -1.05 32.33
N GLY C 178 34.15 -1.03 33.67
CA GLY C 178 35.37 -0.94 34.47
C GLY C 178 36.37 -2.03 34.05
N ASN C 179 35.90 -3.29 34.01
CA ASN C 179 36.76 -4.40 33.62
C ASN C 179 37.32 -4.20 32.23
N LEU C 180 36.53 -3.68 31.30
CA LEU C 180 37.07 -3.44 29.96
C LEU C 180 38.24 -2.45 30.02
N MET C 181 38.10 -1.47 30.89
CA MET C 181 39.14 -0.44 31.04
C MET C 181 40.38 -1.06 31.67
N LEU C 182 40.18 -1.95 32.66
CA LEU C 182 41.31 -2.64 33.28
C LEU C 182 42.11 -3.39 32.18
N GLN C 183 41.43 -3.81 31.10
CA GLN C 183 42.12 -4.52 30.04
C GLN C 183 42.68 -3.57 29.00
N GLY C 184 42.61 -2.26 29.30
CA GLY C 184 43.09 -1.26 28.36
C GLY C 184 42.12 -0.98 27.21
N LYS C 185 40.92 -1.55 27.26
CA LYS C 185 39.95 -1.32 26.19
C LYS C 185 39.00 -0.14 26.42
N PHE C 186 39.58 1.06 26.44
CA PHE C 186 38.77 2.25 26.69
C PHE C 186 37.73 2.51 25.61
N ASP C 187 38.11 2.35 24.35
CA ASP C 187 37.19 2.55 23.28
C ASP C 187 35.98 1.62 23.39
N ASP C 188 36.22 0.37 23.78
CA ASP C 188 35.11 -0.56 23.89
C ASP C 188 34.19 -0.07 24.99
N ALA C 189 34.77 0.37 26.10
CA ALA C 189 33.99 0.86 27.22
C ALA C 189 33.13 2.07 26.82
N TYR C 190 33.70 2.98 26.02
CA TYR C 190 32.99 4.17 25.61
C TYR C 190 31.84 3.78 24.66
N GLN C 191 32.21 3.07 23.61
CA GLN C 191 31.25 2.59 22.63
C GLN C 191 30.10 1.75 23.16
N LEU C 192 30.37 0.80 24.04
CA LEU C 192 29.28 -0.03 24.57
C LEU C 192 28.51 0.58 25.71
N HIS C 193 29.16 1.38 26.55
CA HIS C 193 28.46 1.89 27.71
C HIS C 193 28.51 3.39 27.91
N GLN C 194 29.15 4.07 26.96
CA GLN C 194 29.32 5.52 27.01
C GLN C 194 30.14 5.96 28.22
N MET C 195 30.98 5.08 28.77
CA MET C 195 31.81 5.46 29.92
C MET C 195 33.18 5.79 29.38
N GLY C 196 33.44 7.08 29.23
CA GLY C 196 34.69 7.49 28.65
C GLY C 196 34.47 8.70 27.77
N GLY C 197 35.28 8.89 26.73
CA GLY C 197 35.07 10.05 25.88
C GLY C 197 35.81 11.27 26.37
N ALA C 198 35.07 12.29 26.86
CA ALA C 198 35.66 13.54 27.32
C ALA C 198 34.71 14.33 28.17
N TYR C 199 35.24 15.37 28.80
CA TYR C 199 34.46 16.33 29.56
C TYR C 199 34.13 17.33 28.46
N TYR C 200 32.98 17.96 28.60
CA TYR C 200 32.54 18.93 27.62
C TYR C 200 32.78 20.27 28.28
N VAL C 201 33.68 21.08 27.73
CA VAL C 201 34.01 22.35 28.36
C VAL C 201 33.16 23.53 28.02
N VAL C 202 32.54 24.10 29.04
CA VAL C 202 31.73 25.28 28.82
C VAL C 202 32.17 26.40 29.72
N TYR C 203 32.18 27.59 29.14
CA TYR C 203 32.57 28.75 29.89
C TYR C 203 31.43 29.41 30.65
N ARG C 204 31.61 29.64 31.95
CA ARG C 204 30.60 30.29 32.83
C ARG C 204 31.02 31.69 33.26
N ALA C 205 30.10 32.42 33.86
CA ALA C 205 30.36 33.77 34.30
C ALA C 205 30.58 33.87 35.77
N GLN C 206 31.58 34.67 36.15
CA GLN C 206 31.79 35.04 37.55
C GLN C 206 31.42 36.51 37.30
N SER C 207 30.16 36.79 37.61
CA SER C 207 29.56 38.09 37.34
C SER C 207 30.24 39.27 37.96
N THR C 208 30.91 39.08 39.06
CA THR C 208 31.60 40.25 39.59
C THR C 208 33.06 39.86 39.75
N ASP C 209 33.94 40.84 39.67
CA ASP C 209 35.37 40.61 39.79
C ASP C 209 35.97 41.96 40.16
N ALA C 210 37.12 41.96 40.81
CA ALA C 210 37.73 43.20 41.28
C ALA C 210 37.97 44.30 40.25
N ILE C 211 37.56 45.50 40.65
CA ILE C 211 37.75 46.69 39.85
C ILE C 211 38.26 47.75 40.83
N THR C 212 39.11 48.68 40.39
CA THR C 212 39.57 49.72 41.29
C THR C 212 39.49 51.07 40.62
N LEU C 213 39.45 52.11 41.45
CA LEU C 213 39.36 53.46 40.92
C LEU C 213 40.69 54.13 41.17
N ASP C 214 41.45 54.41 40.12
CA ASP C 214 42.74 55.06 40.27
C ASP C 214 42.54 56.53 40.68
N PRO C 215 42.80 56.83 41.97
CA PRO C 215 42.63 58.18 42.48
C PRO C 215 43.39 59.21 41.64
N LYS C 216 44.51 58.79 41.05
CA LYS C 216 45.31 59.67 40.18
C LYS C 216 44.55 60.08 38.90
N THR C 217 44.14 59.08 38.14
CA THR C 217 43.43 59.28 36.87
C THR C 217 41.91 59.46 36.94
N GLY C 218 41.28 58.93 37.97
CA GLY C 218 39.82 59.03 38.04
C GLY C 218 39.19 57.95 37.13
N LYS C 219 40.04 57.07 36.62
CA LYS C 219 39.62 55.98 35.74
C LYS C 219 39.56 54.67 36.51
N PHE C 220 38.68 53.79 36.09
CA PHE C 220 38.58 52.50 36.75
C PHE C 220 39.53 51.51 36.08
N VAL C 221 39.96 50.50 36.82
CA VAL C 221 40.86 49.50 36.27
C VAL C 221 40.35 48.11 36.67
N SER C 222 40.12 47.23 35.69
CA SER C 222 39.66 45.86 36.00
C SER C 222 40.85 44.97 36.27
N LYS C 223 40.68 43.97 37.12
CA LYS C 223 41.78 43.08 37.41
C LYS C 223 42.07 42.21 36.20
N ASP C 224 43.33 42.12 35.85
CA ASP C 224 43.75 41.30 34.73
C ASP C 224 43.51 39.85 35.11
N ARG C 225 42.98 39.10 34.17
CA ARG C 225 42.77 37.68 34.40
C ARG C 225 43.60 37.00 33.33
N MET C 226 44.55 36.18 33.77
CA MET C 226 45.46 35.50 32.87
C MET C 226 44.81 34.29 32.26
N VAL C 227 45.00 34.13 30.96
CA VAL C 227 44.48 33.01 30.21
C VAL C 227 45.56 32.42 29.32
N ALA C 228 45.43 31.13 29.07
CA ALA C 228 46.37 30.39 28.27
C ALA C 228 45.84 30.17 26.86
N ASP C 229 46.68 30.34 25.86
CA ASP C 229 46.25 30.05 24.49
C ASP C 229 46.42 28.54 24.31
N PHE C 230 46.02 28.04 23.15
CA PHE C 230 46.06 26.61 22.86
C PHE C 230 47.45 26.00 23.02
N GLU C 231 48.45 26.66 22.49
CA GLU C 231 49.81 26.15 22.58
C GLU C 231 50.18 25.94 24.02
N TYR C 232 49.98 26.99 24.80
CA TYR C 232 50.28 26.93 26.21
C TYR C 232 49.55 25.77 26.89
N ALA C 233 48.25 25.62 26.59
CA ALA C 233 47.46 24.55 27.21
C ALA C 233 47.84 23.15 26.82
N VAL C 234 48.18 22.90 25.55
CA VAL C 234 48.55 21.53 25.23
C VAL C 234 50.00 21.20 25.56
N THR C 235 50.84 22.20 25.88
CA THR C 235 52.22 21.89 26.23
C THR C 235 52.51 22.10 27.71
N GLY C 236 51.46 22.12 28.53
CA GLY C 236 51.68 22.32 29.94
C GLY C 236 52.35 23.64 30.31
N GLY C 237 52.32 24.62 29.40
CA GLY C 237 52.96 25.90 29.68
C GLY C 237 54.37 25.98 29.07
N GLU C 238 54.85 24.91 28.48
CA GLU C 238 56.19 24.95 27.89
C GLU C 238 56.30 25.96 26.75
N GLN C 239 55.24 26.08 25.97
CA GLN C 239 55.27 27.02 24.86
C GLN C 239 53.98 27.77 24.89
N GLY C 240 53.78 28.62 23.89
CA GLY C 240 52.58 29.42 23.83
C GLY C 240 52.62 30.50 24.90
N SER C 241 51.49 31.14 25.14
CA SER C 241 51.55 32.15 26.16
C SER C 241 50.38 32.25 27.09
N LEU C 242 50.70 32.92 28.17
CA LEU C 242 49.82 33.19 29.25
C LEU C 242 49.68 34.71 29.19
N PHE C 243 48.46 35.23 29.03
CA PHE C 243 48.27 36.68 28.94
C PHE C 243 46.94 37.13 29.49
N ALA C 244 46.84 38.43 29.70
CA ALA C 244 45.66 39.05 30.25
C ALA C 244 44.51 39.06 29.25
N ALA C 245 43.38 38.46 29.63
CA ALA C 245 42.21 38.42 28.74
C ALA C 245 41.77 39.87 28.64
N SER C 246 41.04 40.25 27.61
CA SER C 246 40.62 41.63 27.54
C SER C 246 39.20 41.82 28.10
N LYS C 247 39.07 42.70 29.11
CA LYS C 247 37.77 42.96 29.74
C LYS C 247 37.16 44.25 29.21
N ASP C 248 37.86 44.87 28.27
CA ASP C 248 37.41 46.14 27.70
C ASP C 248 36.07 46.02 27.00
N ALA C 249 35.09 46.80 27.47
CA ALA C 249 33.73 46.76 26.90
C ALA C 249 33.41 47.75 25.76
N SER C 250 34.36 48.60 25.37
CA SER C 250 34.12 49.59 24.30
C SER C 250 33.51 48.94 23.06
N ARG C 251 34.02 47.76 22.72
CA ARG C 251 33.56 47.01 21.57
C ARG C 251 32.05 46.84 21.54
N LEU C 252 31.39 46.75 22.69
CA LEU C 252 29.94 46.56 22.68
C LEU C 252 29.18 47.67 21.94
N LYS C 253 29.74 48.88 21.94
CA LYS C 253 29.10 50.01 21.30
C LYS C 253 29.22 49.80 19.81
N GLU C 254 30.45 49.69 19.38
CA GLU C 254 30.73 49.45 17.99
C GLU C 254 29.99 48.21 17.47
N GLN C 255 30.08 47.07 18.16
CA GLN C 255 29.45 45.84 17.65
C GLN C 255 27.96 45.77 17.75
N TYR C 256 27.39 46.13 18.89
CA TYR C 256 25.95 45.99 19.10
C TYR C 256 25.22 47.29 19.36
N GLY C 257 25.91 48.42 19.20
CA GLY C 257 25.27 49.69 19.48
C GLY C 257 24.85 49.84 20.94
N ILE C 258 25.44 49.08 21.85
CA ILE C 258 25.07 49.23 23.25
C ILE C 258 25.91 50.34 23.83
N ASP C 259 25.27 51.24 24.58
CA ASP C 259 26.04 52.32 25.22
C ASP C 259 26.85 51.79 26.43
N VAL C 260 28.14 52.08 26.44
CA VAL C 260 28.98 51.60 27.54
C VAL C 260 29.39 52.73 28.47
N PRO C 261 28.79 52.81 29.69
CA PRO C 261 29.21 53.91 30.56
C PRO C 261 30.64 53.73 30.98
N ASP C 262 31.26 54.80 31.44
CA ASP C 262 32.64 54.75 31.86
C ASP C 262 32.84 53.80 33.04
N GLY C 263 33.89 53.00 33.00
CA GLY C 263 34.13 52.11 34.12
C GLY C 263 33.29 50.84 34.24
N PHE C 264 32.78 50.38 33.11
CA PHE C 264 32.02 49.12 33.04
C PHE C 264 32.81 48.19 32.12
N PHE C 265 32.97 46.95 32.57
CA PHE C 265 33.80 45.96 31.84
C PHE C 265 33.09 44.66 31.53
N CYS C 266 33.72 43.82 30.70
CA CYS C 266 33.13 42.52 30.37
C CYS C 266 33.40 41.61 31.54
N GLU C 267 32.59 40.56 31.68
CA GLU C 267 32.73 39.62 32.77
C GLU C 267 33.87 38.65 32.64
N ARG C 268 34.34 38.24 33.81
CA ARG C 268 35.34 37.25 33.94
C ARG C 268 34.68 35.92 33.58
N ARG C 269 35.37 35.08 32.81
CA ARG C 269 34.83 33.76 32.49
C ARG C 269 35.67 32.61 33.00
N ARG C 270 35.01 31.69 33.68
CA ARG C 270 35.63 30.49 34.25
C ARG C 270 35.26 29.25 33.44
N THR C 271 36.12 28.25 33.44
CA THR C 271 35.78 27.05 32.70
C THR C 271 34.98 26.08 33.55
N ALA C 272 34.06 25.40 32.90
CA ALA C 272 33.21 24.43 33.55
C ALA C 272 33.27 23.14 32.72
N MET C 273 33.36 21.99 33.38
CA MET C 273 33.41 20.73 32.63
C MET C 273 32.17 19.88 32.86
N GLY C 274 31.42 19.60 31.80
CA GLY C 274 30.25 18.71 31.94
C GLY C 274 30.79 17.29 31.78
N GLY C 275 30.57 16.42 32.77
CA GLY C 275 31.09 15.06 32.64
C GLY C 275 30.20 14.17 31.82
N PRO C 276 30.74 13.10 31.26
CA PRO C 276 29.92 12.16 30.45
C PRO C 276 29.08 11.41 31.50
N PHE C 277 27.79 11.66 31.50
CA PHE C 277 26.92 11.13 32.53
C PHE C 277 26.96 9.64 32.85
N ALA C 278 27.12 8.77 31.85
CA ALA C 278 27.15 7.34 32.16
C ALA C 278 28.36 7.01 33.06
N LEU C 279 29.45 7.77 32.90
CA LEU C 279 30.65 7.58 33.73
C LEU C 279 30.45 8.24 35.10
N ASN C 280 29.81 9.39 35.14
CA ASN C 280 29.64 10.03 36.44
C ASN C 280 28.62 9.41 37.37
N ALA C 281 27.61 8.74 36.81
CA ALA C 281 26.56 8.18 37.64
C ALA C 281 27.15 7.15 38.62
N PRO C 282 27.94 6.16 38.12
CA PRO C 282 28.48 5.19 39.08
C PRO C 282 29.38 5.87 40.13
N ILE C 283 29.93 7.04 39.79
CA ILE C 283 30.73 7.75 40.77
C ILE C 283 29.85 8.49 41.78
N MET C 284 28.77 9.12 41.31
CA MET C 284 27.89 9.83 42.23
C MET C 284 27.21 8.86 43.21
N ALA C 285 27.01 7.62 42.78
CA ALA C 285 26.36 6.63 43.65
C ALA C 285 27.18 6.35 44.91
N VAL C 286 28.49 6.47 44.81
CA VAL C 286 29.36 6.28 45.96
C VAL C 286 29.60 7.63 46.66
N ALA C 287 29.79 8.69 45.86
CA ALA C 287 30.05 10.00 46.43
C ALA C 287 29.02 10.53 47.43
N GLN C 288 27.73 10.41 47.13
CA GLN C 288 26.74 10.93 48.09
C GLN C 288 26.84 10.22 49.45
N PRO C 289 26.95 8.89 49.44
CA PRO C 289 27.08 8.13 50.70
C PRO C 289 28.35 8.67 51.47
N VAL C 290 29.43 9.00 50.74
CA VAL C 290 30.62 9.51 51.42
C VAL C 290 30.30 10.83 52.08
N ARG C 291 29.55 11.68 51.37
CA ARG C 291 29.17 12.97 51.92
C ARG C 291 28.34 12.78 53.19
N ASN C 292 27.41 11.82 53.14
CA ASN C 292 26.58 11.56 54.31
C ASN C 292 27.44 11.14 55.45
N LYS C 293 28.49 10.36 55.19
CA LYS C 293 29.39 9.95 56.26
C LYS C 293 30.16 11.13 56.83
N ILE C 294 30.95 11.81 56.00
CA ILE C 294 31.70 12.90 56.58
C ILE C 294 30.83 14.02 57.19
N TYR C 295 29.63 14.29 56.63
CA TYR C 295 28.79 15.35 57.23
C TYR C 295 28.21 14.94 58.59
N SER C 296 27.97 13.65 58.78
CA SER C 296 27.46 13.13 60.06
C SER C 296 28.59 12.81 61.05
N LYS C 297 29.36 11.76 60.80
CA LYS C 297 30.46 11.44 61.72
C LYS C 297 31.49 12.52 61.93
N TYR C 298 31.86 13.23 60.86
CA TYR C 298 32.86 14.26 61.03
C TYR C 298 32.27 15.64 60.83
N ALA C 299 31.02 15.75 61.26
CA ALA C 299 30.27 16.99 61.18
C ALA C 299 31.04 18.19 61.71
N TYR C 300 31.85 17.98 62.73
CA TYR C 300 32.59 19.09 63.30
C TYR C 300 33.39 19.87 62.26
N THR C 301 34.18 19.17 61.46
CA THR C 301 34.97 19.96 60.56
C THR C 301 34.34 20.08 59.17
N PHE C 302 33.41 19.19 58.83
CA PHE C 302 32.80 19.19 57.51
C PHE C 302 31.34 19.65 57.29
N HIS C 303 30.48 19.63 58.32
CA HIS C 303 29.08 20.05 58.14
C HIS C 303 28.83 21.49 58.57
N HIS C 304 28.59 22.36 57.59
CA HIS C 304 28.39 23.78 57.85
C HIS C 304 27.08 24.29 57.26
N THR C 305 26.30 24.94 58.10
CA THR C 305 25.01 25.47 57.67
C THR C 305 24.80 26.94 57.97
N THR C 306 24.50 27.24 59.21
CA THR C 306 24.22 28.63 59.58
C THR C 306 25.41 29.42 59.99
N ARG C 307 25.18 30.71 60.22
CA ARG C 307 26.25 31.57 60.67
C ARG C 307 26.56 31.12 62.11
N LEU C 308 25.51 30.76 62.85
CA LEU C 308 25.68 30.36 64.25
C LEU C 308 26.32 28.98 64.38
N ASN C 309 26.01 28.10 63.44
CA ASN C 309 26.57 26.75 63.41
C ASN C 309 28.11 26.86 63.43
N LYS C 310 28.64 27.71 62.55
CA LYS C 310 30.08 27.96 62.43
C LYS C 310 30.60 28.77 63.62
N GLU C 311 29.82 29.75 64.05
CA GLU C 311 30.20 30.60 65.17
C GLU C 311 30.45 29.77 66.43
N GLU C 312 29.57 28.82 66.70
CA GLU C 312 29.76 28.01 67.89
C GLU C 312 31.15 27.40 67.98
N LYS C 313 31.59 26.75 66.91
CA LYS C 313 32.89 26.09 66.86
C LYS C 313 34.10 27.00 67.03
N VAL C 314 34.11 28.07 66.26
CA VAL C 314 35.19 29.03 66.24
C VAL C 314 35.33 29.88 67.49
N LYS C 315 34.21 30.10 68.19
CA LYS C 315 34.24 30.92 69.39
C LYS C 315 35.09 30.27 70.47
N GLU C 316 35.16 28.94 70.46
CA GLU C 316 35.93 28.23 71.45
C GLU C 316 37.44 28.18 71.18
N TRP C 317 37.90 28.79 70.09
CA TRP C 317 39.30 28.74 69.74
C TRP C 317 39.99 29.96 70.31
N SER C 318 41.32 29.88 70.42
CA SER C 318 42.14 30.99 70.92
C SER C 318 42.75 31.73 69.76
N LEU C 319 42.82 31.04 68.61
CA LEU C 319 43.34 31.64 67.39
C LEU C 319 42.62 30.95 66.26
N CYS C 320 42.23 31.77 65.29
CA CYS C 320 41.51 31.34 64.10
C CYS C 320 42.28 31.89 62.92
N VAL C 321 42.66 31.02 61.99
CA VAL C 321 43.38 31.49 60.82
C VAL C 321 42.58 31.15 59.57
N ALA C 322 42.19 32.20 58.83
CA ALA C 322 41.42 32.07 57.60
C ALA C 322 42.41 31.88 56.42
N THR C 323 42.45 30.68 55.88
CA THR C 323 43.37 30.41 54.79
C THR C 323 42.81 30.70 53.40
N ASP C 324 43.73 30.70 52.44
CA ASP C 324 43.44 30.92 51.05
C ASP C 324 44.30 30.01 50.16
N VAL C 325 43.66 29.37 49.19
CA VAL C 325 44.38 28.50 48.30
C VAL C 325 44.34 29.12 46.91
N SER C 326 45.51 29.26 46.31
CA SER C 326 45.54 29.84 44.99
C SER C 326 45.11 28.83 43.87
N ASP C 327 44.13 29.19 43.04
CA ASP C 327 43.71 28.33 41.89
C ASP C 327 43.78 26.80 42.19
N HIS C 328 42.93 26.39 43.10
CA HIS C 328 42.88 25.04 43.59
C HIS C 328 42.72 23.93 42.58
N ASP C 329 41.68 24.07 41.77
CA ASP C 329 41.38 23.03 40.79
C ASP C 329 42.47 22.74 39.77
N THR C 330 43.14 23.76 39.25
CA THR C 330 44.15 23.45 38.28
C THR C 330 45.46 22.97 38.97
N PHE C 331 45.65 23.28 40.24
CA PHE C 331 46.84 22.79 40.94
C PHE C 331 46.62 21.39 41.54
N TRP C 332 45.36 20.97 41.70
CA TRP C 332 45.05 19.69 42.32
C TRP C 332 45.93 18.60 41.68
N PRO C 333 46.61 17.82 42.52
CA PRO C 333 47.52 16.77 42.03
C PRO C 333 47.10 15.39 41.67
N GLY C 334 47.43 15.02 40.44
CA GLY C 334 47.13 13.70 39.94
C GLY C 334 47.75 12.62 40.81
N TRP C 335 48.84 12.94 41.53
CA TRP C 335 49.43 11.89 42.36
C TRP C 335 48.46 11.53 43.48
N LEU C 336 47.60 12.48 43.86
CA LEU C 336 46.63 12.18 44.91
C LEU C 336 45.53 11.28 44.35
N ARG C 337 45.18 11.50 43.09
CA ARG C 337 44.19 10.65 42.44
C ARG C 337 44.75 9.20 42.52
N ASP C 338 46.01 9.01 42.13
CA ASP C 338 46.57 7.67 42.20
C ASP C 338 46.75 7.10 43.62
N LEU C 339 47.04 7.95 44.59
CA LEU C 339 47.15 7.48 45.95
C LEU C 339 45.75 7.05 46.43
N ILE C 340 44.76 7.88 46.18
CA ILE C 340 43.41 7.51 46.60
C ILE C 340 42.95 6.16 45.99
N CYS C 341 43.17 5.97 44.70
CA CYS C 341 42.79 4.73 44.05
C CYS C 341 43.52 3.55 44.68
N ASP C 342 44.82 3.73 44.89
CA ASP C 342 45.63 2.70 45.50
C ASP C 342 45.08 2.30 46.87
N GLU C 343 44.76 3.28 47.71
CA GLU C 343 44.23 2.97 49.01
C GLU C 343 42.85 2.33 48.94
N LEU C 344 42.03 2.74 47.98
CA LEU C 344 40.70 2.14 47.85
C LEU C 344 40.89 0.66 47.49
N LEU C 345 41.83 0.38 46.61
CA LEU C 345 42.08 -1.00 46.24
C LEU C 345 42.47 -1.77 47.55
N ASN C 346 43.40 -1.21 48.34
CA ASN C 346 43.85 -1.81 49.57
C ASN C 346 42.67 -2.04 50.50
N MET C 347 41.75 -1.09 50.61
CA MET C 347 40.62 -1.30 51.50
C MET C 347 39.67 -2.38 50.98
N GLY C 348 39.88 -2.88 49.75
CA GLY C 348 38.97 -3.87 49.20
C GLY C 348 37.85 -3.42 48.25
N TYR C 349 37.89 -2.17 47.76
CA TYR C 349 36.88 -1.70 46.77
C TYR C 349 37.04 -2.49 45.46
N ALA C 350 35.93 -2.70 44.75
CA ALA C 350 35.97 -3.40 43.47
C ALA C 350 36.98 -2.72 42.54
N PRO C 351 37.86 -3.49 41.91
CA PRO C 351 38.85 -2.89 41.00
C PRO C 351 38.24 -2.15 39.83
N TRP C 352 37.22 -2.75 39.22
CA TRP C 352 36.56 -2.11 38.10
C TRP C 352 36.00 -0.72 38.50
N TRP C 353 35.50 -0.58 39.73
CA TRP C 353 34.98 0.74 40.13
C TRP C 353 36.12 1.73 40.36
N VAL C 354 37.25 1.26 40.91
CA VAL C 354 38.36 2.17 41.14
C VAL C 354 38.87 2.63 39.78
N LYS C 355 38.82 1.72 38.82
CA LYS C 355 39.29 2.04 37.51
C LYS C 355 38.39 3.13 36.86
N LEU C 356 37.07 3.04 37.09
CA LEU C 356 36.14 4.01 36.54
C LEU C 356 36.50 5.36 37.13
N PHE C 357 36.68 5.36 38.45
CA PHE C 357 36.98 6.57 39.19
C PHE C 357 38.32 7.17 38.73
N GLU C 358 39.35 6.33 38.64
CA GLU C 358 40.65 6.79 38.21
C GLU C 358 40.53 7.44 36.81
N THR C 359 39.86 6.73 35.91
CA THR C 359 39.70 7.25 34.56
C THR C 359 38.93 8.58 34.49
N SER C 360 37.91 8.77 35.35
CA SER C 360 37.19 10.03 35.34
C SER C 360 38.14 11.18 35.69
N LEU C 361 39.26 10.89 36.35
CA LEU C 361 40.20 11.97 36.69
C LEU C 361 41.40 12.10 35.72
N LYS C 362 41.30 11.42 34.58
CA LYS C 362 42.36 11.49 33.54
C LYS C 362 41.81 11.74 32.16
N LEU C 363 40.50 12.00 32.08
CA LEU C 363 39.81 12.20 30.84
C LEU C 363 40.10 13.42 29.96
N PRO C 364 40.03 13.22 28.65
CA PRO C 364 40.26 14.33 27.72
C PRO C 364 39.14 15.38 27.88
N VAL C 365 39.37 16.56 27.33
CA VAL C 365 38.40 17.61 27.42
C VAL C 365 38.15 18.15 26.03
N TYR C 366 36.86 18.37 25.74
CA TYR C 366 36.49 18.94 24.46
C TYR C 366 36.20 20.41 24.70
N VAL C 367 36.99 21.24 24.04
CA VAL C 367 36.86 22.68 24.16
C VAL C 367 35.96 23.20 23.09
N GLY C 368 34.91 23.86 23.55
CA GLY C 368 33.89 24.42 22.67
C GLY C 368 34.21 25.76 22.04
N ALA C 369 34.06 26.85 22.78
CA ALA C 369 34.30 28.14 22.15
C ALA C 369 34.74 29.22 23.13
N PRO C 370 36.03 29.35 23.33
CA PRO C 370 36.60 30.33 24.26
C PRO C 370 36.60 31.77 23.75
N ALA C 371 36.42 31.91 22.44
CA ALA C 371 36.42 33.22 21.81
C ALA C 371 35.90 33.03 20.42
N PRO C 372 35.59 34.12 19.73
CA PRO C 372 35.08 34.03 18.35
C PRO C 372 36.15 33.34 17.51
N GLU C 373 35.76 32.41 16.64
CA GLU C 373 36.75 31.73 15.79
C GLU C 373 37.76 30.84 16.48
N GLN C 374 37.39 30.30 17.63
CA GLN C 374 38.30 29.45 18.35
C GLN C 374 37.58 28.30 19.02
N GLY C 375 38.23 27.15 19.12
CA GLY C 375 37.59 26.06 19.81
C GLY C 375 37.34 24.84 18.98
N HIS C 376 36.34 24.07 19.39
CA HIS C 376 35.97 22.86 18.66
C HIS C 376 37.20 21.98 18.47
N THR C 377 37.85 21.72 19.60
CA THR C 377 39.04 20.92 19.63
C THR C 377 39.03 19.98 20.82
N LEU C 378 39.35 18.72 20.60
CA LEU C 378 39.40 17.73 21.67
C LEU C 378 40.90 17.72 22.11
N LEU C 379 41.15 17.75 23.43
CA LEU C 379 42.52 17.71 23.94
C LEU C 379 42.63 16.38 24.66
N GLY C 380 43.60 15.58 24.24
CA GLY C 380 43.79 14.28 24.85
C GLY C 380 43.16 13.17 24.04
N ASP C 381 43.68 11.95 24.16
CA ASP C 381 43.16 10.85 23.38
C ASP C 381 42.20 9.97 24.17
N PRO C 382 40.92 9.91 23.79
CA PRO C 382 40.02 9.05 24.57
C PRO C 382 40.39 7.57 24.58
N SER C 383 41.16 7.13 23.60
CA SER C 383 41.55 5.71 23.58
C SER C 383 42.49 5.41 24.75
N ASN C 384 43.12 6.45 25.25
CA ASN C 384 44.03 6.25 26.36
C ASN C 384 44.09 7.45 27.24
N PRO C 385 43.10 7.61 28.11
CA PRO C 385 42.99 8.74 29.04
C PRO C 385 44.26 8.94 29.87
N ASP C 386 44.89 10.12 29.73
CA ASP C 386 46.13 10.43 30.44
C ASP C 386 46.36 11.93 30.63
N LEU C 387 45.28 12.69 30.77
CA LEU C 387 45.40 14.13 30.99
C LEU C 387 45.69 14.37 32.49
N GLU C 388 46.24 15.53 32.80
CA GLU C 388 46.51 15.90 34.19
C GLU C 388 45.95 17.31 34.33
N VAL C 389 44.64 17.47 34.12
CA VAL C 389 44.06 18.83 34.18
C VAL C 389 43.97 19.33 35.61
N GLY C 390 44.25 18.47 36.57
CA GLY C 390 44.04 18.90 37.92
C GLY C 390 42.68 18.34 38.29
N LEU C 391 41.78 19.14 38.83
CA LEU C 391 40.47 18.60 39.23
C LEU C 391 39.44 19.06 38.24
N SER C 392 38.74 18.12 37.64
CA SER C 392 37.73 18.43 36.63
C SER C 392 36.42 18.79 37.35
N SER C 393 35.84 19.94 37.04
CA SER C 393 34.65 20.36 37.76
C SER C 393 33.39 19.49 37.68
N GLY C 394 33.17 18.78 36.59
CA GLY C 394 31.95 18.00 36.57
C GLY C 394 32.15 16.55 36.93
N GLN C 395 33.32 16.20 37.46
CA GLN C 395 33.55 14.80 37.83
C GLN C 395 32.54 14.52 38.98
N GLY C 396 32.10 13.30 39.14
CA GLY C 396 31.11 13.14 40.22
C GLY C 396 31.45 13.40 41.69
N ALA C 397 32.73 13.64 41.98
CA ALA C 397 33.11 13.82 43.36
C ALA C 397 34.11 14.95 43.58
N THR C 398 34.09 15.96 42.72
CA THR C 398 35.11 16.99 42.87
C THR C 398 35.18 17.65 44.25
N ASP C 399 34.06 17.78 44.93
CA ASP C 399 34.10 18.41 46.26
C ASP C 399 34.84 17.51 47.24
N LEU C 400 34.58 16.20 47.18
CA LEU C 400 35.27 15.26 48.04
C LEU C 400 36.77 15.30 47.74
N MET C 401 37.14 15.41 46.45
CA MET C 401 38.55 15.43 46.09
C MET C 401 39.27 16.63 46.66
N GLY C 402 38.61 17.77 46.66
CA GLY C 402 39.24 18.97 47.17
C GLY C 402 39.32 18.99 48.68
N THR C 403 38.29 18.42 49.28
CA THR C 403 38.22 18.33 50.71
C THR C 403 39.28 17.33 51.22
N LEU C 404 39.41 16.19 50.56
CA LEU C 404 40.41 15.21 50.99
C LEU C 404 41.81 15.84 50.82
N LEU C 405 42.06 16.51 49.71
CA LEU C 405 43.36 17.11 49.53
C LEU C 405 43.66 18.18 50.57
N MET C 406 42.79 19.19 50.63
CA MET C 406 43.00 20.32 51.53
C MET C 406 42.89 20.04 53.02
N SER C 407 41.91 19.22 53.43
CA SER C 407 41.81 18.95 54.86
C SER C 407 43.16 18.39 55.36
N ILE C 408 43.76 17.44 54.64
CA ILE C 408 45.04 16.90 55.07
C ILE C 408 46.14 17.95 54.93
N THR C 409 46.12 18.71 53.83
CA THR C 409 47.13 19.74 53.64
C THR C 409 47.10 20.72 54.83
N TYR C 410 45.92 21.16 55.23
CA TYR C 410 45.86 22.08 56.37
C TYR C 410 46.35 21.40 57.65
N LEU C 411 46.00 20.12 57.86
CA LEU C 411 46.45 19.42 59.06
C LEU C 411 47.99 19.38 59.05
N VAL C 412 48.57 18.95 57.92
CA VAL C 412 50.02 18.91 57.77
C VAL C 412 50.66 20.28 58.08
N MET C 413 50.08 21.35 57.60
CA MET C 413 50.62 22.67 57.85
C MET C 413 50.58 22.95 59.38
N GLN C 414 49.59 22.37 60.07
CA GLN C 414 49.47 22.59 61.51
C GLN C 414 50.54 21.78 62.29
N LEU C 415 50.71 20.53 61.85
CA LEU C 415 51.70 19.64 62.45
C LEU C 415 53.08 20.23 62.21
N ASP C 416 53.39 20.54 60.95
CA ASP C 416 54.70 21.06 60.59
C ASP C 416 55.04 22.33 61.33
N HIS C 417 54.14 23.31 61.41
CA HIS C 417 54.56 24.55 62.07
C HIS C 417 54.13 24.81 63.50
N THR C 418 53.28 23.98 64.08
CA THR C 418 52.85 24.28 65.43
C THR C 418 52.73 23.08 66.36
N ALA C 419 52.57 21.87 65.83
CA ALA C 419 52.40 20.75 66.73
C ALA C 419 53.27 19.52 66.48
N PRO C 420 54.60 19.69 66.46
CA PRO C 420 55.53 18.57 66.22
C PRO C 420 55.36 17.52 67.30
N HIS C 421 54.85 17.94 68.45
CA HIS C 421 54.61 17.02 69.56
C HIS C 421 53.50 16.07 69.28
N LEU C 422 52.83 16.21 68.16
CA LEU C 422 51.76 15.27 67.86
C LEU C 422 52.21 14.20 66.87
N ASN C 423 53.38 14.41 66.25
CA ASN C 423 53.86 13.42 65.28
C ASN C 423 54.00 12.02 65.81
N SER C 424 54.42 11.90 67.07
CA SER C 424 54.61 10.57 67.65
C SER C 424 53.33 9.79 67.73
N ARG C 425 52.20 10.45 67.48
CA ARG C 425 50.89 9.77 67.49
C ARG C 425 50.55 9.15 66.13
N ILE C 426 51.37 9.44 65.12
CA ILE C 426 51.13 8.94 63.76
C ILE C 426 52.30 8.07 63.32
N LYS C 427 52.21 6.78 63.64
CA LYS C 427 53.27 5.82 63.38
C LYS C 427 52.94 4.82 62.28
N ASP C 428 51.66 4.53 62.10
CA ASP C 428 51.28 3.55 61.10
C ASP C 428 49.82 3.80 60.69
N MET C 429 49.24 2.94 59.85
CA MET C 429 47.87 3.20 59.47
C MET C 429 46.89 3.23 60.65
N PRO C 430 46.94 2.21 61.52
CA PRO C 430 45.99 2.26 62.65
C PRO C 430 46.07 3.53 63.48
N SER C 431 47.28 3.96 63.82
CA SER C 431 47.38 5.16 64.63
C SER C 431 47.08 6.42 63.83
N ALA C 432 47.37 6.39 62.53
CA ALA C 432 47.08 7.55 61.68
C ALA C 432 45.56 7.67 61.64
N CYS C 433 44.87 6.55 61.42
CA CYS C 433 43.43 6.57 61.36
C CYS C 433 42.83 7.11 62.65
N ARG C 434 43.31 6.62 63.78
CA ARG C 434 42.81 7.06 65.09
C ARG C 434 43.02 8.54 65.31
N PHE C 435 44.21 9.00 64.93
CA PHE C 435 44.49 10.39 65.11
C PHE C 435 43.62 11.32 64.21
N LEU C 436 43.40 10.91 62.96
CA LEU C 436 42.65 11.74 62.02
C LEU C 436 41.19 11.74 62.47
N ASP C 437 40.74 10.57 62.91
CA ASP C 437 39.38 10.45 63.38
C ASP C 437 39.14 11.45 64.52
N SER C 438 40.03 11.44 65.51
CA SER C 438 39.91 12.37 66.62
C SER C 438 40.05 13.84 66.18
N TYR C 439 40.97 14.09 65.26
CA TYR C 439 41.19 15.46 64.78
C TYR C 439 39.98 15.98 64.06
N TRP C 440 39.40 15.16 63.18
CA TRP C 440 38.25 15.56 62.41
C TRP C 440 37.02 15.77 63.26
N GLN C 441 36.99 15.18 64.45
CA GLN C 441 35.81 15.39 65.30
C GLN C 441 35.96 16.58 66.22
N GLY C 442 37.04 17.33 66.05
CA GLY C 442 37.24 18.51 66.89
C GLY C 442 37.79 18.22 68.27
N HIS C 443 38.31 17.00 68.48
CA HIS C 443 38.86 16.61 69.77
C HIS C 443 40.33 16.92 70.02
N GLU C 444 41.04 17.54 69.08
CA GLU C 444 42.45 17.81 69.32
C GLU C 444 42.64 19.27 69.63
N GLU C 445 43.84 19.63 70.05
CA GLU C 445 44.16 21.01 70.41
C GLU C 445 44.33 21.86 69.14
N ILE C 446 44.43 21.19 67.99
CA ILE C 446 44.50 21.92 66.73
C ILE C 446 43.21 21.46 66.04
N ARG C 447 42.55 22.38 65.32
CA ARG C 447 41.29 22.00 64.63
C ARG C 447 41.09 22.77 63.34
N GLN C 448 40.08 22.36 62.57
CA GLN C 448 39.76 23.07 61.34
C GLN C 448 38.31 22.89 60.96
N ILE C 449 37.81 23.88 60.25
CA ILE C 449 36.46 23.74 59.66
C ILE C 449 36.78 24.03 58.21
N SER C 450 36.30 23.18 57.33
CA SER C 450 36.61 23.40 55.92
C SER C 450 35.70 22.71 54.94
N LYS C 451 35.80 23.17 53.69
CA LYS C 451 35.09 22.57 52.56
C LYS C 451 36.00 22.90 51.38
N SER C 452 36.62 21.86 50.81
CA SER C 452 37.56 22.05 49.71
C SER C 452 38.60 23.13 50.07
N ASP C 453 38.77 24.10 49.17
CA ASP C 453 39.74 25.16 49.47
C ASP C 453 39.30 26.28 50.41
N ASP C 454 38.14 26.16 51.04
CA ASP C 454 37.76 27.22 51.99
C ASP C 454 37.91 26.60 53.38
N ALA C 455 38.57 27.32 54.27
CA ALA C 455 38.78 26.78 55.61
C ALA C 455 39.20 27.78 56.66
N MET C 456 38.99 27.37 57.90
CA MET C 456 39.45 28.13 59.04
C MET C 456 40.13 27.14 59.95
N LEU C 457 41.37 27.51 60.30
CA LEU C 457 42.23 26.70 61.14
C LEU C 457 42.24 27.23 62.59
N GLY C 458 42.06 26.32 63.54
CA GLY C 458 42.04 26.68 64.93
C GLY C 458 43.02 26.00 65.90
N TRP C 459 43.30 26.77 66.96
CA TRP C 459 44.18 26.36 68.05
C TRP C 459 43.48 26.69 69.37
N THR C 460 43.35 25.69 70.23
CA THR C 460 42.78 25.94 71.54
C THR C 460 44.02 26.30 72.38
N LYS C 461 43.86 26.35 73.70
CA LYS C 461 44.99 26.66 74.58
C LYS C 461 45.89 25.43 74.55
N GLY C 462 47.22 25.65 74.59
CA GLY C 462 48.11 24.50 74.58
C GLY C 462 49.49 24.71 74.00
N ARG C 463 50.19 23.60 73.84
CA ARG C 463 51.52 23.66 73.28
C ARG C 463 51.59 24.21 71.85
N ALA C 464 50.60 23.82 71.03
CA ALA C 464 50.54 24.23 69.62
C ALA C 464 50.30 25.73 69.41
N LEU C 465 49.55 26.35 70.32
CA LEU C 465 49.17 27.75 70.20
C LEU C 465 50.27 28.73 69.87
N VAL C 466 51.39 28.61 70.56
CA VAL C 466 52.45 29.56 70.29
C VAL C 466 52.90 29.41 68.83
N GLY C 467 52.90 28.15 68.35
CA GLY C 467 53.27 27.89 66.96
C GLY C 467 52.23 28.49 66.01
N GLY C 468 50.96 28.31 66.35
CA GLY C 468 49.87 28.89 65.58
C GLY C 468 50.14 30.37 65.32
N HIS C 469 50.53 31.12 66.36
CA HIS C 469 50.79 32.54 66.14
C HIS C 469 51.98 32.76 65.26
N ARG C 470 52.97 31.88 65.33
CA ARG C 470 54.13 32.05 64.47
C ARG C 470 53.71 31.73 63.02
N LEU C 471 52.82 30.74 62.85
CA LEU C 471 52.36 30.39 61.50
C LEU C 471 51.62 31.57 60.86
N PHE C 472 50.70 32.16 61.63
CA PHE C 472 49.91 33.29 61.18
C PHE C 472 50.87 34.39 60.73
N GLU C 473 51.85 34.66 61.57
CA GLU C 473 52.83 35.69 61.27
C GLU C 473 53.59 35.35 59.96
N MET C 474 53.89 34.07 59.75
CA MET C 474 54.57 33.63 58.53
C MET C 474 53.68 33.96 57.31
N LEU C 475 52.39 33.63 57.46
CA LEU C 475 51.39 33.89 56.44
C LEU C 475 51.30 35.39 56.23
N LYS C 476 51.28 36.19 57.29
CA LYS C 476 51.22 37.62 57.09
C LYS C 476 52.44 38.13 56.33
N GLU C 477 53.64 37.64 56.67
CA GLU C 477 54.81 38.12 55.94
C GLU C 477 54.77 37.63 54.53
N GLY C 478 54.17 36.47 54.34
CA GLY C 478 54.04 35.90 53.03
C GLY C 478 55.26 35.81 52.13
N LYS C 479 56.37 35.31 52.65
CA LYS C 479 57.54 35.18 51.79
C LYS C 479 57.79 33.70 51.62
N VAL C 480 57.23 32.87 52.49
CA VAL C 480 57.46 31.45 52.38
C VAL C 480 56.15 30.69 52.30
N ASN C 481 56.03 29.79 51.33
CA ASN C 481 54.79 29.04 51.28
C ASN C 481 54.86 28.05 52.46
N PRO C 482 53.82 27.98 53.30
CA PRO C 482 53.79 27.07 54.46
C PRO C 482 53.47 25.63 54.17
N SER C 483 53.14 25.32 52.93
CA SER C 483 52.80 23.96 52.59
C SER C 483 53.61 23.50 51.42
N PRO C 484 53.93 22.21 51.36
CA PRO C 484 54.70 21.72 50.21
C PRO C 484 53.72 21.32 49.08
N TYR C 485 52.44 21.16 49.44
CA TYR C 485 51.43 20.67 48.48
C TYR C 485 50.65 21.62 47.59
N MET C 486 50.29 22.79 48.12
CA MET C 486 49.55 23.82 47.38
C MET C 486 50.06 25.19 47.85
N LYS C 487 49.73 26.26 47.12
CA LYS C 487 50.12 27.61 47.55
C LYS C 487 49.04 28.14 48.53
N ILE C 488 49.40 28.22 49.80
CA ILE C 488 48.51 28.70 50.85
C ILE C 488 48.94 30.09 51.30
N SER C 489 47.99 30.98 51.61
CA SER C 489 48.29 32.31 52.17
C SER C 489 47.10 32.61 53.07
N TYR C 490 46.99 33.81 53.63
CA TYR C 490 45.83 34.08 54.48
C TYR C 490 44.81 34.85 53.64
N GLU C 491 43.52 34.62 53.88
CA GLU C 491 42.48 35.33 53.14
C GLU C 491 42.41 36.79 53.61
N HIS C 492 42.49 37.75 52.68
CA HIS C 492 42.41 39.18 53.05
C HIS C 492 40.94 39.56 53.25
N GLY C 493 40.50 39.48 54.50
CA GLY C 493 39.10 39.71 54.84
C GLY C 493 38.59 38.28 55.02
N GLY C 494 39.05 37.64 56.08
CA GLY C 494 38.67 36.27 56.34
C GLY C 494 37.19 35.99 56.42
N ALA C 495 36.80 34.91 55.74
CA ALA C 495 35.42 34.46 55.69
C ALA C 495 35.39 32.95 55.50
N PHE C 496 34.25 32.33 55.75
CA PHE C 496 34.14 30.91 55.60
C PHE C 496 32.77 30.55 55.06
N LEU C 497 32.74 30.02 53.85
CA LEU C 497 31.51 29.62 53.22
C LEU C 497 30.53 30.78 53.09
N GLY C 498 31.06 31.93 52.64
CA GLY C 498 30.21 33.11 52.43
C GLY C 498 30.02 34.06 53.59
N ASP C 499 30.24 33.58 54.82
CA ASP C 499 30.11 34.40 56.02
C ASP C 499 31.44 34.98 56.50
N ILE C 500 31.44 36.30 56.67
CA ILE C 500 32.60 37.03 57.11
C ILE C 500 32.74 36.86 58.63
N LEU C 501 33.95 36.56 59.09
CA LEU C 501 34.15 36.44 60.52
C LEU C 501 34.46 37.87 61.00
N LEU C 502 33.48 38.48 61.68
CA LEU C 502 33.60 39.85 62.20
C LEU C 502 34.21 39.87 63.61
N TYR C 503 35.34 40.55 63.72
CA TYR C 503 36.06 40.65 64.97
C TYR C 503 35.80 42.02 65.59
N ASP C 504 35.93 42.13 66.91
CA ASP C 504 35.81 43.45 67.55
C ASP C 504 37.22 43.94 67.86
N SER C 505 37.36 44.88 68.79
CA SER C 505 38.67 45.42 69.11
C SER C 505 39.64 44.40 69.73
N ARG C 506 39.11 43.36 70.37
CA ARG C 506 39.95 42.31 70.99
C ARG C 506 40.75 41.62 69.88
N ARG C 507 40.08 41.42 68.75
CA ARG C 507 40.63 40.71 67.61
C ARG C 507 40.88 39.28 68.04
N GLU C 508 39.86 38.65 68.62
CA GLU C 508 39.97 37.27 69.08
C GLU C 508 38.72 36.51 68.76
N PRO C 509 38.88 35.23 68.41
CA PRO C 509 37.81 34.31 68.06
C PRO C 509 36.62 34.35 69.02
N GLY C 510 36.92 34.36 70.32
CA GLY C 510 35.87 34.36 71.34
C GLY C 510 34.86 35.51 71.26
N SER C 511 35.34 36.72 70.98
CA SER C 511 34.46 37.86 70.88
C SER C 511 34.14 38.23 69.43
N ALA C 512 34.27 37.28 68.52
CA ALA C 512 34.00 37.59 67.12
C ALA C 512 32.75 36.87 66.69
N ILE C 513 32.13 37.36 65.62
CA ILE C 513 30.91 36.72 65.13
C ILE C 513 30.90 36.59 63.64
N PHE C 514 30.04 35.70 63.16
CA PHE C 514 29.88 35.49 61.73
C PHE C 514 28.72 36.30 61.18
N VAL C 515 28.98 37.16 60.21
CA VAL C 515 27.91 37.92 59.60
C VAL C 515 27.86 37.60 58.12
N GLY C 516 26.76 37.91 57.44
CA GLY C 516 26.70 37.66 56.02
C GLY C 516 27.65 38.60 55.31
N ASN C 517 27.94 38.34 54.05
CA ASN C 517 28.82 39.27 53.33
C ASN C 517 27.86 40.21 52.60
N ILE C 518 27.79 41.47 53.01
CA ILE C 518 26.86 42.40 52.39
C ILE C 518 27.15 42.57 50.89
N ASN C 519 28.43 42.49 50.52
CA ASN C 519 28.77 42.60 49.10
C ASN C 519 28.14 41.48 48.29
N SER C 520 27.97 40.31 48.90
CA SER C 520 27.36 39.21 48.15
C SER C 520 25.85 39.44 47.93
N MET C 521 25.21 40.22 48.81
CA MET C 521 23.77 40.48 48.68
C MET C 521 23.65 41.26 47.40
N LEU C 522 24.51 42.26 47.28
CA LEU C 522 24.58 43.09 46.11
C LEU C 522 24.95 42.26 44.84
N ASN C 523 25.92 41.35 44.93
CA ASN C 523 26.25 40.54 43.76
C ASN C 523 25.05 39.71 43.30
N ASN C 524 24.36 39.10 44.27
CA ASN C 524 23.22 38.28 43.91
C ASN C 524 22.02 39.08 43.39
N GLN C 525 21.80 40.32 43.84
CA GLN C 525 20.61 41.03 43.37
C GLN C 525 20.85 41.80 42.10
N PHE C 526 22.06 42.29 41.94
CA PHE C 526 22.29 43.10 40.78
C PHE C 526 23.19 42.52 39.73
N SER C 527 23.87 41.42 40.07
CA SER C 527 24.75 40.73 39.11
C SER C 527 24.57 39.20 39.10
N PRO C 528 23.34 38.75 38.89
CA PRO C 528 23.25 37.29 38.89
C PRO C 528 24.08 36.68 37.71
N GLU C 529 24.35 35.39 37.79
CA GLU C 529 25.14 34.71 36.76
C GLU C 529 24.37 34.35 35.55
N TYR C 530 23.07 34.24 35.69
CA TYR C 530 22.23 33.87 34.58
C TYR C 530 21.03 34.75 34.49
N GLY C 531 20.44 34.80 33.30
CA GLY C 531 19.22 35.57 33.13
C GLY C 531 18.06 34.77 33.73
N VAL C 532 16.85 35.31 33.67
CA VAL C 532 15.70 34.64 34.27
C VAL C 532 15.14 33.54 33.41
N GLN C 533 15.72 33.34 32.24
CA GLN C 533 15.29 32.33 31.26
C GLN C 533 13.77 32.25 31.19
N SER C 534 13.07 33.32 30.84
CA SER C 534 11.61 33.21 30.85
C SER C 534 10.98 32.37 29.75
N GLY C 535 11.78 32.02 28.74
CA GLY C 535 11.27 31.18 27.69
C GLY C 535 11.23 29.71 28.11
N VAL C 536 11.76 29.39 29.29
CA VAL C 536 11.77 28.02 29.77
C VAL C 536 10.55 27.86 30.68
N ARG C 537 9.56 27.10 30.19
CA ARG C 537 8.29 26.88 30.89
C ARG C 537 8.43 26.29 32.27
N ASP C 538 9.11 25.16 32.35
CA ASP C 538 9.32 24.47 33.61
C ASP C 538 10.31 25.26 34.44
N ARG C 539 9.81 26.03 35.38
CA ARG C 539 10.68 26.87 36.19
C ARG C 539 11.71 26.07 36.91
N SER C 540 11.34 24.85 37.29
CA SER C 540 12.26 23.99 38.02
C SER C 540 13.50 23.70 37.19
N LYS C 541 13.41 23.82 35.86
CA LYS C 541 14.58 23.54 35.05
C LYS C 541 15.47 24.79 34.82
N ARG C 542 15.01 25.97 35.23
CA ARG C 542 15.78 27.21 35.06
C ARG C 542 16.98 27.34 35.99
N LYS C 543 17.97 28.13 35.62
CA LYS C 543 19.11 28.27 36.53
C LYS C 543 18.65 29.07 37.71
N ARG C 544 17.66 29.93 37.51
CA ARG C 544 17.09 30.73 38.64
C ARG C 544 15.57 30.51 38.62
N PRO C 545 15.10 29.39 39.20
CA PRO C 545 13.66 29.06 39.24
C PRO C 545 12.66 30.10 39.75
N PHE C 546 12.93 30.69 40.91
CA PHE C 546 12.04 31.70 41.52
C PHE C 546 12.81 32.87 42.12
N PRO C 547 13.38 33.71 41.26
CA PRO C 547 14.17 34.88 41.71
C PRO C 547 13.56 35.69 42.86
N GLY C 548 12.24 35.84 42.84
CA GLY C 548 11.55 36.65 43.84
C GLY C 548 11.67 36.24 45.29
N LEU C 549 11.86 34.94 45.54
CA LEU C 549 11.97 34.44 46.91
C LEU C 549 13.15 34.96 47.71
N ALA C 550 14.27 35.26 47.06
CA ALA C 550 15.44 35.73 47.81
C ALA C 550 15.12 36.97 48.67
N TRP C 551 14.04 37.66 48.31
CA TRP C 551 13.65 38.85 49.04
C TRP C 551 13.20 38.48 50.46
N ALA C 552 12.56 37.30 50.57
CA ALA C 552 12.06 36.79 51.84
C ALA C 552 13.18 36.24 52.75
N SER C 553 14.35 35.96 52.21
CA SER C 553 15.43 35.43 53.04
C SER C 553 16.51 36.46 53.21
N MET C 554 16.32 37.62 52.62
CA MET C 554 17.34 38.65 52.74
C MET C 554 17.70 39.06 54.19
N LYS C 555 16.70 39.37 55.01
CA LYS C 555 16.92 39.77 56.41
C LYS C 555 17.66 38.64 57.14
N ASP C 556 17.20 37.42 56.92
CA ASP C 556 17.82 36.26 57.53
C ASP C 556 19.32 36.09 57.20
N THR C 557 19.62 36.20 55.92
CA THR C 557 20.96 36.04 55.43
C THR C 557 21.86 37.23 55.70
N TYR C 558 21.37 38.45 55.46
CA TYR C 558 22.23 39.63 55.63
C TYR C 558 21.93 40.60 56.80
N GLY C 559 20.84 40.34 57.52
CA GLY C 559 20.45 41.22 58.61
C GLY C 559 21.57 41.60 59.58
N ALA C 560 22.46 40.65 59.90
CA ALA C 560 23.53 40.92 60.84
C ALA C 560 24.65 41.76 60.31
N CYS C 561 24.64 42.08 59.03
CA CYS C 561 25.74 42.89 58.53
C CYS C 561 25.68 44.29 59.11
N PRO C 562 26.76 44.73 59.77
CA PRO C 562 26.79 46.06 60.36
C PRO C 562 26.09 47.16 59.52
N ILE C 563 26.34 47.22 58.21
CA ILE C 563 25.73 48.23 57.36
C ILE C 563 24.48 47.83 56.58
N TYR C 564 23.83 46.73 56.99
CA TYR C 564 22.67 46.25 56.28
C TYR C 564 21.68 47.36 55.89
N SER C 565 21.08 48.00 56.89
CA SER C 565 20.07 49.05 56.65
C SER C 565 20.55 50.15 55.76
N ASP C 566 21.80 50.54 55.91
CA ASP C 566 22.32 51.61 55.08
C ASP C 566 22.37 51.22 53.60
N VAL C 567 22.63 49.94 53.35
CA VAL C 567 22.74 49.47 51.99
C VAL C 567 21.34 49.44 51.38
N LEU C 568 20.38 48.86 52.11
CA LEU C 568 19.01 48.85 51.61
C LEU C 568 18.56 50.28 51.27
N GLU C 569 18.85 51.22 52.16
CA GLU C 569 18.48 52.59 51.92
C GLU C 569 19.22 53.22 50.76
N ALA C 570 20.52 52.96 50.62
CA ALA C 570 21.22 53.55 49.46
C ALA C 570 20.62 52.97 48.14
N ILE C 571 20.28 51.68 48.18
CA ILE C 571 19.69 51.00 47.04
C ILE C 571 18.38 51.72 46.66
N GLU C 572 17.51 51.87 47.65
CA GLU C 572 16.20 52.51 47.44
C GLU C 572 16.35 53.89 46.81
N ARG C 573 17.24 54.67 47.38
CA ARG C 573 17.49 55.99 46.91
C ARG C 573 18.06 55.97 45.48
N CYS C 574 19.01 55.09 45.21
CA CYS C 574 19.60 55.06 43.87
C CYS C 574 18.65 54.48 42.83
N TRP C 575 17.76 53.59 43.28
CA TRP C 575 16.81 52.98 42.37
C TRP C 575 15.80 54.05 42.01
N TRP C 576 15.43 54.90 42.98
CA TRP C 576 14.53 56.01 42.70
C TRP C 576 15.15 56.91 41.65
N ASN C 577 16.40 57.29 41.83
CA ASN C 577 17.01 58.17 40.85
C ASN C 577 17.09 57.57 39.47
N ALA C 578 17.28 56.26 39.42
CA ALA C 578 17.44 55.61 38.13
C ALA C 578 16.14 55.18 37.45
N PHE C 579 15.20 54.69 38.23
CA PHE C 579 13.95 54.19 37.69
C PHE C 579 12.67 54.94 38.07
N GLY C 580 12.77 55.95 38.94
CA GLY C 580 11.56 56.64 39.38
C GLY C 580 10.55 55.70 40.06
N GLU C 581 11.03 54.68 40.80
CA GLU C 581 10.14 53.71 41.47
C GLU C 581 10.81 53.32 42.75
N SER C 582 10.07 52.61 43.60
CA SER C 582 10.59 52.09 44.86
C SER C 582 11.09 50.67 44.61
N TYR C 583 12.38 50.42 44.91
CA TYR C 583 12.97 49.11 44.70
C TYR C 583 12.28 48.10 45.62
N ARG C 584 12.06 48.49 46.87
CA ARG C 584 11.39 47.62 47.84
C ARG C 584 10.03 47.13 47.33
N ALA C 585 9.29 48.07 46.77
CA ALA C 585 7.97 47.72 46.25
C ALA C 585 8.11 46.77 45.04
N TYR C 586 9.09 47.06 44.20
CA TYR C 586 9.37 46.22 43.03
C TYR C 586 9.63 44.77 43.50
N ARG C 587 10.45 44.61 44.53
CA ARG C 587 10.77 43.29 45.05
C ARG C 587 9.59 42.63 45.74
N GLU C 588 8.79 43.41 46.47
CA GLU C 588 7.63 42.81 47.14
C GLU C 588 6.73 42.18 46.09
N ASP C 589 6.55 42.87 44.96
CA ASP C 589 5.71 42.29 43.92
C ASP C 589 6.31 41.02 43.34
N MET C 590 7.61 41.08 43.02
CA MET C 590 8.26 39.91 42.47
C MET C 590 8.13 38.76 43.48
N LEU C 591 8.28 39.08 44.78
CA LEU C 591 8.15 38.10 45.85
C LEU C 591 6.75 37.51 45.86
N LYS C 592 5.71 38.35 45.73
CA LYS C 592 4.33 37.81 45.70
C LYS C 592 4.11 36.93 44.47
N ARG C 593 4.50 37.40 43.31
CA ARG C 593 4.33 36.62 42.10
C ARG C 593 4.99 35.24 42.15
N ASP C 594 6.26 35.20 42.57
CA ASP C 594 6.96 33.92 42.61
C ASP C 594 6.41 33.02 43.70
N THR C 595 5.90 33.61 44.78
CA THR C 595 5.32 32.75 45.81
C THR C 595 4.11 31.97 45.26
N LEU C 596 3.33 32.59 44.39
CA LEU C 596 2.18 31.92 43.81
C LEU C 596 2.61 30.92 42.78
N GLU C 597 3.62 31.28 42.00
CA GLU C 597 4.08 30.36 40.97
C GLU C 597 4.65 29.10 41.63
N LEU C 598 5.27 29.26 42.80
CA LEU C 598 5.87 28.13 43.51
C LEU C 598 4.88 27.03 43.93
N SER C 599 3.69 27.45 44.34
CA SER C 599 2.69 26.50 44.78
C SER C 599 2.31 25.53 43.66
N ARG C 600 2.56 25.91 42.41
CA ARG C 600 2.25 25.05 41.26
C ARG C 600 3.26 23.88 41.14
N TYR C 601 4.36 23.99 41.86
CA TYR C 601 5.41 22.97 41.79
C TYR C 601 5.50 22.13 43.05
N VAL C 602 5.13 22.74 44.17
CA VAL C 602 5.17 22.03 45.42
C VAL C 602 3.79 21.42 45.65
N ALA C 603 3.80 20.09 45.84
CA ALA C 603 2.60 19.32 46.11
C ALA C 603 1.97 19.86 47.39
N SER C 604 2.68 19.69 48.50
CA SER C 604 2.26 20.13 49.83
C SER C 604 1.84 21.58 49.92
N MET C 605 1.94 22.32 48.83
CA MET C 605 1.53 23.71 48.88
C MET C 605 0.19 23.87 48.22
N ALA C 606 -0.72 24.47 48.98
CA ALA C 606 -2.06 24.73 48.51
C ALA C 606 -1.84 25.71 47.34
N ARG C 607 -2.81 25.81 46.43
CA ARG C 607 -2.71 26.71 45.28
C ARG C 607 -2.61 28.20 45.70
N GLN C 608 -2.00 28.44 46.87
CA GLN C 608 -1.76 29.77 47.47
C GLN C 608 -1.33 29.71 48.96
N ALA C 609 -0.99 28.53 49.47
CA ALA C 609 -0.55 28.45 50.86
C ALA C 609 0.75 29.26 50.86
N GLY C 610 1.01 29.99 51.94
CA GLY C 610 2.21 30.82 52.02
C GLY C 610 3.60 30.18 52.10
N LEU C 611 4.61 31.01 52.32
CA LEU C 611 5.98 30.53 52.43
C LEU C 611 6.21 30.04 53.83
N ALA C 612 5.13 30.09 54.62
CA ALA C 612 5.13 29.70 56.01
C ALA C 612 6.15 28.61 56.42
N GLU C 613 6.08 27.46 55.77
CA GLU C 613 6.95 26.37 56.15
C GLU C 613 8.44 26.40 55.74
N LEU C 614 8.77 27.15 54.70
CA LEU C 614 10.14 27.20 54.16
C LEU C 614 11.20 27.98 54.92
N THR C 615 12.38 27.37 55.02
CA THR C 615 13.49 27.99 55.72
C THR C 615 14.24 28.94 54.82
N PRO C 616 15.07 29.81 55.40
CA PRO C 616 15.85 30.76 54.61
C PRO C 616 16.63 30.00 53.53
N ILE C 617 17.19 28.87 53.92
CA ILE C 617 17.97 28.05 53.02
C ILE C 617 17.12 27.64 51.84
N ASP C 618 15.90 27.17 52.12
CA ASP C 618 14.97 26.75 51.07
C ASP C 618 14.78 27.83 50.00
N LEU C 619 14.60 29.04 50.48
CA LEU C 619 14.36 30.15 49.61
C LEU C 619 15.61 30.53 48.79
N GLU C 620 16.75 30.69 49.46
CA GLU C 620 17.97 31.03 48.75
C GLU C 620 18.21 30.00 47.63
N VAL C 621 17.94 28.74 47.91
CA VAL C 621 18.12 27.65 46.95
C VAL C 621 17.10 27.67 45.82
N LEU C 622 15.87 28.10 46.11
CA LEU C 622 14.84 28.16 45.06
C LEU C 622 15.13 29.33 44.10
N ALA C 623 15.81 30.35 44.62
CA ALA C 623 16.15 31.52 43.83
C ALA C 623 17.46 31.31 43.08
N ASP C 624 18.26 30.36 43.56
CA ASP C 624 19.56 30.11 43.01
C ASP C 624 20.08 28.69 43.40
N PRO C 625 19.55 27.64 42.76
CA PRO C 625 19.93 26.23 43.03
C PRO C 625 21.47 25.96 42.93
N ASN C 626 22.17 26.90 42.34
CA ASN C 626 23.60 26.83 42.22
C ASN C 626 24.24 26.69 43.60
N LYS C 627 23.66 27.33 44.60
CA LYS C 627 24.21 27.24 45.95
C LYS C 627 24.18 25.79 46.47
N LEU C 628 23.36 24.94 45.87
CA LEU C 628 23.25 23.54 46.29
C LEU C 628 24.46 22.72 45.77
N GLN C 629 25.26 23.35 44.91
CA GLN C 629 26.43 22.70 44.36
C GLN C 629 27.76 23.32 44.86
N TYR C 630 27.74 23.99 46.01
CA TYR C 630 28.96 24.56 46.57
C TYR C 630 28.80 25.07 47.96
N LYS C 631 27.57 25.19 48.44
CA LYS C 631 27.33 25.76 49.76
C LYS C 631 26.58 24.86 50.70
N TRP C 632 25.52 24.25 50.20
CA TRP C 632 24.70 23.37 51.01
C TRP C 632 24.57 22.00 50.35
N THR C 633 23.94 21.09 51.07
CA THR C 633 23.78 19.75 50.57
C THR C 633 22.31 19.37 50.76
N GLU C 634 21.85 18.44 49.93
CA GLU C 634 20.47 18.00 49.98
C GLU C 634 19.90 18.00 51.39
N ALA C 635 20.71 17.53 52.33
CA ALA C 635 20.29 17.43 53.70
C ALA C 635 19.81 18.75 54.33
N ASP C 636 20.41 19.87 53.93
CA ASP C 636 20.07 21.18 54.51
C ASP C 636 18.79 21.82 53.98
N VAL C 637 18.21 21.20 52.96
CA VAL C 637 16.99 21.69 52.32
C VAL C 637 15.78 20.79 52.63
N SER C 638 14.66 21.42 52.96
CA SER C 638 13.42 20.68 53.23
C SER C 638 13.17 19.67 52.09
N ALA C 639 12.44 18.60 52.38
CA ALA C 639 12.24 17.56 51.39
C ALA C 639 11.27 17.87 50.29
N ASN C 640 10.18 18.56 50.63
CA ASN C 640 9.19 18.88 49.61
C ASN C 640 9.83 19.85 48.60
N ILE C 641 10.83 20.60 49.05
CA ILE C 641 11.52 21.53 48.18
C ILE C 641 12.58 20.82 47.33
N HIS C 642 13.38 19.96 47.96
CA HIS C 642 14.40 19.22 47.25
C HIS C 642 13.79 18.46 46.04
N GLU C 643 12.56 17.99 46.16
CA GLU C 643 11.91 17.28 45.04
C GLU C 643 11.55 18.20 43.87
N VAL C 644 11.57 19.51 44.09
CA VAL C 644 11.26 20.46 43.02
C VAL C 644 12.45 20.55 42.10
N LEU C 645 13.62 20.43 42.72
CA LEU C 645 14.88 20.56 42.04
C LEU C 645 15.56 19.26 41.60
N MET C 646 15.20 18.15 42.24
CA MET C 646 15.85 16.87 41.94
C MET C 646 14.90 15.70 41.77
N HIS C 647 15.40 14.67 41.11
CA HIS C 647 14.69 13.45 40.93
C HIS C 647 15.66 12.31 41.17
N GLY C 648 15.19 11.16 41.61
CA GLY C 648 16.15 10.11 41.85
C GLY C 648 15.94 8.76 41.22
N VAL C 649 17.00 7.96 41.26
CA VAL C 649 16.96 6.59 40.78
C VAL C 649 16.54 5.79 42.03
N SER C 650 15.89 4.64 41.88
CA SER C 650 15.47 3.85 43.06
C SER C 650 16.57 3.43 44.05
N VAL C 651 16.24 3.39 45.34
CA VAL C 651 17.23 2.99 46.35
C VAL C 651 17.63 1.56 46.16
N GLU C 652 16.77 0.75 45.55
CA GLU C 652 17.05 -0.65 45.35
C GLU C 652 18.06 -0.82 44.26
N LYS C 653 18.01 0.06 43.27
CA LYS C 653 18.96 -0.05 42.18
C LYS C 653 20.34 0.40 42.65
N THR C 654 20.39 1.44 43.45
CA THR C 654 21.69 1.92 43.89
C THR C 654 22.23 1.04 45.03
N GLU C 655 21.32 0.45 45.80
CA GLU C 655 21.71 -0.39 46.91
C GLU C 655 22.41 -1.63 46.38
N ARG C 656 21.85 -2.20 45.33
CA ARG C 656 22.43 -3.37 44.72
C ARG C 656 23.76 -3.03 44.06
N PHE C 657 23.88 -1.80 43.57
CA PHE C 657 25.13 -1.35 42.94
C PHE C 657 26.21 -1.07 44.01
N LEU C 658 25.85 -0.39 45.08
CA LEU C 658 26.82 -0.10 46.12
C LEU C 658 27.45 -1.38 46.66
N ARG C 659 26.60 -2.36 46.94
CA ARG C 659 27.01 -3.65 47.45
C ARG C 659 28.12 -4.27 46.57
N SER C 660 27.96 -4.20 45.27
CA SER C 660 28.94 -4.79 44.36
C SER C 660 30.27 -4.00 44.33
N VAL C 661 30.22 -2.76 44.83
CA VAL C 661 31.38 -1.87 44.83
C VAL C 661 32.19 -1.96 46.12
N MET C 662 31.49 -1.83 47.23
CA MET C 662 32.18 -1.87 48.48
C MET C 662 32.72 -3.23 48.92
N PRO C 663 33.69 -3.20 49.84
CA PRO C 663 34.34 -4.41 50.40
C PRO C 663 33.38 -5.13 51.32
N ARG C 664 32.71 -4.30 52.12
CA ARG C 664 31.69 -4.65 53.13
C ARG C 664 30.96 -3.34 53.53
PG GTP D 1 -1.67 -1.46 -6.81
O1G GTP D 1 -0.40 -0.63 -6.78
O2G GTP D 1 -2.82 -0.63 -6.29
O3G GTP D 1 -1.87 -1.97 -8.23
O3B GTP D 1 -1.64 -2.78 -5.85
PB GTP D 1 -2.71 -4.01 -5.84
O1B GTP D 1 -2.76 -4.50 -7.25
O2B GTP D 1 -3.95 -3.46 -5.23
O3A GTP D 1 -2.36 -5.33 -5.01
PA GTP D 1 -2.27 -5.63 -3.44
O1A GTP D 1 -2.32 -7.09 -3.25
O2A GTP D 1 -3.29 -4.77 -2.76
O5' GTP D 1 -0.84 -5.12 -2.97
C5' GTP D 1 0.10 -6.03 -2.39
C4' GTP D 1 1.35 -5.30 -1.98
O4' GTP D 1 1.96 -4.72 -3.17
C3' GTP D 1 1.15 -4.10 -1.06
O3' GTP D 1 1.11 -4.52 0.30
C2' GTP D 1 2.39 -3.26 -1.34
O2' GTP D 1 3.55 -3.70 -0.66
C1' GTP D 1 2.60 -3.50 -2.84
N9 GTP D 1 2.06 -2.46 -3.71
C8 GTP D 1 0.90 -2.57 -4.43
N7 GTP D 1 0.70 -1.55 -5.23
C5 GTP D 1 1.78 -0.71 -5.00
C6 GTP D 1 2.12 0.55 -5.61
O6 GTP D 1 1.52 1.15 -6.51
N1 GTP D 1 3.28 1.07 -5.06
C2 GTP D 1 4.05 0.47 -4.09
N2 GTP D 1 5.12 1.15 -3.67
N3 GTP D 1 3.76 -0.71 -3.53
C4 GTP D 1 2.62 -1.24 -4.04
PG GTP E 1 -31.28 -23.47 -36.78
O1G GTP E 1 -32.41 -24.48 -36.79
O2G GTP E 1 -31.62 -22.35 -35.84
O3G GTP E 1 -29.99 -24.22 -36.40
O3B GTP E 1 -30.98 -22.76 -38.21
PB GTP E 1 -29.69 -21.84 -38.60
O1B GTP E 1 -28.49 -22.69 -38.30
O2B GTP E 1 -29.87 -20.56 -37.88
O3A GTP E 1 -29.46 -21.44 -40.14
PA GTP E 1 -30.25 -20.45 -41.12
O1A GTP E 1 -29.36 -20.17 -42.27
O2A GTP E 1 -30.77 -19.31 -40.30
O5' GTP E 1 -31.50 -21.27 -41.67
C5' GTP E 1 -31.66 -21.50 -43.06
C4' GTP E 1 -32.95 -22.24 -43.32
O4' GTP E 1 -32.91 -23.53 -42.64
C3' GTP E 1 -34.21 -21.59 -42.76
O3' GTP E 1 -34.73 -20.62 -43.67
C2' GTP E 1 -35.16 -22.77 -42.60
O2' GTP E 1 -35.80 -23.15 -43.81
C1' GTP E 1 -34.20 -23.89 -42.21
N9 GTP E 1 -34.12 -24.16 -40.77
C8 GTP E 1 -33.11 -23.75 -39.95
N7 GTP E 1 -33.22 -24.21 -38.73
C5 GTP E 1 -34.40 -24.94 -38.74
C6 GTP E 1 -35.02 -25.70 -37.70
O6 GTP E 1 -34.62 -25.89 -36.53
N1 GTP E 1 -36.21 -26.26 -38.12
C2 GTP E 1 -36.74 -26.13 -39.39
N2 GTP E 1 -37.92 -26.74 -39.60
N3 GTP E 1 -36.15 -25.47 -40.38
C4 GTP E 1 -34.99 -24.90 -39.98
PG GTP F 1 28.75 31.58 41.70
O1G GTP F 1 29.43 30.25 41.96
O2G GTP F 1 29.42 32.28 40.55
O3G GTP F 1 27.26 31.31 41.47
O3B GTP F 1 28.83 32.64 42.93
PB GTP F 1 27.99 34.03 43.09
O1B GTP F 1 26.55 33.65 42.95
O2B GTP F 1 28.58 34.98 42.10
O3A GTP F 1 28.02 34.80 44.51
PA GTP F 1 29.17 35.61 45.25
O1A GTP F 1 28.53 36.44 46.30
O2A GTP F 1 30.02 36.28 44.23
O5' GTP F 1 30.08 34.53 45.99
C5' GTP F 1 30.23 34.54 47.41
C4' GTP F 1 31.18 33.45 47.84
O4' GTP F 1 30.62 32.16 47.46
C3' GTP F 1 32.55 33.46 47.17
O3' GTP F 1 33.44 34.33 47.86
C2' GTP F 1 32.98 32.00 47.30
O2' GTP F 1 33.52 31.67 48.57
C1' GTP F 1 31.66 31.26 47.13
N9 GTP F 1 31.40 30.75 45.79
C8 GTP F 1 30.55 31.31 44.88
N7 GTP F 1 30.41 30.61 43.80
C5 GTP F 1 31.23 29.51 43.99
C6 GTP F 1 31.47 28.38 43.15
O6 GTP F 1 30.95 28.11 42.05
N1 GTP F 1 32.40 27.51 43.71
C2 GTP F 1 33.02 27.70 44.93
N2 GTP F 1 33.91 26.76 45.28
N3 GTP F 1 32.78 28.73 45.74
C4 GTP F 1 31.89 29.59 45.20
MN MN G . 7.37 -4.74 4.41
MG MG H . 1.36 2.09 6.62
P1 POP I . -1.31 3.62 7.61
O1 POP I . -1.42 2.58 8.73
O2 POP I . -0.14 4.53 7.73
O3 POP I . -2.64 4.37 7.53
O POP I . -1.12 2.76 6.24
P2 POP I . -0.92 3.17 4.74
O4 POP I . -0.42 1.98 4.09
O5 POP I . -2.22 3.60 4.22
O6 POP I . 0.10 4.30 4.77
P1 POP J . -43.42 -14.72 -39.82
O1 POP J . -43.36 -13.81 -41.05
O2 POP J . -44.64 -15.59 -39.77
O3 POP J . -43.29 -13.83 -38.58
O POP J . -42.12 -15.69 -39.92
P2 POP J . -41.59 -16.85 -39.02
O4 POP J . -40.64 -17.55 -39.84
O5 POP J . -40.98 -16.25 -37.83
O6 POP J . -42.81 -17.70 -38.70
MG MG K . -43.00 -17.23 -41.80
MN MN L . -39.84 -22.59 -48.78
P1 POP M . 43.42 35.64 42.98
O1 POP M . 43.77 36.74 43.96
O2 POP M . 44.22 34.39 43.13
O3 POP M . 43.54 36.24 41.56
O POP M . 41.86 35.26 43.25
P2 POP M . 40.89 34.22 42.62
O4 POP M . 39.80 34.12 43.57
O5 POP M . 40.46 34.74 41.32
O6 POP M . 41.69 32.94 42.52
MG MG N . 42.25 33.93 45.44
MN MN O . 37.80 31.72 53.36
MG MG P . -1.45 -4.23 -8.48
MG MG Q . -28.54 -24.51 -38.17
MG MG R . 25.91 31.95 43.23
#